data_6VAM
#
_entry.id   6VAM
#
_cell.length_a   1.00
_cell.length_b   1.00
_cell.length_c   1.00
_cell.angle_alpha   90.00
_cell.angle_beta   90.00
_cell.angle_gamma   90.00
#
_symmetry.space_group_name_H-M   'P 1'
#
_entity_poly.entity_id   1
_entity_poly.type   'polypeptide(L)'
_entity_poly.pdbx_seq_one_letter_code
;MWSHPQFEKGGGSGGGSGGSAWSHPQFEKGAHHHHHHHHAAAMVSKGEELFTGVVPILVELDGDVNGHKFSVSGEGEGDA
TYGKLTLKFICTTGKLPVPWPTLVTTLTYGVQCFSRYPDHMKQHDFFKSAMPEGYVQERTIFFKDDGNYKTRAEVKFEGD
TLVNRIELKGIDFKEDGNILGHKLEYNYNSHNVYIMADKQKNGIKVNFKIRHNIEDGSVQLADHYQQNTPIGDGPVLLPD
NHYLSTQSKLSKDPNEKRDHMVLLEFVTAAGITLGMDELYKSGLRSGLEVLFQGPEFDKFRMVFQFLQSNQESFMSGICG
IMALASAQLYSAFDFNCPCLPRYNLAYGLGVLLVPPLILFLLGFVLNNNVSMLAEEWRRPQGQRQKDAAVLRYMFCSMVQ
RAMIAPAVWVSVTLLDGKCITCAFCTSLPVEALGNASHHGLPQGEVKRVLARIPCKEIYDGQELIANEVAVRYLRCISQA
LGWCFVLLMTTLAFLVRSLRPCFTQAVFLKSRYWSHYIDIERKLFDETCAEHAKSFAKVCIQQFFQGMSKDLTATHCHPP
RKAPTDAGEASEKLLGITDWDTMNIALKSWHRCKPPLHLHPDAPHSSNGWAGEWQPHTQPHTQPPAPRREAVAYYSGV
;
_entity_poly.pdbx_strand_id   A,B,C,D,E,F,G,H
#
# COMPACT_ATOMS: atom_id res chain seq x y z
N ILE A 318 15.27 -3.95 -21.79
CA ILE A 318 13.99 -3.42 -22.23
C ILE A 318 13.01 -4.55 -22.51
N CYS A 319 13.55 -5.72 -22.90
CA CYS A 319 12.70 -6.84 -23.25
C CYS A 319 11.95 -7.38 -22.04
N GLY A 320 12.48 -7.16 -20.83
CA GLY A 320 11.76 -7.57 -19.64
C GLY A 320 10.46 -6.80 -19.46
N ILE A 321 10.53 -5.48 -19.57
CA ILE A 321 9.30 -4.68 -19.49
C ILE A 321 8.38 -5.02 -20.64
N MET A 322 8.93 -5.45 -21.78
CA MET A 322 8.09 -5.86 -22.90
C MET A 322 7.33 -7.14 -22.57
N ALA A 323 8.01 -8.11 -21.98
CA ALA A 323 7.33 -9.36 -21.60
C ALA A 323 6.27 -9.11 -20.54
N LEU A 324 6.60 -8.33 -19.51
CA LEU A 324 5.62 -8.01 -18.48
C LEU A 324 4.43 -7.26 -19.07
N ALA A 325 4.69 -6.33 -20.00
CA ALA A 325 3.60 -5.57 -20.61
C ALA A 325 2.73 -6.47 -21.46
N SER A 326 3.32 -7.41 -22.18
CA SER A 326 2.53 -8.33 -22.99
C SER A 326 1.63 -9.20 -22.13
N ALA A 327 2.19 -9.75 -21.04
CA ALA A 327 1.36 -10.56 -20.15
C ALA A 327 0.25 -9.74 -19.52
N GLN A 328 0.55 -8.53 -19.05
CA GLN A 328 -0.48 -7.71 -18.42
C GLN A 328 -1.53 -7.28 -19.43
N LEU A 329 -1.12 -7.04 -20.68
CA LEU A 329 -2.09 -6.70 -21.71
C LEU A 329 -3.02 -7.86 -22.00
N TYR A 330 -2.47 -9.08 -22.03
CA TYR A 330 -3.35 -10.25 -22.16
C TYR A 330 -4.27 -10.36 -20.96
N SER A 331 -3.83 -9.92 -19.78
CA SER A 331 -4.70 -9.86 -18.62
C SER A 331 -5.78 -8.80 -18.74
N ALA A 332 -5.73 -7.96 -19.78
CA ALA A 332 -6.71 -6.91 -19.99
C ALA A 332 -7.37 -6.98 -21.36
N PHE A 333 -7.45 -8.16 -21.96
CA PHE A 333 -8.12 -8.37 -23.24
C PHE A 333 -9.37 -9.20 -23.00
N ASP A 334 -10.53 -8.60 -23.22
CA ASP A 334 -11.80 -9.23 -22.90
C ASP A 334 -12.12 -10.25 -23.99
N PHE A 335 -11.73 -11.50 -23.74
CA PHE A 335 -11.98 -12.56 -24.71
C PHE A 335 -13.46 -12.94 -24.72
N ASN A 336 -13.96 -13.28 -25.90
CA ASN A 336 -15.32 -13.76 -26.07
C ASN A 336 -15.46 -14.34 -27.47
N CYS A 337 -16.26 -15.39 -27.57
CA CYS A 337 -16.33 -16.17 -28.80
C CYS A 337 -17.63 -15.93 -29.52
N PRO A 338 -17.59 -15.58 -30.79
CA PRO A 338 -18.81 -15.56 -31.58
C PRO A 338 -19.28 -16.97 -31.84
N CYS A 339 -20.31 -17.40 -31.12
CA CYS A 339 -20.74 -18.79 -31.17
C CYS A 339 -21.44 -19.02 -32.51
N LEU A 340 -20.63 -19.13 -33.56
CA LEU A 340 -21.12 -19.29 -34.92
C LEU A 340 -20.40 -20.47 -35.55
N PRO A 341 -21.02 -21.11 -36.55
CA PRO A 341 -20.47 -22.39 -37.04
C PRO A 341 -19.13 -22.26 -37.73
N ARG A 342 -18.77 -21.10 -38.28
CA ARG A 342 -17.60 -21.06 -39.13
C ARG A 342 -16.58 -20.03 -38.67
N TYR A 343 -17.05 -18.92 -38.11
CA TYR A 343 -16.14 -17.83 -37.77
C TYR A 343 -15.21 -18.19 -36.61
N ASN A 344 -15.49 -19.26 -35.88
CA ASN A 344 -14.63 -19.64 -34.77
C ASN A 344 -13.19 -19.87 -35.24
N LEU A 345 -12.99 -20.78 -36.19
CA LEU A 345 -11.65 -21.11 -36.67
C LEU A 345 -10.87 -19.87 -37.06
N ALA A 346 -11.57 -18.79 -37.42
CA ALA A 346 -10.92 -17.55 -37.81
C ALA A 346 -10.92 -16.51 -36.70
N TYR A 347 -11.27 -16.90 -35.48
CA TYR A 347 -11.17 -15.98 -34.35
C TYR A 347 -10.19 -16.47 -33.31
N GLY A 348 -10.26 -17.75 -32.94
CA GLY A 348 -9.25 -18.30 -32.07
C GLY A 348 -7.86 -18.16 -32.65
N LEU A 349 -7.69 -18.61 -33.88
CA LEU A 349 -6.40 -18.46 -34.55
C LEU A 349 -6.02 -16.99 -34.70
N GLY A 350 -7.00 -16.12 -34.86
CA GLY A 350 -6.71 -14.70 -34.95
C GLY A 350 -6.08 -14.18 -33.67
N VAL A 351 -6.77 -14.37 -32.55
CA VAL A 351 -6.25 -13.95 -31.26
C VAL A 351 -4.94 -14.65 -30.95
N LEU A 352 -4.73 -15.83 -31.52
CA LEU A 352 -3.49 -16.57 -31.25
C LEU A 352 -2.32 -16.05 -32.08
N LEU A 353 -2.55 -15.57 -33.29
CA LEU A 353 -1.46 -15.28 -34.21
C LEU A 353 -1.21 -13.80 -34.46
N VAL A 354 -2.24 -12.96 -34.53
CA VAL A 354 -2.03 -11.57 -34.93
C VAL A 354 -1.27 -10.79 -33.87
N PRO A 355 -1.65 -10.82 -32.60
CA PRO A 355 -0.90 -10.07 -31.58
C PRO A 355 0.56 -10.49 -31.51
N PRO A 356 0.89 -11.77 -31.71
CA PRO A 356 2.30 -12.10 -31.88
C PRO A 356 2.97 -11.32 -32.99
N LEU A 357 2.33 -11.20 -34.15
CA LEU A 357 2.94 -10.45 -35.25
C LEU A 357 3.12 -8.98 -34.87
N ILE A 358 2.11 -8.40 -34.21
CA ILE A 358 2.22 -7.00 -33.81
C ILE A 358 3.37 -6.80 -32.84
N LEU A 359 3.50 -7.70 -31.86
CA LEU A 359 4.59 -7.57 -30.89
C LEU A 359 5.94 -7.80 -31.56
N PHE A 360 6.01 -8.71 -32.53
CA PHE A 360 7.27 -8.96 -33.21
C PHE A 360 7.70 -7.76 -34.05
N LEU A 361 6.75 -7.02 -34.62
CA LEU A 361 7.13 -5.79 -35.32
C LEU A 361 7.48 -4.68 -34.35
N LEU A 362 6.76 -4.59 -33.24
CA LEU A 362 7.10 -3.60 -32.23
C LEU A 362 8.49 -3.85 -31.64
N GLY A 363 8.94 -5.10 -31.66
CA GLY A 363 10.32 -5.37 -31.29
C GLY A 363 11.34 -4.72 -32.21
N PHE A 364 10.95 -4.42 -33.46
CA PHE A 364 11.82 -3.69 -34.36
C PHE A 364 11.62 -2.18 -34.28
N VAL A 365 10.39 -1.73 -33.99
CA VAL A 365 10.17 -0.29 -33.88
C VAL A 365 10.99 0.29 -32.74
N LEU A 366 10.86 -0.29 -31.55
CA LEU A 366 11.46 0.31 -30.35
C LEU A 366 12.97 0.23 -30.36
N ASN A 367 13.56 -0.61 -31.20
CA ASN A 367 15.02 -0.71 -31.25
C ASN A 367 15.60 0.46 -32.04
N ASN A 368 16.86 0.78 -31.75
CA ASN A 368 17.51 1.93 -32.37
C ASN A 368 18.43 1.56 -33.52
N ASN A 369 19.05 0.37 -33.47
CA ASN A 369 20.00 0.00 -34.51
C ASN A 369 19.31 -0.19 -35.85
N VAL A 370 17.98 -0.30 -35.84
CA VAL A 370 17.26 -0.67 -37.05
C VAL A 370 17.47 0.35 -38.16
N SER A 371 17.54 1.62 -37.80
CA SER A 371 17.75 2.66 -38.80
C SER A 371 19.09 2.48 -39.50
N MET A 372 20.15 2.27 -38.72
CA MET A 372 21.47 2.05 -39.30
C MET A 372 21.47 0.84 -40.22
N LEU A 373 20.88 -0.27 -39.78
CA LEU A 373 20.89 -1.48 -40.56
C LEU A 373 20.12 -1.28 -41.87
N ALA A 374 18.96 -0.63 -41.79
CA ALA A 374 18.20 -0.34 -43.00
C ALA A 374 19.02 0.53 -43.96
N GLU A 375 19.66 1.57 -43.42
CA GLU A 375 20.43 2.48 -44.26
C GLU A 375 21.56 1.75 -44.95
N GLU A 376 22.26 0.88 -44.23
CA GLU A 376 23.39 0.16 -44.82
C GLU A 376 22.91 -0.88 -45.82
N TRP A 377 21.75 -1.49 -45.57
CA TRP A 377 21.25 -2.50 -46.50
C TRP A 377 20.66 -1.84 -47.75
N ARG A 378 20.34 -0.54 -47.67
CA ARG A 378 19.77 0.14 -48.82
C ARG A 378 20.75 0.18 -49.99
N ARG A 379 21.95 0.69 -49.76
CA ARG A 379 22.92 0.82 -50.85
C ARG A 379 23.40 -0.56 -51.29
N PRO A 380 23.26 -0.90 -52.57
CA PRO A 380 23.78 -2.16 -53.11
C PRO A 380 25.30 -2.13 -53.30
N ASP A 387 30.31 -3.50 -42.60
CA ASP A 387 31.15 -4.41 -43.37
C ASP A 387 30.33 -5.52 -44.01
N ALA A 388 30.99 -6.65 -44.28
CA ALA A 388 30.35 -7.70 -45.06
C ALA A 388 29.38 -8.52 -44.23
N ALA A 389 29.87 -9.18 -43.19
CA ALA A 389 29.06 -10.11 -42.42
C ALA A 389 28.65 -9.57 -41.06
N VAL A 390 29.27 -8.49 -40.58
CA VAL A 390 28.88 -7.95 -39.28
C VAL A 390 27.44 -7.46 -39.32
N LEU A 391 26.99 -6.94 -40.46
CA LEU A 391 25.59 -6.62 -40.61
C LEU A 391 24.72 -7.85 -40.41
N ARG A 392 25.13 -8.98 -40.97
CA ARG A 392 24.36 -10.20 -40.81
C ARG A 392 24.26 -10.59 -39.35
N TYR A 393 25.36 -10.46 -38.60
CA TYR A 393 25.28 -10.80 -37.19
C TYR A 393 24.38 -9.84 -36.44
N MET A 394 24.48 -8.54 -36.74
CA MET A 394 23.62 -7.58 -36.06
C MET A 394 22.15 -7.91 -36.30
N PHE A 395 21.82 -8.28 -37.53
CA PHE A 395 20.44 -8.61 -37.87
C PHE A 395 19.99 -9.89 -37.16
N CYS A 396 20.79 -10.94 -37.24
CA CYS A 396 20.44 -12.20 -36.61
C CYS A 396 20.48 -12.11 -35.10
N SER A 397 21.04 -11.04 -34.54
CA SER A 397 20.94 -10.83 -33.10
C SER A 397 19.73 -10.02 -32.72
N MET A 398 19.41 -8.99 -33.52
CA MET A 398 18.22 -8.21 -33.23
C MET A 398 16.96 -9.04 -33.36
N VAL A 399 16.93 -9.94 -34.35
CA VAL A 399 15.76 -10.80 -34.52
C VAL A 399 15.56 -11.66 -33.27
N GLN A 400 16.62 -12.28 -32.78
CA GLN A 400 16.51 -13.09 -31.57
C GLN A 400 16.10 -12.24 -30.38
N ARG A 401 16.64 -11.03 -30.29
CA ARG A 401 16.29 -10.17 -29.16
C ARG A 401 14.81 -9.82 -29.18
N ALA A 402 14.25 -9.64 -30.36
CA ALA A 402 12.84 -9.26 -30.46
C ALA A 402 11.89 -10.45 -30.41
N MET A 403 12.38 -11.66 -30.65
CA MET A 403 11.49 -12.82 -30.75
C MET A 403 10.86 -13.24 -29.43
N ILE A 404 11.29 -12.71 -28.29
CA ILE A 404 10.86 -13.28 -27.01
C ILE A 404 9.54 -12.73 -26.51
N ALA A 405 8.96 -11.74 -27.16
CA ALA A 405 7.64 -11.27 -26.74
C ALA A 405 6.53 -12.15 -27.30
N PRO A 406 6.52 -12.47 -28.60
CA PRO A 406 5.47 -13.36 -29.10
C PRO A 406 5.52 -14.74 -28.48
N ALA A 407 6.70 -15.23 -28.12
CA ALA A 407 6.77 -16.52 -27.42
C ALA A 407 6.01 -16.46 -26.12
N VAL A 408 6.21 -15.41 -25.32
CA VAL A 408 5.50 -15.28 -24.06
C VAL A 408 4.00 -15.14 -24.30
N TRP A 409 3.62 -14.36 -25.30
CA TRP A 409 2.19 -14.20 -25.57
C TRP A 409 1.54 -15.53 -25.92
N VAL A 410 2.13 -16.26 -26.87
CA VAL A 410 1.57 -17.55 -27.26
C VAL A 410 1.55 -18.51 -26.08
N SER A 411 2.61 -18.48 -25.27
CA SER A 411 2.67 -19.36 -24.11
C SER A 411 1.50 -19.12 -23.16
N VAL A 412 1.31 -17.87 -22.74
CA VAL A 412 0.26 -17.64 -21.75
C VAL A 412 -1.11 -17.84 -22.37
N THR A 413 -1.30 -17.47 -23.64
CA THR A 413 -2.62 -17.63 -24.22
C THR A 413 -2.90 -19.07 -24.64
N LEU A 414 -1.92 -19.95 -24.60
CA LEU A 414 -2.23 -21.37 -24.69
C LEU A 414 -2.42 -21.99 -23.32
N LEU A 415 -1.71 -21.51 -22.30
CA LEU A 415 -1.90 -22.05 -20.96
C LEU A 415 -3.26 -21.69 -20.39
N ASP A 416 -3.81 -20.53 -20.76
CA ASP A 416 -5.15 -20.20 -20.28
C ASP A 416 -6.20 -21.09 -20.92
N GLY A 417 -6.10 -21.32 -22.22
CA GLY A 417 -6.90 -22.31 -22.90
C GLY A 417 -8.08 -21.78 -23.67
N LYS A 418 -8.49 -20.53 -23.43
CA LYS A 418 -9.68 -20.01 -24.10
C LYS A 418 -9.52 -20.01 -25.61
N CYS A 419 -8.29 -19.84 -26.10
CA CYS A 419 -8.09 -19.74 -27.55
C CYS A 419 -8.43 -21.04 -28.25
N ILE A 420 -7.84 -22.16 -27.79
CA ILE A 420 -8.12 -23.43 -28.44
C ILE A 420 -9.56 -23.86 -28.19
N THR A 421 -10.08 -23.61 -26.99
CA THR A 421 -11.50 -23.87 -26.74
C THR A 421 -12.37 -23.14 -27.74
N CYS A 422 -11.98 -21.93 -28.12
CA CYS A 422 -12.76 -21.17 -29.08
C CYS A 422 -12.57 -21.70 -30.49
N ALA A 423 -11.37 -22.17 -30.82
CA ALA A 423 -11.05 -22.55 -32.19
C ALA A 423 -11.55 -23.94 -32.54
N PHE A 424 -10.99 -24.96 -31.89
CA PHE A 424 -11.32 -26.34 -32.24
C PHE A 424 -12.45 -26.89 -31.38
N CYS A 425 -13.54 -26.13 -31.31
CA CYS A 425 -14.72 -26.62 -30.61
C CYS A 425 -15.66 -27.34 -31.55
N THR A 426 -15.69 -26.94 -32.82
CA THR A 426 -16.58 -27.54 -33.80
C THR A 426 -16.01 -28.80 -34.44
N SER A 427 -15.06 -29.45 -33.78
CA SER A 427 -14.43 -30.62 -34.37
C SER A 427 -14.23 -31.80 -33.43
N LEU A 428 -14.40 -31.63 -32.12
CA LEU A 428 -14.07 -32.72 -31.20
C LEU A 428 -15.00 -33.91 -31.45
N PRO A 429 -14.49 -35.13 -31.34
CA PRO A 429 -15.32 -36.30 -31.66
C PRO A 429 -16.36 -36.56 -30.59
N VAL A 430 -17.62 -36.26 -30.92
CA VAL A 430 -18.71 -36.47 -29.97
C VAL A 430 -19.13 -37.92 -29.93
N GLU A 431 -18.84 -38.67 -31.00
CA GLU A 431 -19.35 -40.02 -31.12
C GLU A 431 -18.78 -40.96 -30.08
N ALA A 432 -17.47 -40.92 -29.86
CA ALA A 432 -16.84 -41.93 -29.02
C ALA A 432 -16.27 -41.38 -27.72
N LEU A 433 -15.43 -40.35 -27.81
CA LEU A 433 -14.65 -39.93 -26.64
C LEU A 433 -15.56 -39.45 -25.52
N GLY A 434 -16.23 -38.32 -25.71
CA GLY A 434 -17.07 -37.77 -24.66
C GLY A 434 -18.54 -37.84 -25.04
N PRO A 442 -29.17 -34.24 -37.75
CA PRO A 442 -28.79 -33.27 -38.77
C PRO A 442 -27.37 -32.78 -38.54
N GLN A 443 -26.47 -33.11 -39.46
CA GLN A 443 -25.06 -32.77 -39.30
C GLN A 443 -24.86 -31.27 -39.15
N GLY A 444 -25.59 -30.47 -39.93
CA GLY A 444 -25.46 -29.04 -39.82
C GLY A 444 -25.86 -28.52 -38.45
N GLU A 445 -26.98 -29.01 -37.92
CA GLU A 445 -27.37 -28.64 -36.57
C GLU A 445 -26.35 -29.11 -35.56
N VAL A 446 -25.75 -30.29 -35.77
CA VAL A 446 -24.70 -30.76 -34.88
C VAL A 446 -23.56 -29.76 -34.86
N LYS A 447 -23.11 -29.33 -36.04
CA LYS A 447 -22.07 -28.32 -36.11
C LYS A 447 -22.49 -27.06 -35.38
N ARG A 448 -23.75 -26.65 -35.53
CA ARG A 448 -24.21 -25.44 -34.88
C ARG A 448 -24.09 -25.56 -33.37
N VAL A 449 -24.59 -26.64 -32.80
CA VAL A 449 -24.55 -26.79 -31.35
C VAL A 449 -23.11 -26.87 -30.87
N LEU A 450 -22.33 -27.81 -31.43
CA LEU A 450 -20.95 -27.93 -31.00
C LEU A 450 -20.20 -26.62 -31.15
N ALA A 451 -20.58 -25.80 -32.13
CA ALA A 451 -20.00 -24.46 -32.22
C ALA A 451 -20.44 -23.62 -31.05
N ARG A 452 -21.68 -23.77 -30.62
CA ARG A 452 -22.14 -23.01 -29.48
C ARG A 452 -21.51 -23.47 -28.17
N ILE A 453 -20.86 -24.61 -28.16
CA ILE A 453 -20.30 -25.22 -26.93
C ILE A 453 -19.57 -24.22 -26.04
N PRO A 454 -18.53 -23.52 -26.50
CA PRO A 454 -17.64 -22.86 -25.57
C PRO A 454 -18.21 -21.57 -25.02
N CYS A 455 -17.77 -21.27 -23.80
CA CYS A 455 -17.92 -19.96 -23.15
C CYS A 455 -19.33 -19.40 -23.23
N LYS A 456 -20.36 -20.23 -23.18
CA LYS A 456 -21.71 -19.73 -23.29
C LYS A 456 -22.62 -20.49 -22.32
N GLU A 457 -23.65 -19.79 -21.87
CA GLU A 457 -24.77 -20.39 -21.14
C GLU A 457 -25.98 -20.47 -22.05
N ILE A 458 -25.73 -20.60 -23.36
CA ILE A 458 -26.79 -20.70 -24.36
C ILE A 458 -26.65 -22.05 -25.05
N TYR A 459 -25.84 -22.92 -24.46
CA TYR A 459 -25.56 -24.25 -24.98
C TYR A 459 -26.82 -25.10 -24.85
N ASP A 460 -27.09 -25.90 -25.88
CA ASP A 460 -28.28 -26.75 -25.86
C ASP A 460 -28.30 -27.65 -24.64
N GLY A 461 -27.14 -28.19 -24.26
CA GLY A 461 -27.04 -28.92 -23.01
C GLY A 461 -26.66 -30.37 -23.15
N GLN A 462 -27.59 -31.24 -22.76
CA GLN A 462 -27.24 -32.66 -22.57
C GLN A 462 -26.82 -33.33 -23.86
N GLU A 463 -27.27 -32.82 -25.00
CA GLU A 463 -27.25 -33.66 -26.18
C GLU A 463 -25.85 -33.80 -26.77
N LEU A 464 -25.45 -35.06 -26.89
CA LEU A 464 -24.25 -35.52 -27.61
C LEU A 464 -23.01 -35.14 -26.81
N ILE A 465 -23.08 -34.25 -25.82
CA ILE A 465 -21.98 -33.87 -24.94
C ILE A 465 -22.62 -33.21 -23.73
N ALA A 466 -21.93 -33.22 -22.59
CA ALA A 466 -22.23 -32.35 -21.47
C ALA A 466 -21.66 -30.97 -21.76
N ASN A 467 -21.59 -30.13 -20.74
CA ASN A 467 -20.93 -28.84 -20.92
C ASN A 467 -19.50 -28.87 -20.37
N GLU A 468 -19.35 -29.20 -19.10
CA GLU A 468 -18.02 -29.14 -18.48
C GLU A 468 -17.07 -30.15 -19.07
N VAL A 469 -17.57 -31.23 -19.68
CA VAL A 469 -16.69 -32.25 -20.23
C VAL A 469 -16.00 -31.74 -21.49
N ALA A 470 -16.77 -31.14 -22.40
CA ALA A 470 -16.16 -30.60 -23.61
C ALA A 470 -15.28 -29.40 -23.33
N VAL A 471 -15.48 -28.73 -22.20
CA VAL A 471 -14.58 -27.66 -21.81
C VAL A 471 -13.28 -28.24 -21.25
N ARG A 472 -13.40 -29.23 -20.37
CA ARG A 472 -12.20 -29.79 -19.75
C ARG A 472 -11.33 -30.50 -20.78
N TYR A 473 -11.94 -31.23 -21.71
CA TYR A 473 -11.17 -31.94 -22.72
C TYR A 473 -10.35 -30.97 -23.57
N LEU A 474 -11.01 -29.91 -24.06
CA LEU A 474 -10.32 -28.96 -24.91
C LEU A 474 -9.27 -28.18 -24.12
N ARG A 475 -9.55 -27.84 -22.87
CA ARG A 475 -8.57 -27.11 -22.10
C ARG A 475 -7.35 -27.98 -21.77
N CYS A 476 -7.56 -29.28 -21.55
CA CYS A 476 -6.43 -30.19 -21.39
C CYS A 476 -5.58 -30.22 -22.65
N ILE A 477 -6.23 -30.37 -23.81
CA ILE A 477 -5.47 -30.35 -25.07
C ILE A 477 -4.69 -29.06 -25.20
N SER A 478 -5.32 -27.93 -24.86
CA SER A 478 -4.66 -26.64 -25.02
C SER A 478 -3.45 -26.53 -24.10
N GLN A 479 -3.60 -26.94 -22.83
CA GLN A 479 -2.47 -26.83 -21.92
C GLN A 479 -1.35 -27.78 -22.31
N ALA A 480 -1.68 -28.94 -22.86
CA ALA A 480 -0.63 -29.84 -23.33
C ALA A 480 0.13 -29.20 -24.49
N LEU A 481 -0.57 -28.62 -25.45
CA LEU A 481 0.11 -27.91 -26.53
C LEU A 481 0.96 -26.78 -25.97
N GLY A 482 0.46 -26.09 -24.95
CA GLY A 482 1.20 -24.98 -24.40
C GLY A 482 2.51 -25.41 -23.76
N TRP A 483 2.46 -26.47 -22.94
CA TRP A 483 3.68 -26.96 -22.33
C TRP A 483 4.66 -27.46 -23.38
N CYS A 484 4.17 -28.21 -24.38
CA CYS A 484 5.05 -28.66 -25.43
C CYS A 484 5.71 -27.49 -26.15
N PHE A 485 4.95 -26.43 -26.42
CA PHE A 485 5.50 -25.28 -27.11
C PHE A 485 6.54 -24.56 -26.27
N VAL A 486 6.26 -24.40 -24.98
CA VAL A 486 7.23 -23.72 -24.13
C VAL A 486 8.52 -24.52 -24.06
N LEU A 487 8.41 -25.84 -23.97
CA LEU A 487 9.60 -26.68 -23.98
C LEU A 487 10.36 -26.51 -25.30
N LEU A 488 9.64 -26.45 -26.42
CA LEU A 488 10.29 -26.31 -27.72
C LEU A 488 11.04 -24.98 -27.81
N MET A 489 10.39 -23.89 -27.43
CA MET A 489 11.04 -22.59 -27.50
C MET A 489 12.22 -22.53 -26.55
N THR A 490 12.11 -23.15 -25.38
CA THR A 490 13.22 -23.09 -24.43
C THR A 490 14.40 -23.92 -24.91
N THR A 491 14.15 -25.08 -25.52
CA THR A 491 15.28 -25.85 -26.01
C THR A 491 15.93 -25.17 -27.21
N LEU A 492 15.15 -24.49 -28.04
CA LEU A 492 15.78 -23.69 -29.09
C LEU A 492 16.64 -22.58 -28.49
N ALA A 493 16.13 -21.89 -27.47
CA ALA A 493 16.90 -20.83 -26.84
C ALA A 493 18.17 -21.36 -26.20
N PHE A 494 18.12 -22.57 -25.65
CA PHE A 494 19.32 -23.16 -25.06
C PHE A 494 20.30 -23.63 -26.11
N LEU A 495 19.80 -24.10 -27.25
CA LEU A 495 20.67 -24.57 -28.32
C LEU A 495 21.28 -23.41 -29.11
N VAL A 496 20.69 -22.22 -29.04
CA VAL A 496 21.24 -21.08 -29.75
C VAL A 496 22.34 -20.39 -28.95
N ARG A 497 22.15 -20.25 -27.64
CA ARG A 497 23.10 -19.52 -26.81
C ARG A 497 24.33 -20.34 -26.43
N SER A 498 24.61 -21.42 -27.15
CA SER A 498 25.83 -22.19 -26.87
C SER A 498 26.56 -22.56 -28.15
N LEU A 499 25.91 -22.46 -29.29
CA LEU A 499 26.40 -23.07 -30.51
C LEU A 499 26.82 -22.04 -31.56
N ARG A 500 27.08 -22.56 -32.77
CA ARG A 500 27.66 -22.01 -33.99
C ARG A 500 27.06 -20.73 -34.61
N PRO A 501 25.75 -20.41 -34.45
CA PRO A 501 25.17 -19.38 -35.32
C PRO A 501 25.77 -17.99 -35.14
N CYS A 502 26.90 -17.76 -35.81
CA CYS A 502 27.56 -16.46 -35.89
C CYS A 502 27.99 -15.97 -34.51
N PHE A 503 28.93 -16.73 -33.92
CA PHE A 503 29.54 -16.36 -32.65
C PHE A 503 31.06 -16.26 -32.76
N THR A 504 31.61 -16.31 -33.97
CA THR A 504 33.04 -16.15 -34.15
C THR A 504 33.48 -14.80 -33.59
N GLN A 505 34.53 -14.81 -32.77
CA GLN A 505 34.85 -13.65 -31.95
C GLN A 505 35.13 -12.41 -32.78
N ALA A 506 35.63 -12.56 -34.00
CA ALA A 506 35.97 -11.39 -34.81
C ALA A 506 34.74 -10.55 -35.11
N VAL A 507 33.68 -11.19 -35.59
CA VAL A 507 32.46 -10.44 -35.92
C VAL A 507 31.85 -9.87 -34.66
N PHE A 508 31.91 -10.61 -33.55
CA PHE A 508 31.37 -10.10 -32.29
C PHE A 508 32.07 -8.82 -31.87
N LEU A 509 33.40 -8.82 -31.93
CA LEU A 509 34.16 -7.63 -31.57
C LEU A 509 33.84 -6.48 -32.51
N LYS A 510 33.78 -6.74 -33.81
CA LYS A 510 33.45 -5.68 -34.75
C LYS A 510 32.09 -5.10 -34.43
N SER A 511 31.12 -5.94 -34.08
CA SER A 511 29.79 -5.46 -33.77
C SER A 511 29.79 -4.59 -32.53
N ARG A 512 30.45 -5.04 -31.47
CA ARG A 512 30.51 -4.25 -30.25
C ARG A 512 31.18 -2.91 -30.51
N TYR A 513 32.25 -2.92 -31.30
CA TYR A 513 32.95 -1.68 -31.64
C TYR A 513 32.02 -0.72 -32.36
N TRP A 514 31.29 -1.24 -33.36
CA TRP A 514 30.38 -0.41 -34.13
C TRP A 514 29.30 0.18 -33.23
N SER A 515 28.74 -0.65 -32.34
CA SER A 515 27.66 -0.20 -31.47
C SER A 515 28.13 0.83 -30.46
N HIS A 516 29.38 0.74 -30.01
CA HIS A 516 29.90 1.77 -29.13
C HIS A 516 30.18 3.05 -29.91
N TYR A 517 30.71 2.92 -31.12
CA TYR A 517 31.10 4.08 -31.90
C TYR A 517 29.90 4.92 -32.28
N ILE A 518 28.77 4.29 -32.62
CA ILE A 518 27.60 5.05 -33.03
C ILE A 518 27.10 5.91 -31.88
N ASP A 519 26.99 5.34 -30.68
CA ASP A 519 26.51 6.11 -29.54
C ASP A 519 27.49 7.20 -29.16
N ILE A 520 28.78 6.90 -29.17
CA ILE A 520 29.77 7.92 -28.83
C ILE A 520 29.71 9.06 -29.81
N GLU A 521 29.54 8.74 -31.10
CA GLU A 521 29.45 9.79 -32.11
C GLU A 521 28.24 10.68 -31.85
N ARG A 522 27.08 10.09 -31.62
CA ARG A 522 25.88 10.90 -31.35
C ARG A 522 26.10 11.79 -30.14
N LYS A 523 26.63 11.23 -29.05
CA LYS A 523 26.79 12.01 -27.83
C LYS A 523 27.76 13.17 -28.05
N LEU A 524 28.92 12.89 -28.67
CA LEU A 524 29.91 13.95 -28.82
C LEU A 524 29.45 15.02 -29.80
N PHE A 525 28.72 14.63 -30.85
CA PHE A 525 28.14 15.64 -31.73
C PHE A 525 27.19 16.52 -30.98
N ASP A 526 26.32 15.93 -30.15
CA ASP A 526 25.44 16.74 -29.33
C ASP A 526 26.23 17.71 -28.46
N GLU A 527 27.33 17.23 -27.87
CA GLU A 527 28.13 18.08 -27.00
C GLU A 527 28.68 19.29 -27.75
N THR A 528 29.41 19.04 -28.82
CA THR A 528 30.03 20.14 -29.56
C THR A 528 28.98 21.08 -30.14
N CYS A 529 27.84 20.53 -30.56
CA CYS A 529 26.76 21.36 -31.08
C CYS A 529 26.22 22.29 -30.02
N ALA A 530 25.97 21.74 -28.82
CA ALA A 530 25.54 22.58 -27.71
C ALA A 530 26.55 23.68 -27.41
N GLU A 531 27.84 23.35 -27.48
CA GLU A 531 28.86 24.36 -27.16
C GLU A 531 28.85 25.49 -28.18
N HIS A 532 28.93 25.15 -29.47
CA HIS A 532 28.90 26.18 -30.49
C HIS A 532 27.63 27.01 -30.40
N ALA A 533 26.51 26.36 -30.10
CA ALA A 533 25.26 27.09 -29.95
C ALA A 533 25.30 28.05 -28.77
N LYS A 534 25.92 27.62 -27.67
CA LYS A 534 26.02 28.50 -26.51
C LYS A 534 26.83 29.74 -26.86
N SER A 535 27.94 29.56 -27.58
CA SER A 535 28.73 30.71 -27.99
C SER A 535 27.89 31.66 -28.86
N PHE A 536 27.21 31.10 -29.87
CA PHE A 536 26.40 31.92 -30.75
C PHE A 536 25.32 32.67 -29.98
N ALA A 537 24.69 32.00 -29.02
CA ALA A 537 23.60 32.63 -28.27
C ALA A 537 24.12 33.73 -27.36
N LYS A 538 25.28 33.53 -26.74
CA LYS A 538 25.88 34.60 -25.97
C LYS A 538 26.20 35.79 -26.86
N VAL A 539 26.61 35.53 -28.10
CA VAL A 539 26.83 36.64 -29.03
C VAL A 539 25.54 37.39 -29.29
N CYS A 540 24.45 36.64 -29.49
CA CYS A 540 23.22 37.28 -29.94
C CYS A 540 22.49 38.02 -28.82
N ILE A 541 22.51 37.47 -27.60
CA ILE A 541 21.60 37.96 -26.55
C ILE A 541 21.99 39.36 -26.10
N GLN A 542 23.28 39.62 -25.93
CA GLN A 542 23.72 40.78 -25.18
C GLN A 542 23.58 42.09 -25.93
N GLN A 543 22.77 42.13 -27.00
CA GLN A 543 22.45 43.41 -27.61
C GLN A 543 21.46 44.21 -26.78
N PHE A 544 20.81 43.58 -25.80
CA PHE A 544 19.85 44.26 -24.95
C PHE A 544 20.36 44.39 -23.52
N ILE B 318 20.82 -14.89 -8.27
CA ILE B 318 19.80 -14.94 -9.31
C ILE B 318 18.84 -16.10 -9.06
N CYS B 319 19.36 -17.17 -8.44
CA CYS B 319 18.55 -18.36 -8.23
C CYS B 319 17.41 -18.10 -7.26
N GLY B 320 17.55 -17.10 -6.38
CA GLY B 320 16.46 -16.74 -5.49
C GLY B 320 15.25 -16.21 -6.24
N ILE B 321 15.49 -15.26 -7.17
CA ILE B 321 14.38 -14.76 -7.98
C ILE B 321 13.83 -15.86 -8.86
N MET B 322 14.67 -16.84 -9.21
CA MET B 322 14.19 -17.98 -9.99
C MET B 322 13.23 -18.83 -9.18
N ALA B 323 13.59 -19.12 -7.93
CA ALA B 323 12.70 -19.91 -7.08
C ALA B 323 11.39 -19.19 -6.81
N LEU B 324 11.47 -17.89 -6.48
CA LEU B 324 10.25 -17.12 -6.26
C LEU B 324 9.39 -17.07 -7.51
N ALA B 325 10.01 -16.91 -8.68
CA ALA B 325 9.25 -16.86 -9.92
C ALA B 325 8.61 -18.20 -10.23
N SER B 326 9.30 -19.30 -9.94
CA SER B 326 8.71 -20.62 -10.18
C SER B 326 7.50 -20.84 -9.28
N ALA B 327 7.63 -20.51 -8.00
CA ALA B 327 6.49 -20.67 -7.09
C ALA B 327 5.32 -19.78 -7.50
N GLN B 328 5.59 -18.52 -7.85
CA GLN B 328 4.50 -17.63 -8.24
C GLN B 328 3.87 -18.08 -9.56
N LEU B 329 4.67 -18.64 -10.47
CA LEU B 329 4.12 -19.15 -11.71
C LEU B 329 3.21 -20.34 -11.44
N TYR B 330 3.61 -21.22 -10.53
CA TYR B 330 2.70 -22.29 -10.14
C TYR B 330 1.45 -21.74 -9.50
N SER B 331 1.54 -20.60 -8.82
CA SER B 331 0.36 -19.94 -8.29
C SER B 331 -0.51 -19.33 -9.38
N ALA B 332 -0.07 -19.35 -10.64
CA ALA B 332 -0.82 -18.80 -11.75
C ALA B 332 -1.02 -19.81 -12.88
N PHE B 333 -1.02 -21.11 -12.57
CA PHE B 333 -1.27 -22.16 -13.55
C PHE B 333 -2.62 -22.78 -13.22
N ASP B 334 -3.59 -22.61 -14.11
CA ASP B 334 -4.95 -23.07 -13.87
C ASP B 334 -5.02 -24.57 -14.09
N PHE B 335 -4.86 -25.32 -12.99
CA PHE B 335 -4.90 -26.77 -13.08
C PHE B 335 -6.33 -27.26 -13.29
N ASN B 336 -6.47 -28.33 -14.05
CA ASN B 336 -7.75 -28.97 -14.28
C ASN B 336 -7.51 -30.32 -14.94
N CYS B 337 -8.34 -31.30 -14.59
CA CYS B 337 -8.10 -32.67 -14.97
C CYS B 337 -9.08 -33.11 -16.04
N PRO B 338 -8.61 -33.65 -17.14
CA PRO B 338 -9.51 -34.28 -18.08
C PRO B 338 -10.02 -35.59 -17.50
N CYS B 339 -11.26 -35.59 -17.04
CA CYS B 339 -11.79 -36.74 -16.31
C CYS B 339 -12.06 -37.84 -17.33
N LEU B 340 -10.99 -38.49 -17.76
CA LEU B 340 -11.03 -39.55 -18.76
C LEU B 340 -10.28 -40.76 -18.24
N PRO B 341 -10.61 -41.95 -18.72
CA PRO B 341 -10.08 -43.17 -18.10
C PRO B 341 -8.58 -43.34 -18.25
N ARG B 342 -7.96 -42.76 -19.27
CA ARG B 342 -6.58 -43.12 -19.55
C ARG B 342 -5.65 -41.91 -19.58
N TYR B 343 -6.16 -40.77 -20.03
CA TYR B 343 -5.30 -39.61 -20.20
C TYR B 343 -4.81 -39.03 -18.88
N ASN B 344 -5.41 -39.41 -17.76
CA ASN B 344 -4.98 -38.90 -16.46
C ASN B 344 -3.51 -39.18 -16.22
N LEU B 345 -3.11 -40.46 -16.25
CA LEU B 345 -1.74 -40.84 -15.97
C LEU B 345 -0.75 -40.05 -16.80
N ALA B 346 -1.18 -39.53 -17.95
CA ALA B 346 -0.32 -38.76 -18.83
C ALA B 346 -0.56 -37.26 -18.71
N TYR B 347 -1.32 -36.83 -17.71
CA TYR B 347 -1.48 -35.40 -17.47
C TYR B 347 -0.92 -34.98 -16.12
N GLY B 348 -1.24 -35.73 -15.06
CA GLY B 348 -0.61 -35.47 -13.78
C GLY B 348 0.90 -35.56 -13.86
N LEU B 349 1.40 -36.67 -14.40
CA LEU B 349 2.84 -36.81 -14.57
C LEU B 349 3.39 -35.73 -15.50
N GLY B 350 2.61 -35.29 -16.48
CA GLY B 350 3.06 -34.23 -17.35
C GLY B 350 3.31 -32.95 -16.59
N VAL B 351 2.28 -32.47 -15.89
CA VAL B 351 2.41 -31.27 -15.09
C VAL B 351 3.49 -31.44 -14.03
N LEU B 352 3.74 -32.67 -13.60
CA LEU B 352 4.75 -32.91 -12.58
C LEU B 352 6.16 -32.89 -13.13
N LEU B 353 6.38 -33.31 -14.37
CA LEU B 353 7.72 -33.54 -14.88
C LEU B 353 8.19 -32.55 -15.92
N VAL B 354 7.33 -32.08 -16.82
CA VAL B 354 7.79 -31.25 -17.92
C VAL B 354 8.26 -29.87 -17.45
N PRO B 355 7.50 -29.14 -16.64
CA PRO B 355 7.97 -27.83 -16.18
C PRO B 355 9.28 -27.92 -15.41
N PRO B 356 9.52 -28.98 -14.64
CA PRO B 356 10.88 -29.16 -14.12
C PRO B 356 11.94 -29.20 -15.20
N LEU B 357 11.71 -29.92 -16.29
CA LEU B 357 12.70 -29.95 -17.36
C LEU B 357 12.90 -28.58 -17.98
N ILE B 358 11.81 -27.84 -18.19
CA ILE B 358 11.92 -26.51 -18.77
C ILE B 358 12.73 -25.60 -17.85
N LEU B 359 12.46 -25.65 -16.56
CA LEU B 359 13.19 -24.79 -15.63
C LEU B 359 14.66 -25.22 -15.54
N PHE B 360 14.93 -26.52 -15.62
CA PHE B 360 16.30 -26.98 -15.57
C PHE B 360 17.09 -26.55 -16.78
N LEU B 361 16.45 -26.46 -17.95
CA LEU B 361 17.16 -25.93 -19.12
C LEU B 361 17.30 -24.41 -19.04
N LEU B 362 16.28 -23.73 -18.53
CA LEU B 362 16.38 -22.29 -18.35
C LEU B 362 17.48 -21.93 -17.35
N GLY B 363 17.80 -22.84 -16.43
CA GLY B 363 18.95 -22.64 -15.58
C GLY B 363 20.27 -22.60 -16.34
N PHE B 364 20.32 -23.21 -17.52
CA PHE B 364 21.50 -23.11 -18.38
C PHE B 364 21.44 -21.95 -19.33
N VAL B 365 20.24 -21.57 -19.79
CA VAL B 365 20.14 -20.44 -20.70
C VAL B 365 20.62 -19.16 -20.01
N LEU B 366 20.06 -18.85 -18.84
CA LEU B 366 20.32 -17.57 -18.20
C LEU B 366 21.75 -17.45 -17.70
N ASN B 367 22.47 -18.54 -17.57
CA ASN B 367 23.85 -18.46 -17.10
C ASN B 367 24.77 -18.00 -18.24
N ASN B 368 25.91 -17.42 -17.86
CA ASN B 368 26.83 -16.84 -18.82
C ASN B 368 28.02 -17.74 -19.11
N ASN B 369 28.47 -18.53 -18.14
CA ASN B 369 29.65 -19.36 -18.35
C ASN B 369 29.40 -20.44 -19.39
N VAL B 370 28.13 -20.69 -19.71
CA VAL B 370 27.78 -21.83 -20.55
C VAL B 370 28.44 -21.74 -21.91
N SER B 371 28.52 -20.51 -22.46
CA SER B 371 29.14 -20.34 -23.77
C SER B 371 30.60 -20.76 -23.74
N MET B 372 31.34 -20.29 -22.74
CA MET B 372 32.75 -20.65 -22.61
C MET B 372 32.91 -22.16 -22.48
N LEU B 373 32.10 -22.79 -21.63
CA LEU B 373 32.23 -24.22 -21.42
C LEU B 373 31.93 -24.99 -22.71
N ALA B 374 30.88 -24.59 -23.43
CA ALA B 374 30.57 -25.24 -24.69
C ALA B 374 31.73 -25.08 -25.67
N GLU B 375 32.27 -23.87 -25.76
CA GLU B 375 33.35 -23.61 -26.71
C GLU B 375 34.57 -24.46 -26.39
N GLU B 376 34.91 -24.56 -25.10
CA GLU B 376 36.09 -25.35 -24.73
C GLU B 376 35.84 -26.84 -24.91
N TRP B 377 34.60 -27.29 -24.69
CA TRP B 377 34.32 -28.71 -24.87
C TRP B 377 34.22 -29.08 -26.34
N ARG B 378 34.03 -28.08 -27.20
CA ARG B 378 33.91 -28.37 -28.63
C ARG B 378 35.20 -28.95 -29.18
N ARG B 379 36.32 -28.27 -28.99
CA ARG B 379 37.59 -28.73 -29.54
C ARG B 379 38.04 -30.00 -28.84
N PRO B 380 38.28 -31.10 -29.56
CA PRO B 380 38.81 -32.33 -28.98
C PRO B 380 40.30 -32.23 -28.67
N ASP B 387 41.56 -25.86 -18.71
CA ASP B 387 42.50 -26.93 -18.43
C ASP B 387 41.81 -28.29 -18.41
N ALA B 388 42.41 -29.24 -17.69
CA ALA B 388 41.94 -30.62 -17.76
C ALA B 388 40.67 -30.84 -16.95
N ALA B 389 40.74 -30.61 -15.64
CA ALA B 389 39.64 -30.93 -14.74
C ALA B 389 38.88 -29.72 -14.25
N VAL B 390 39.43 -28.51 -14.42
CA VAL B 390 38.72 -27.32 -13.96
C VAL B 390 37.42 -27.16 -14.73
N LEU B 391 37.40 -27.55 -16.01
CA LEU B 391 36.15 -27.56 -16.75
C LEU B 391 35.14 -28.49 -16.08
N ARG B 392 35.60 -29.66 -15.64
CA ARG B 392 34.69 -30.59 -14.98
C ARG B 392 34.10 -29.97 -13.72
N TYR B 393 34.92 -29.25 -12.95
CA TYR B 393 34.37 -28.63 -11.74
C TYR B 393 33.38 -27.53 -12.11
N MET B 394 33.71 -26.72 -13.11
CA MET B 394 32.77 -25.66 -13.51
C MET B 394 31.43 -26.26 -13.92
N PHE B 395 31.47 -27.37 -14.64
CA PHE B 395 30.24 -27.99 -15.09
C PHE B 395 29.46 -28.58 -13.92
N CYS B 396 30.14 -29.34 -13.06
CA CYS B 396 29.47 -29.94 -11.92
C CYS B 396 29.05 -28.90 -10.88
N SER B 397 29.52 -27.67 -11.00
CA SER B 397 29.00 -26.60 -10.15
C SER B 397 27.81 -25.90 -10.78
N MET B 398 27.86 -25.67 -12.09
CA MET B 398 26.73 -25.02 -12.74
C MET B 398 25.49 -25.91 -12.69
N VAL B 399 25.68 -27.23 -12.82
CA VAL B 399 24.55 -28.14 -12.73
C VAL B 399 23.87 -28.02 -11.37
N GLN B 400 24.66 -28.05 -10.30
CA GLN B 400 24.11 -27.92 -8.96
C GLN B 400 23.43 -26.57 -8.78
N ARG B 401 24.03 -25.51 -9.33
CA ARG B 401 23.44 -24.19 -9.19
C ARG B 401 22.09 -24.13 -9.87
N ALA B 402 21.94 -24.80 -11.00
CA ALA B 402 20.68 -24.76 -11.74
C ALA B 402 19.65 -25.76 -11.23
N MET B 403 20.05 -26.77 -10.48
CA MET B 403 19.13 -27.83 -10.09
C MET B 403 18.08 -27.39 -9.07
N ILE B 404 18.19 -26.21 -8.46
CA ILE B 404 17.33 -25.89 -7.33
C ILE B 404 15.97 -25.32 -7.73
N ALA B 405 15.73 -25.04 -9.00
CA ALA B 405 14.41 -24.59 -9.40
C ALA B 405 13.44 -25.76 -9.57
N PRO B 406 13.80 -26.83 -10.29
CA PRO B 406 12.88 -27.96 -10.39
C PRO B 406 12.59 -28.61 -9.05
N ALA B 407 13.53 -28.60 -8.12
CA ALA B 407 13.26 -29.13 -6.80
C ALA B 407 12.13 -28.36 -6.14
N VAL B 408 12.19 -27.03 -6.18
CA VAL B 408 11.13 -26.22 -5.59
C VAL B 408 9.81 -26.45 -6.30
N TRP B 409 9.84 -26.54 -7.63
CA TRP B 409 8.59 -26.77 -8.35
C TRP B 409 7.95 -28.09 -7.94
N VAL B 410 8.72 -29.17 -7.97
CA VAL B 410 8.18 -30.48 -7.59
C VAL B 410 7.70 -30.46 -6.15
N SER B 411 8.45 -29.79 -5.27
CA SER B 411 8.06 -29.72 -3.87
C SER B 411 6.69 -29.08 -3.71
N VAL B 412 6.50 -27.88 -4.26
CA VAL B 412 5.22 -27.21 -4.04
C VAL B 412 4.10 -27.94 -4.76
N THR B 413 4.35 -28.48 -5.95
CA THR B 413 3.27 -29.14 -6.66
C THR B 413 2.99 -30.54 -6.13
N LEU B 414 3.82 -31.06 -5.23
CA LEU B 414 3.41 -32.24 -4.47
C LEU B 414 2.73 -31.87 -3.17
N LEU B 415 3.13 -30.77 -2.55
CA LEU B 415 2.48 -30.36 -1.31
C LEU B 415 1.06 -29.89 -1.56
N ASP B 416 0.77 -29.31 -2.71
CA ASP B 416 -0.61 -28.92 -3.00
C ASP B 416 -1.49 -30.14 -3.20
N GLY B 417 -1.01 -31.13 -3.94
CA GLY B 417 -1.66 -32.42 -4.03
C GLY B 417 -2.48 -32.65 -5.27
N LYS B 418 -2.81 -31.60 -6.02
CA LYS B 418 -3.67 -31.78 -7.19
C LYS B 418 -3.05 -32.71 -8.22
N CYS B 419 -1.72 -32.74 -8.30
CA CYS B 419 -1.07 -33.56 -9.31
C CYS B 419 -1.30 -35.04 -9.08
N ILE B 420 -1.01 -35.52 -7.87
CA ILE B 420 -1.20 -36.94 -7.60
C ILE B 420 -2.68 -37.30 -7.59
N THR B 421 -3.52 -36.41 -7.06
CA THR B 421 -4.96 -36.63 -7.13
C THR B 421 -5.40 -36.82 -8.58
N CYS B 422 -4.80 -36.08 -9.50
CA CYS B 422 -5.15 -36.22 -10.91
C CYS B 422 -4.59 -37.49 -11.50
N ALA B 423 -3.40 -37.91 -11.07
CA ALA B 423 -2.71 -39.02 -11.71
C ALA B 423 -3.21 -40.37 -11.20
N PHE B 424 -3.00 -40.66 -9.93
CA PHE B 424 -3.34 -41.97 -9.40
C PHE B 424 -4.73 -41.99 -8.79
N CYS B 425 -5.70 -41.50 -9.55
CA CYS B 425 -7.08 -41.59 -9.10
C CYS B 425 -7.75 -42.85 -9.59
N THR B 426 -7.35 -43.36 -10.74
CA THR B 426 -7.94 -44.54 -11.33
C THR B 426 -7.33 -45.84 -10.80
N SER B 427 -6.71 -45.80 -9.63
CA SER B 427 -6.04 -46.99 -9.11
C SER B 427 -6.28 -47.25 -7.63
N LEU B 428 -6.82 -46.32 -6.86
CA LEU B 428 -6.91 -46.53 -5.42
C LEU B 428 -7.84 -47.71 -5.12
N PRO B 429 -7.51 -48.52 -4.10
CA PRO B 429 -8.32 -49.71 -3.83
C PRO B 429 -9.66 -49.36 -3.23
N VAL B 430 -10.72 -49.51 -4.03
CA VAL B 430 -12.06 -49.19 -3.55
C VAL B 430 -12.61 -50.33 -2.72
N GLU B 431 -12.09 -51.54 -2.92
CA GLU B 431 -12.66 -52.72 -2.30
C GLU B 431 -12.56 -52.69 -0.78
N ALA B 432 -11.38 -52.36 -0.25
CA ALA B 432 -11.15 -52.52 1.17
C ALA B 432 -10.96 -51.20 1.91
N LEU B 433 -10.03 -50.37 1.45
CA LEU B 433 -9.62 -49.20 2.23
C LEU B 433 -10.78 -48.24 2.44
N GLY B 434 -11.24 -47.59 1.39
CA GLY B 434 -12.30 -46.60 1.52
C GLY B 434 -13.58 -47.09 0.86
N PRO B 442 -19.28 -53.77 -13.65
CA PRO B 442 -18.52 -53.61 -14.88
C PRO B 442 -17.19 -52.91 -14.59
N GLN B 443 -16.09 -53.65 -14.76
CA GLN B 443 -14.77 -53.10 -14.44
C GLN B 443 -14.47 -51.84 -15.24
N GLY B 444 -14.84 -51.82 -16.51
CA GLY B 444 -14.60 -50.63 -17.31
C GLY B 444 -15.35 -49.43 -16.79
N GLU B 445 -16.62 -49.61 -16.45
CA GLU B 445 -17.38 -48.52 -15.85
C GLU B 445 -16.78 -48.10 -14.52
N VAL B 446 -16.27 -49.06 -13.74
CA VAL B 446 -15.60 -48.71 -12.49
C VAL B 446 -14.43 -47.80 -12.77
N LYS B 447 -13.59 -48.16 -13.74
CA LYS B 447 -12.48 -47.30 -14.12
C LYS B 447 -12.98 -45.93 -14.54
N ARG B 448 -14.08 -45.89 -15.28
CA ARG B 448 -14.60 -44.60 -15.74
C ARG B 448 -14.97 -43.71 -14.57
N VAL B 449 -15.72 -44.25 -13.62
CA VAL B 449 -16.15 -43.43 -12.49
C VAL B 449 -14.95 -43.01 -11.65
N LEU B 450 -14.14 -43.97 -11.21
CA LEU B 450 -12.98 -43.62 -10.41
C LEU B 450 -12.09 -42.62 -11.14
N ALA B 451 -12.06 -42.66 -12.47
CA ALA B 451 -11.35 -41.63 -13.20
C ALA B 451 -12.05 -40.30 -13.05
N ARG B 452 -13.37 -40.30 -13.02
CA ARG B 452 -14.07 -39.06 -12.85
C ARG B 452 -13.94 -38.49 -11.45
N ILE B 453 -13.44 -39.28 -10.50
CA ILE B 453 -13.36 -38.89 -9.09
C ILE B 453 -12.84 -37.47 -8.86
N PRO B 454 -11.65 -37.10 -9.33
CA PRO B 454 -11.02 -35.90 -8.82
C PRO B 454 -11.60 -34.63 -9.42
N CYS B 455 -11.54 -33.57 -8.62
CA CYS B 455 -11.75 -32.18 -9.04
C CYS B 455 -13.00 -31.99 -9.89
N LYS B 456 -14.07 -32.71 -9.63
CA LYS B 456 -15.27 -32.58 -10.44
C LYS B 456 -16.50 -32.65 -9.54
N GLU B 457 -17.55 -31.96 -9.98
CA GLU B 457 -18.89 -32.11 -9.42
C GLU B 457 -19.76 -32.90 -10.38
N ILE B 458 -19.13 -33.79 -11.14
CA ILE B 458 -19.82 -34.64 -12.11
C ILE B 458 -19.61 -36.09 -11.69
N TYR B 459 -19.13 -36.27 -10.47
CA TYR B 459 -18.84 -37.58 -9.92
C TYR B 459 -20.16 -38.31 -9.66
N ASP B 460 -20.17 -39.60 -9.95
CA ASP B 460 -21.39 -40.39 -9.76
C ASP B 460 -21.88 -40.31 -8.32
N GLY B 461 -20.95 -40.32 -7.36
CA GLY B 461 -21.33 -40.07 -5.99
C GLY B 461 -21.07 -41.22 -5.04
N GLN B 462 -22.16 -41.76 -4.48
CA GLN B 462 -22.04 -42.67 -3.34
C GLN B 462 -21.31 -43.95 -3.69
N GLU B 463 -21.32 -44.34 -4.97
CA GLU B 463 -21.02 -45.73 -5.26
C GLU B 463 -19.53 -46.03 -5.16
N LEU B 464 -19.24 -47.01 -4.32
CA LEU B 464 -17.94 -47.67 -4.18
C LEU B 464 -16.97 -46.72 -3.47
N ILE B 465 -17.26 -45.43 -3.37
CA ILE B 465 -16.45 -44.44 -2.65
C ILE B 465 -17.36 -43.24 -2.41
N ALA B 466 -17.07 -42.45 -1.39
CA ALA B 466 -17.61 -41.11 -1.24
C ALA B 466 -16.84 -40.17 -2.16
N ASN B 467 -17.01 -38.87 -1.95
CA ASN B 467 -16.19 -37.92 -2.70
C ASN B 467 -15.03 -37.41 -1.87
N GLU B 468 -15.31 -36.83 -0.70
CA GLU B 468 -14.25 -36.22 0.09
C GLU B 468 -13.26 -37.26 0.62
N VAL B 469 -13.66 -38.52 0.72
CA VAL B 469 -12.76 -39.54 1.24
C VAL B 469 -11.66 -39.86 0.24
N ALA B 470 -12.04 -40.08 -1.03
CA ALA B 470 -11.04 -40.37 -2.04
C ALA B 470 -10.17 -39.15 -2.35
N VAL B 471 -10.65 -37.95 -2.02
CA VAL B 471 -9.80 -36.78 -2.16
C VAL B 471 -8.81 -36.70 -1.01
N ARG B 472 -9.30 -36.91 0.22
CA ARG B 472 -8.41 -36.80 1.37
C ARG B 472 -7.34 -37.88 1.35
N TYR B 473 -7.70 -39.10 0.99
CA TYR B 473 -6.73 -40.19 0.97
C TYR B 473 -5.60 -39.88 0.00
N LEU B 474 -5.95 -39.47 -1.23
CA LEU B 474 -4.94 -39.19 -2.23
C LEU B 474 -4.11 -37.97 -1.86
N ARG B 475 -4.74 -36.94 -1.27
CA ARG B 475 -3.98 -35.78 -0.90
C ARG B 475 -3.02 -36.08 0.26
N CYS B 476 -3.42 -36.97 1.17
CA CYS B 476 -2.49 -37.39 2.21
C CYS B 476 -1.30 -38.12 1.61
N ILE B 477 -1.57 -39.05 0.68
CA ILE B 477 -0.46 -39.74 0.01
C ILE B 477 0.46 -38.74 -0.68
N SER B 478 -0.13 -37.76 -1.35
CA SER B 478 0.67 -36.78 -2.08
C SER B 478 1.54 -35.96 -1.13
N GLN B 479 0.97 -35.49 -0.03
CA GLN B 479 1.76 -34.68 0.89
C GLN B 479 2.84 -35.50 1.57
N ALA B 480 2.58 -36.78 1.81
CA ALA B 480 3.62 -37.64 2.37
C ALA B 480 4.77 -37.78 1.38
N LEU B 481 4.46 -38.04 0.11
CA LEU B 481 5.52 -38.10 -0.89
C LEU B 481 6.26 -36.77 -0.97
N GLY B 482 5.54 -35.67 -0.84
CA GLY B 482 6.18 -34.37 -0.93
C GLY B 482 7.18 -34.13 0.19
N TRP B 483 6.77 -34.43 1.43
CA TRP B 483 7.68 -34.25 2.55
C TRP B 483 8.88 -35.18 2.42
N CYS B 484 8.65 -36.45 2.04
CA CYS B 484 9.78 -37.36 1.85
C CYS B 484 10.73 -36.83 0.80
N PHE B 485 10.20 -36.28 -0.29
CA PHE B 485 11.07 -35.79 -1.36
C PHE B 485 11.85 -34.56 -0.90
N VAL B 486 11.21 -33.66 -0.18
CA VAL B 486 11.93 -32.47 0.29
C VAL B 486 13.05 -32.88 1.23
N LEU B 487 12.77 -33.84 2.11
CA LEU B 487 13.82 -34.34 2.99
C LEU B 487 14.96 -34.95 2.19
N LEU B 488 14.64 -35.71 1.13
CA LEU B 488 15.67 -36.33 0.33
C LEU B 488 16.54 -35.29 -0.36
N MET B 489 15.92 -34.30 -1.00
CA MET B 489 16.68 -33.26 -1.67
C MET B 489 17.52 -32.48 -0.68
N THR B 490 16.98 -32.21 0.51
CA THR B 490 17.75 -31.43 1.47
C THR B 490 18.92 -32.21 2.03
N THR B 491 18.76 -33.51 2.26
CA THR B 491 19.90 -34.28 2.75
C THR B 491 20.96 -34.44 1.66
N LEU B 492 20.55 -34.54 0.39
CA LEU B 492 21.55 -34.51 -0.66
C LEU B 492 22.29 -33.17 -0.68
N ALA B 493 21.56 -32.07 -0.56
CA ALA B 493 22.20 -30.77 -0.55
C ALA B 493 23.15 -30.61 0.62
N PHE B 494 22.81 -31.18 1.77
CA PHE B 494 23.69 -31.11 2.93
C PHE B 494 24.91 -32.01 2.78
N LEU B 495 24.73 -33.16 2.12
CA LEU B 495 25.84 -34.08 1.92
C LEU B 495 26.79 -33.62 0.82
N VAL B 496 26.33 -32.75 -0.08
CA VAL B 496 27.19 -32.26 -1.15
C VAL B 496 28.04 -31.07 -0.68
N ARG B 497 27.47 -30.16 0.10
CA ARG B 497 28.18 -28.96 0.50
C ARG B 497 29.14 -29.19 1.67
N SER B 498 29.52 -30.43 1.94
CA SER B 498 30.50 -30.69 2.99
C SER B 498 31.56 -31.69 2.55
N LEU B 499 31.31 -32.42 1.47
CA LEU B 499 32.09 -33.60 1.16
C LEU B 499 32.92 -33.42 -0.12
N ARG B 500 33.49 -34.56 -0.57
CA ARG B 500 34.48 -34.83 -1.61
C ARG B 500 34.23 -34.34 -3.04
N PRO B 501 32.98 -34.15 -3.52
CA PRO B 501 32.81 -33.99 -4.97
C PRO B 501 33.46 -32.74 -5.55
N CYS B 502 34.76 -32.85 -5.84
CA CYS B 502 35.54 -31.82 -6.53
C CYS B 502 35.57 -30.53 -5.73
N PHE B 503 36.19 -30.61 -4.55
CA PHE B 503 36.42 -29.45 -3.69
C PHE B 503 37.89 -29.24 -3.37
N THR B 504 38.78 -29.98 -4.03
CA THR B 504 40.20 -29.78 -3.83
C THR B 504 40.58 -28.35 -4.17
N GLN B 505 41.32 -27.71 -3.27
CA GLN B 505 41.49 -26.26 -3.32
C GLN B 505 42.13 -25.80 -4.63
N ALA B 506 42.98 -26.63 -5.24
CA ALA B 506 43.67 -26.21 -6.45
C ALA B 506 42.68 -25.91 -7.57
N VAL B 507 41.77 -26.84 -7.83
CA VAL B 507 40.80 -26.63 -8.90
C VAL B 507 39.88 -25.48 -8.56
N PHE B 508 39.52 -25.32 -7.29
CA PHE B 508 38.67 -24.22 -6.89
C PHE B 508 39.33 -22.89 -7.20
N LEU B 509 40.60 -22.75 -6.83
CA LEU B 509 41.33 -21.51 -7.12
C LEU B 509 41.44 -21.27 -8.61
N LYS B 510 41.77 -22.31 -9.37
CA LYS B 510 41.86 -22.14 -10.81
C LYS B 510 40.53 -21.66 -11.39
N SER B 511 39.42 -22.21 -10.89
CA SER B 511 38.11 -21.81 -11.38
C SER B 511 37.81 -20.36 -11.05
N ARG B 512 38.06 -19.95 -9.81
CA ARG B 512 37.81 -18.56 -9.44
C ARG B 512 38.67 -17.62 -10.28
N TYR B 513 39.93 -17.99 -10.51
CA TYR B 513 40.81 -17.17 -11.32
C TYR B 513 40.26 -17.03 -12.73
N TRP B 514 39.83 -18.14 -13.32
CA TRP B 514 39.30 -18.12 -14.68
C TRP B 514 38.05 -17.23 -14.75
N SER B 515 37.17 -17.37 -13.75
CA SER B 515 35.92 -16.61 -13.76
C SER B 515 36.15 -15.12 -13.55
N HIS B 516 37.19 -14.76 -12.79
CA HIS B 516 37.51 -13.34 -12.69
C HIS B 516 38.14 -12.82 -13.97
N TYR B 517 39.01 -13.62 -14.58
CA TYR B 517 39.74 -13.18 -15.76
C TYR B 517 38.81 -12.94 -16.93
N ILE B 518 37.79 -13.78 -17.10
CA ILE B 518 36.88 -13.61 -18.23
C ILE B 518 36.14 -12.27 -18.13
N ASP B 519 35.61 -11.98 -16.95
CA ASP B 519 34.88 -10.73 -16.77
C ASP B 519 35.80 -9.52 -16.91
N ILE B 520 36.99 -9.60 -16.33
CA ILE B 520 37.92 -8.48 -16.43
C ILE B 520 38.29 -8.24 -17.89
N GLU B 521 38.50 -9.32 -18.64
CA GLU B 521 38.83 -9.18 -20.06
C GLU B 521 37.70 -8.48 -20.80
N ARG B 522 36.47 -8.93 -20.61
CA ARG B 522 35.35 -8.31 -21.30
C ARG B 522 35.25 -6.82 -20.95
N LYS B 523 35.36 -6.50 -19.66
CA LYS B 523 35.22 -5.10 -19.24
C LYS B 523 36.32 -4.23 -19.85
N LEU B 524 37.57 -4.69 -19.77
CA LEU B 524 38.67 -3.86 -20.23
C LEU B 524 38.64 -3.72 -21.76
N PHE B 525 38.25 -4.77 -22.47
CA PHE B 525 38.08 -4.64 -23.91
C PHE B 525 37.03 -3.61 -24.24
N ASP B 526 35.90 -3.65 -23.53
CA ASP B 526 34.89 -2.62 -23.74
C ASP B 526 35.46 -1.22 -23.50
N GLU B 527 36.27 -1.08 -22.45
CA GLU B 527 36.85 0.22 -22.12
C GLU B 527 37.72 0.74 -23.27
N THR B 528 38.72 -0.05 -23.65
CA THR B 528 39.65 0.41 -24.69
C THR B 528 38.93 0.62 -26.01
N CYS B 529 37.92 -0.20 -26.30
CA CYS B 529 37.16 -0.04 -27.53
C CYS B 529 36.41 1.28 -27.53
N ALA B 530 35.75 1.59 -26.42
CA ALA B 530 35.07 2.87 -26.30
C ALA B 530 36.05 4.03 -26.48
N GLU B 531 37.25 3.90 -25.93
CA GLU B 531 38.22 5.00 -26.04
C GLU B 531 38.65 5.22 -27.48
N HIS B 532 39.09 4.15 -28.15
CA HIS B 532 39.49 4.27 -29.55
C HIS B 532 38.35 4.81 -30.39
N ALA B 533 37.12 4.37 -30.11
CA ALA B 533 35.97 4.86 -30.85
C ALA B 533 35.74 6.34 -30.61
N LYS B 534 35.93 6.79 -29.37
CA LYS B 534 35.77 8.20 -29.08
C LYS B 534 36.76 9.04 -29.88
N SER B 535 38.01 8.59 -29.93
CA SER B 535 39.00 9.31 -30.74
C SER B 535 38.58 9.36 -32.20
N PHE B 536 38.20 8.21 -32.76
CA PHE B 536 37.79 8.17 -34.16
C PHE B 536 36.61 9.11 -34.42
N ALA B 537 35.64 9.12 -33.50
CA ALA B 537 34.45 9.93 -33.69
C ALA B 537 34.76 11.41 -33.60
N LYS B 538 35.65 11.80 -32.69
CA LYS B 538 36.09 13.18 -32.64
C LYS B 538 36.78 13.57 -33.94
N VAL B 539 37.53 12.64 -34.52
CA VAL B 539 38.15 12.93 -35.81
C VAL B 539 37.08 13.16 -36.87
N CYS B 540 36.04 12.32 -36.87
CA CYS B 540 35.08 12.37 -37.97
C CYS B 540 34.12 13.56 -37.87
N ILE B 541 33.70 13.92 -36.65
CA ILE B 541 32.57 14.83 -36.49
C ILE B 541 32.94 16.24 -36.94
N GLN B 542 34.13 16.70 -36.60
CA GLN B 542 34.43 18.13 -36.68
C GLN B 542 34.66 18.63 -38.10
N GLN B 543 34.24 17.88 -39.12
CA GLN B 543 34.26 18.42 -40.47
C GLN B 543 33.15 19.43 -40.70
N PHE B 544 32.17 19.49 -39.80
CA PHE B 544 31.06 20.43 -39.91
C PHE B 544 31.11 21.49 -38.84
N ILE C 318 20.72 -13.96 9.97
CA ILE C 318 20.07 -14.78 8.96
C ILE C 318 18.98 -15.64 9.58
N CYS C 319 19.16 -15.99 10.86
CA CYS C 319 18.21 -16.87 11.52
C CYS C 319 16.85 -16.19 11.70
N GLY C 320 16.82 -14.86 11.72
CA GLY C 320 15.55 -14.17 11.80
C GLY C 320 14.70 -14.39 10.55
N ILE C 321 15.30 -14.21 9.37
CA ILE C 321 14.56 -14.49 8.14
C ILE C 321 14.21 -15.96 8.07
N MET C 322 15.00 -16.83 8.69
CA MET C 322 14.68 -18.25 8.71
C MET C 322 13.43 -18.51 9.55
N ALA C 323 13.35 -17.88 10.72
CA ALA C 323 12.17 -18.06 11.56
C ALA C 323 10.92 -17.50 10.89
N LEU C 324 11.03 -16.30 10.32
CA LEU C 324 9.88 -15.72 9.62
C LEU C 324 9.47 -16.59 8.44
N ALA C 325 10.44 -17.14 7.70
CA ALA C 325 10.11 -17.98 6.56
C ALA C 325 9.46 -19.27 7.01
N SER C 326 9.91 -19.84 8.11
CA SER C 326 9.29 -21.08 8.61
C SER C 326 7.85 -20.83 9.03
N ALA C 327 7.60 -19.74 9.76
CA ALA C 327 6.23 -19.43 10.16
C ALA C 327 5.34 -19.17 8.95
N GLN C 328 5.83 -18.40 7.97
CA GLN C 328 5.02 -18.10 6.80
C GLN C 328 4.79 -19.35 5.96
N LEU C 329 5.77 -20.26 5.91
CA LEU C 329 5.58 -21.51 5.19
C LEU C 329 4.52 -22.36 5.87
N TYR C 330 4.52 -22.40 7.21
CA TYR C 330 3.43 -23.09 7.89
C TYR C 330 2.10 -22.42 7.62
N SER C 331 2.10 -21.10 7.40
CA SER C 331 0.89 -20.41 6.98
C SER C 331 0.46 -20.76 5.56
N ALA C 332 1.28 -21.51 4.82
CA ALA C 332 0.97 -21.90 3.46
C ALA C 332 1.03 -23.40 3.24
N PHE C 333 0.79 -24.19 4.29
CA PHE C 333 0.75 -25.65 4.19
C PHE C 333 -0.68 -26.10 4.42
N ASP C 334 -1.30 -26.66 3.39
CA ASP C 334 -2.71 -27.02 3.43
C ASP C 334 -2.86 -28.31 4.22
N PHE C 335 -3.13 -28.17 5.52
CA PHE C 335 -3.29 -29.34 6.38
C PHE C 335 -4.62 -30.02 6.11
N ASN C 336 -4.63 -31.34 6.21
CA ASN C 336 -5.83 -32.14 6.07
C ASN C 336 -5.54 -33.55 6.54
N CYS C 337 -6.53 -34.17 7.16
CA CYS C 337 -6.32 -35.44 7.84
C CYS C 337 -6.96 -36.57 7.07
N PRO C 338 -6.23 -37.62 6.77
CA PRO C 338 -6.85 -38.83 6.24
C PRO C 338 -7.65 -39.51 7.32
N CYS C 339 -8.97 -39.38 7.28
CA CYS C 339 -9.81 -39.86 8.37
C CYS C 339 -9.86 -41.38 8.28
N LEU C 340 -8.78 -42.01 8.72
CA LEU C 340 -8.62 -43.45 8.66
C LEU C 340 -8.20 -43.95 10.03
N PRO C 341 -8.48 -45.21 10.35
CA PRO C 341 -8.30 -45.68 11.74
C PRO C 341 -6.85 -45.71 12.19
N ARG C 342 -5.88 -45.84 11.29
CA ARG C 342 -4.53 -46.11 11.74
C ARG C 342 -3.52 -45.09 11.23
N TYR C 343 -3.74 -44.57 10.03
CA TYR C 343 -2.76 -43.69 9.42
C TYR C 343 -2.65 -42.34 10.13
N ASN C 344 -3.61 -42.00 10.99
CA ASN C 344 -3.55 -40.73 11.70
C ASN C 344 -2.27 -40.61 12.50
N LEU C 345 -2.01 -41.55 13.41
CA LEU C 345 -0.84 -41.49 14.28
C LEU C 345 0.44 -41.29 13.47
N ALA C 346 0.44 -41.69 12.21
CA ALA C 346 1.60 -41.54 11.35
C ALA C 346 1.49 -40.36 10.41
N TYR C 347 0.51 -39.48 10.61
CA TYR C 347 0.43 -38.26 9.82
C TYR C 347 0.58 -37.02 10.68
N GLY C 348 -0.13 -36.96 11.81
CA GLY C 348 0.09 -35.87 12.74
C GLY C 348 1.53 -35.80 13.19
N LEU C 349 2.06 -36.91 13.67
CA LEU C 349 3.46 -36.95 14.07
C LEU C 349 4.39 -36.65 12.90
N GLY C 350 3.99 -37.03 11.69
CA GLY C 350 4.80 -36.73 10.53
C GLY C 350 4.93 -35.23 10.32
N VAL C 351 3.78 -34.55 10.20
CA VAL C 351 3.78 -33.11 10.04
C VAL C 351 4.45 -32.42 11.22
N LEU C 352 4.43 -33.07 12.39
CA LEU C 352 5.04 -32.47 13.57
C LEU C 352 6.55 -32.62 13.59
N LEU C 353 7.10 -33.71 13.06
CA LEU C 353 8.50 -34.03 13.25
C LEU C 353 9.37 -33.87 12.01
N VAL C 354 8.88 -34.20 10.82
CA VAL C 354 9.75 -34.21 9.64
C VAL C 354 10.19 -32.80 9.25
N PRO C 355 9.29 -31.82 9.12
CA PRO C 355 9.72 -30.47 8.75
C PRO C 355 10.71 -29.89 9.75
N PRO C 356 10.60 -30.17 11.05
CA PRO C 356 11.69 -29.81 11.95
C PRO C 356 13.03 -30.39 11.52
N LEU C 357 13.08 -31.66 11.13
CA LEU C 357 14.34 -32.25 10.71
C LEU C 357 14.87 -31.56 9.45
N ILE C 358 13.98 -31.27 8.50
CA ILE C 358 14.40 -30.61 7.28
C ILE C 358 14.97 -29.23 7.58
N LEU C 359 14.30 -28.48 8.45
CA LEU C 359 14.80 -27.14 8.78
C LEU C 359 16.11 -27.22 9.56
N PHE C 360 16.26 -28.24 10.41
CA PHE C 360 17.50 -28.39 11.16
C PHE C 360 18.66 -28.72 10.26
N LEU C 361 18.43 -29.48 9.19
CA LEU C 361 19.52 -29.72 8.24
C LEU C 361 19.78 -28.50 7.37
N LEU C 362 18.73 -27.79 6.99
CA LEU C 362 18.92 -26.56 6.23
C LEU C 362 19.69 -25.52 7.04
N GLY C 363 19.60 -25.58 8.36
CA GLY C 363 20.44 -24.74 9.19
C GLY C 363 21.93 -25.02 9.01
N PHE C 364 22.29 -26.24 8.59
CA PHE C 364 23.68 -26.55 8.29
C PHE C 364 24.04 -26.28 6.83
N VAL C 365 23.08 -26.43 5.91
CA VAL C 365 23.39 -26.15 4.51
C VAL C 365 23.76 -24.69 4.33
N LEU C 366 22.90 -23.79 4.80
CA LEU C 366 23.07 -22.37 4.51
C LEU C 366 24.27 -21.77 5.21
N ASN C 367 24.81 -22.43 6.23
CA ASN C 367 25.98 -21.90 6.92
C ASN C 367 27.24 -22.15 6.11
N ASN C 368 28.25 -21.32 6.34
CA ASN C 368 29.49 -21.38 5.57
C ASN C 368 30.62 -22.10 6.29
N ASN C 369 30.65 -22.03 7.63
CA ASN C 369 31.75 -22.65 8.37
C ASN C 369 31.73 -24.16 8.25
N VAL C 370 30.60 -24.72 7.79
CA VAL C 370 30.42 -26.16 7.83
C VAL C 370 31.48 -26.87 6.99
N SER C 371 31.85 -26.28 5.86
CA SER C 371 32.86 -26.89 5.01
C SER C 371 34.18 -27.01 5.73
N MET C 372 34.62 -25.92 6.37
CA MET C 372 35.87 -25.93 7.12
C MET C 372 35.83 -26.98 8.22
N LEU C 373 34.74 -27.03 8.98
CA LEU C 373 34.64 -27.97 10.08
C LEU C 373 34.68 -29.41 9.57
N ALA C 374 33.96 -29.69 8.50
CA ALA C 374 33.99 -31.03 7.92
C ALA C 374 35.41 -31.38 7.47
N GLU C 375 36.07 -30.44 6.80
CA GLU C 375 37.41 -30.71 6.29
C GLU C 375 38.38 -31.00 7.43
N GLU C 376 38.29 -30.23 8.51
CA GLU C 376 39.20 -30.44 9.63
C GLU C 376 38.88 -31.72 10.37
N TRP C 377 37.59 -32.09 10.45
CA TRP C 377 37.23 -33.32 11.15
C TRP C 377 37.56 -34.54 10.31
N ARG C 378 37.75 -34.36 9.00
CA ARG C 378 38.06 -35.49 8.14
C ARG C 378 39.39 -36.13 8.52
N ARG C 379 40.46 -35.34 8.56
CA ARG C 379 41.78 -35.88 8.84
C ARG C 379 41.86 -36.35 10.29
N PRO C 380 42.19 -37.61 10.55
CA PRO C 380 42.38 -38.12 11.91
C PRO C 380 43.71 -37.66 12.51
N ASP C 387 42.44 -26.32 15.86
CA ASP C 387 43.14 -26.84 17.04
C ASP C 387 42.34 -27.95 17.70
N ALA C 388 42.58 -28.13 19.01
CA ALA C 388 42.02 -29.29 19.70
C ALA C 388 40.54 -29.10 20.03
N ALA C 389 40.23 -28.09 20.83
CA ALA C 389 38.88 -27.92 21.33
C ALA C 389 38.13 -26.77 20.68
N VAL C 390 38.83 -25.88 19.96
CA VAL C 390 38.13 -24.77 19.30
C VAL C 390 37.16 -25.31 18.26
N LEU C 391 37.50 -26.42 17.60
CA LEU C 391 36.55 -27.06 16.71
C LEU C 391 35.30 -27.47 17.47
N ARG C 392 35.46 -28.02 18.67
CA ARG C 392 34.31 -28.42 19.46
C ARG C 392 33.43 -27.23 19.76
N TYR C 393 34.03 -26.09 20.11
CA TYR C 393 33.20 -24.92 20.39
C TYR C 393 32.49 -24.44 19.13
N MET C 394 33.19 -24.42 18.00
CA MET C 394 32.55 -23.98 16.76
C MET C 394 31.34 -24.86 16.45
N PHE C 395 31.49 -26.16 16.66
CA PHE C 395 30.41 -27.08 16.37
C PHE C 395 29.24 -26.88 17.34
N CYS C 396 29.54 -26.83 18.63
CA CYS C 396 28.49 -26.64 19.63
C CYS C 396 27.88 -25.26 19.57
N SER C 397 28.48 -24.33 18.83
CA SER C 397 27.84 -23.05 18.60
C SER C 397 26.98 -23.06 17.34
N MET C 398 27.46 -23.70 16.29
CA MET C 398 26.66 -23.78 15.07
C MET C 398 25.39 -24.57 15.31
N VAL C 399 25.47 -25.63 16.11
CA VAL C 399 24.28 -26.42 16.40
C VAL C 399 23.23 -25.55 17.09
N GLN C 400 23.64 -24.80 18.11
CA GLN C 400 22.71 -23.92 18.80
C GLN C 400 22.16 -22.86 17.85
N ARG C 401 23.00 -22.33 16.98
CA ARG C 401 22.53 -21.30 16.05
C ARG C 401 21.47 -21.85 15.11
N ALA C 402 21.62 -23.11 14.71
CA ALA C 402 20.66 -23.70 13.78
C ALA C 402 19.43 -24.27 14.46
N MET C 403 19.47 -24.52 15.77
CA MET C 403 18.36 -25.19 16.44
C MET C 403 17.11 -24.35 16.57
N ILE C 404 17.14 -23.05 16.26
CA ILE C 404 16.00 -22.19 16.60
C ILE C 404 14.91 -22.18 15.55
N ALA C 405 15.10 -22.81 14.40
CA ALA C 405 14.02 -22.89 13.42
C ALA C 405 13.05 -24.01 13.76
N PRO C 406 13.50 -25.23 14.04
CA PRO C 406 12.54 -26.27 14.42
C PRO C 406 11.78 -25.96 15.69
N ALA C 407 12.39 -25.25 16.63
CA ALA C 407 11.66 -24.84 17.83
C ALA C 407 10.47 -23.97 17.46
N VAL C 408 10.68 -22.98 16.58
CA VAL C 408 9.57 -22.12 16.17
C VAL C 408 8.52 -22.92 15.42
N TRP C 409 8.96 -23.83 14.54
CA TRP C 409 7.98 -24.62 13.80
C TRP C 409 7.11 -25.45 14.74
N VAL C 410 7.74 -26.20 15.65
CA VAL C 410 6.98 -27.02 16.58
C VAL C 410 6.08 -26.15 17.45
N SER C 411 6.58 -24.99 17.86
CA SER C 411 5.78 -24.10 18.69
C SER C 411 4.50 -23.68 17.99
N VAL C 412 4.61 -23.14 16.77
CA VAL C 412 3.41 -22.65 16.12
C VAL C 412 2.50 -23.80 15.73
N THR C 413 3.06 -24.94 15.31
CA THR C 413 2.19 -26.03 14.90
C THR C 413 1.61 -26.79 16.09
N LEU C 414 2.06 -26.52 17.30
CA LEU C 414 1.32 -26.99 18.47
C LEU C 414 0.31 -25.97 18.94
N LEU C 415 0.61 -24.68 18.80
CA LEU C 415 -0.35 -23.66 19.22
C LEU C 415 -1.57 -23.64 18.32
N ASP C 416 -1.42 -23.97 17.04
CA ASP C 416 -2.60 -24.03 16.18
C ASP C 416 -3.50 -25.19 16.55
N GLY C 417 -2.92 -26.36 16.80
CA GLY C 417 -3.63 -27.48 17.36
C GLY C 417 -4.04 -28.55 16.39
N LYS C 418 -4.02 -28.27 15.08
CA LYS C 418 -4.48 -29.26 14.11
C LYS C 418 -3.67 -30.54 14.17
N CYS C 419 -2.39 -30.44 14.53
CA CYS C 419 -1.54 -31.63 14.53
C CYS C 419 -1.99 -32.64 15.57
N ILE C 420 -2.14 -32.20 16.83
CA ILE C 420 -2.54 -33.14 17.87
C ILE C 420 -3.99 -33.59 17.65
N THR C 421 -4.86 -32.68 17.21
CA THR C 421 -6.21 -33.08 16.86
C THR C 421 -6.19 -34.20 15.83
N CYS C 422 -5.26 -34.14 14.89
CA CYS C 422 -5.17 -35.18 13.87
C CYS C 422 -4.58 -36.47 14.43
N ALA C 423 -3.64 -36.35 15.36
CA ALA C 423 -2.90 -37.52 15.83
C ALA C 423 -3.67 -38.30 16.89
N PHE C 424 -3.89 -37.68 18.05
CA PHE C 424 -4.52 -38.39 19.16
C PHE C 424 -6.02 -38.19 19.19
N CYS C 425 -6.65 -38.42 18.05
CA CYS C 425 -8.11 -38.38 18.00
C CYS C 425 -8.72 -39.74 18.25
N THR C 426 -8.03 -40.81 17.88
CA THR C 426 -8.53 -42.16 18.05
C THR C 426 -8.25 -42.73 19.43
N SER C 427 -8.02 -41.88 20.42
CA SER C 427 -7.68 -42.37 21.75
C SER C 427 -8.38 -41.67 22.90
N LEU C 428 -9.04 -40.54 22.68
CA LEU C 428 -9.60 -39.79 23.81
C LEU C 428 -10.69 -40.62 24.50
N PRO C 429 -10.78 -40.55 25.82
CA PRO C 429 -11.75 -41.39 26.53
C PRO C 429 -13.17 -40.91 26.33
N VAL C 430 -13.93 -41.66 25.54
CA VAL C 430 -15.32 -41.29 25.27
C VAL C 430 -16.22 -41.70 26.41
N GLU C 431 -15.78 -42.69 27.21
CA GLU C 431 -16.64 -43.25 28.22
C GLU C 431 -17.01 -42.27 29.32
N ALA C 432 -16.02 -41.53 29.83
CA ALA C 432 -16.27 -40.71 31.01
C ALA C 432 -16.19 -39.21 30.75
N LEU C 433 -15.08 -38.76 30.17
CA LEU C 433 -14.81 -37.33 30.10
C LEU C 433 -15.88 -36.59 29.29
N GLY C 434 -15.92 -36.82 27.99
CA GLY C 434 -16.86 -36.13 27.13
C GLY C 434 -17.91 -37.08 26.59
N PRO C 442 -19.46 -52.10 18.86
CA PRO C 442 -18.34 -52.67 18.13
C PRO C 442 -17.10 -51.79 18.29
N GLN C 443 -16.08 -52.31 18.96
CA GLN C 443 -14.88 -51.52 19.25
C GLN C 443 -14.23 -51.02 17.97
N GLY C 444 -14.17 -51.86 16.94
CA GLY C 444 -13.58 -51.44 15.69
C GLY C 444 -14.33 -50.29 15.06
N GLU C 445 -15.65 -50.36 15.03
CA GLU C 445 -16.45 -49.25 14.53
C GLU C 445 -16.25 -48.02 15.39
N VAL C 446 -16.11 -48.18 16.70
CA VAL C 446 -15.83 -47.05 17.57
C VAL C 446 -14.54 -46.38 17.14
N LYS C 447 -13.48 -47.17 16.94
CA LYS C 447 -12.23 -46.61 16.46
C LYS C 447 -12.43 -45.89 15.14
N ARG C 448 -13.23 -46.47 14.24
CA ARG C 448 -13.44 -45.85 12.95
C ARG C 448 -14.07 -44.47 13.10
N VAL C 449 -15.14 -44.37 13.88
CA VAL C 449 -15.81 -43.08 14.03
C VAL C 449 -14.89 -42.08 14.71
N LEU C 450 -14.35 -42.44 15.89
CA LEU C 450 -13.48 -41.51 16.58
C LEU C 450 -12.31 -41.09 15.70
N ALA C 451 -11.87 -41.97 14.80
CA ALA C 451 -10.87 -41.56 13.83
C ALA C 451 -11.43 -40.54 12.87
N ARG C 452 -12.69 -40.69 12.49
CA ARG C 452 -13.28 -39.72 11.61
C ARG C 452 -13.54 -38.38 12.29
N ILE C 453 -13.45 -38.31 13.61
CA ILE C 453 -13.77 -37.11 14.38
C ILE C 453 -13.20 -35.82 13.79
N PRO C 454 -11.90 -35.68 13.59
CA PRO C 454 -11.34 -34.36 13.36
C PRO C 454 -11.57 -33.85 11.95
N CYS C 455 -11.65 -32.53 11.86
CA CYS C 455 -11.58 -31.77 10.61
C CYS C 455 -12.47 -32.30 9.51
N LYS C 456 -13.64 -32.83 9.83
CA LYS C 456 -14.50 -33.40 8.81
C LYS C 456 -15.95 -33.04 9.12
N GLU C 457 -16.74 -32.94 8.06
CA GLU C 457 -18.20 -32.85 8.13
C GLU C 457 -18.80 -34.18 7.70
N ILE C 458 -18.06 -35.26 7.92
CA ILE C 458 -18.50 -36.60 7.57
C ILE C 458 -18.58 -37.42 8.85
N TYR C 459 -18.51 -36.72 9.98
CA TYR C 459 -18.55 -37.33 11.30
C TYR C 459 -19.95 -37.89 11.55
N ASP C 460 -20.00 -39.07 12.16
CA ASP C 460 -21.29 -39.70 12.44
C ASP C 460 -22.20 -38.79 13.25
N GLY C 461 -21.62 -38.07 14.22
CA GLY C 461 -22.37 -37.06 14.92
C GLY C 461 -22.55 -37.30 16.40
N GLN C 462 -23.81 -37.50 16.81
CA GLN C 462 -24.15 -37.45 18.23
C GLN C 462 -23.47 -38.56 19.02
N GLU C 463 -23.13 -39.66 18.37
CA GLU C 463 -22.90 -40.87 19.14
C GLU C 463 -21.55 -40.85 19.85
N LEU C 464 -21.64 -41.03 21.16
CA LEU C 464 -20.52 -41.27 22.08
C LEU C 464 -19.73 -39.97 22.26
N ILE C 465 -19.90 -38.96 21.42
CA ILE C 465 -19.26 -37.65 21.54
C ILE C 465 -20.07 -36.70 20.67
N ALA C 466 -20.03 -35.41 20.97
CA ALA C 466 -20.46 -34.37 20.06
C ALA C 466 -19.34 -34.13 19.04
N ASN C 467 -19.43 -33.03 18.31
CA ASN C 467 -18.33 -32.68 17.42
C ASN C 467 -17.43 -31.62 18.03
N GLU C 468 -18.01 -30.47 18.41
CA GLU C 468 -17.19 -29.37 18.90
C GLU C 468 -16.53 -29.70 20.22
N VAL C 469 -17.07 -30.65 20.99
CA VAL C 469 -16.49 -30.97 22.28
C VAL C 469 -15.16 -31.72 22.11
N ALA C 470 -15.16 -32.74 21.24
CA ALA C 470 -13.92 -33.47 21.01
C ALA C 470 -12.88 -32.63 20.28
N VAL C 471 -13.31 -31.57 19.60
CA VAL C 471 -12.35 -30.66 19.00
C VAL C 471 -11.76 -29.74 20.07
N ARG C 472 -12.62 -29.19 20.92
CA ARG C 472 -12.14 -28.25 21.93
C ARG C 472 -11.23 -28.95 22.94
N TYR C 473 -11.58 -30.16 23.35
CA TYR C 473 -10.77 -30.88 24.32
C TYR C 473 -9.37 -31.12 23.78
N LEU C 474 -9.28 -31.63 22.54
CA LEU C 474 -7.98 -31.93 21.96
C LEU C 474 -7.19 -30.65 21.70
N ARG C 475 -7.86 -29.58 21.27
CA ARG C 475 -7.14 -28.35 21.02
C ARG C 475 -6.62 -27.73 22.32
N CYS C 476 -7.38 -27.87 23.41
CA CYS C 476 -6.87 -27.43 24.71
C CYS C 476 -5.63 -28.21 25.10
N ILE C 477 -5.69 -29.54 24.96
CA ILE C 477 -4.50 -30.35 25.26
C ILE C 477 -3.32 -29.92 24.41
N SER C 478 -3.57 -29.65 23.13
CA SER C 478 -2.48 -29.27 22.24
C SER C 478 -1.87 -27.94 22.64
N GLN C 479 -2.71 -26.95 22.94
CA GLN C 479 -2.17 -25.65 23.32
C GLN C 479 -1.44 -25.72 24.65
N ALA C 480 -1.89 -26.56 25.57
CA ALA C 480 -1.17 -26.73 26.82
C ALA C 480 0.21 -27.32 26.57
N LEU C 481 0.29 -28.36 25.74
CA LEU C 481 1.59 -28.92 25.38
C LEU C 481 2.46 -27.86 24.71
N GLY C 482 1.85 -27.02 23.88
CA GLY C 482 2.61 -26.01 23.18
C GLY C 482 3.23 -24.99 24.12
N TRP C 483 2.42 -24.48 25.06
CA TRP C 483 2.96 -23.52 26.01
C TRP C 483 4.04 -24.16 26.88
N CYS C 484 3.81 -25.39 27.35
CA CYS C 484 4.83 -26.06 28.14
C CYS C 484 6.12 -26.21 27.35
N PHE C 485 6.02 -26.56 26.06
CA PHE C 485 7.21 -26.74 25.26
C PHE C 485 7.94 -25.43 25.03
N VAL C 486 7.20 -24.36 24.77
CA VAL C 486 7.86 -23.07 24.56
C VAL C 486 8.58 -22.64 25.82
N LEU C 487 7.95 -22.85 26.98
CA LEU C 487 8.60 -22.53 28.24
C LEU C 487 9.87 -23.36 28.41
N LEU C 488 9.82 -24.65 28.05
CA LEU C 488 10.99 -25.51 28.19
C LEU C 488 12.13 -25.04 27.30
N MET C 489 11.84 -24.76 26.03
CA MET C 489 12.88 -24.31 25.13
C MET C 489 13.44 -22.97 25.57
N THR C 490 12.59 -22.08 26.09
CA THR C 490 13.09 -20.77 26.50
C THR C 490 13.95 -20.88 27.75
N THR C 491 13.58 -21.74 28.69
CA THR C 491 14.43 -21.86 29.87
C THR C 491 15.75 -22.54 29.52
N LEU C 492 15.75 -23.47 28.57
CA LEU C 492 17.03 -24.00 28.11
C LEU C 492 17.87 -22.90 27.46
N ALA C 493 17.26 -22.07 26.63
CA ALA C 493 17.99 -21.00 25.98
C ALA C 493 18.55 -20.01 27.00
N PHE C 494 17.80 -19.76 28.08
CA PHE C 494 18.29 -18.85 29.12
C PHE C 494 19.38 -19.48 29.96
N LEU C 495 19.31 -20.80 30.16
CA LEU C 495 20.32 -21.48 30.95
C LEU C 495 21.61 -21.72 30.17
N VAL C 496 21.54 -21.67 28.84
CA VAL C 496 22.74 -21.87 28.03
C VAL C 496 23.52 -20.57 27.86
N ARG C 497 22.83 -19.45 27.66
CA ARG C 497 23.51 -18.19 27.39
C ARG C 497 24.02 -17.50 28.65
N SER C 498 24.17 -18.23 29.75
CA SER C 498 24.74 -17.63 30.96
C SER C 498 25.78 -18.54 31.60
N LEU C 499 25.80 -19.81 31.23
CA LEU C 499 26.52 -20.81 32.00
C LEU C 499 27.71 -21.39 31.24
N ARG C 500 28.27 -22.46 31.82
CA ARG C 500 29.50 -23.20 31.56
C ARG C 500 29.77 -23.76 30.15
N PRO C 501 28.75 -24.08 29.31
CA PRO C 501 29.06 -24.91 28.13
C PRO C 501 29.99 -24.24 27.12
N CYS C 502 31.29 -24.34 27.38
CA CYS C 502 32.35 -23.90 26.48
C CYS C 502 32.26 -22.39 26.22
N PHE C 503 32.47 -21.63 27.30
CA PHE C 503 32.53 -20.17 27.23
C PHE C 503 33.85 -19.63 27.77
N THR C 504 34.83 -20.50 28.05
CA THR C 504 36.13 -20.04 28.49
C THR C 504 36.74 -19.11 27.45
N GLN C 505 37.22 -17.95 27.91
CA GLN C 505 37.54 -16.87 26.99
C GLN C 505 38.60 -17.26 25.96
N ALA C 506 39.50 -18.17 26.32
CA ALA C 506 40.58 -18.54 25.40
C ALA C 506 40.03 -19.14 24.12
N VAL C 507 39.15 -20.13 24.26
CA VAL C 507 38.59 -20.78 23.07
C VAL C 507 37.73 -19.80 22.29
N PHE C 508 37.01 -18.92 22.99
CA PHE C 508 36.20 -17.92 22.30
C PHE C 508 37.06 -17.02 21.43
N LEU C 509 38.16 -16.53 21.99
CA LEU C 509 39.05 -15.68 21.23
C LEU C 509 39.65 -16.42 20.04
N LYS C 510 40.09 -17.66 20.27
CA LYS C 510 40.65 -18.43 19.16
C LYS C 510 39.62 -18.60 18.06
N SER C 511 38.36 -18.84 18.42
CA SER C 511 37.31 -19.01 17.43
C SER C 511 37.09 -17.74 16.64
N ARG C 512 36.97 -16.61 17.33
CA ARG C 512 36.77 -15.35 16.63
C ARG C 512 37.93 -15.05 15.69
N TYR C 513 39.15 -15.32 16.15
CA TYR C 513 40.33 -15.10 15.31
C TYR C 513 40.26 -15.95 14.05
N TRP C 514 39.93 -17.24 14.23
CA TRP C 514 39.84 -18.14 13.09
C TRP C 514 38.79 -17.67 12.10
N SER C 515 37.62 -17.26 12.62
CA SER C 515 36.52 -16.83 11.76
C SER C 515 36.83 -15.55 11.02
N HIS C 516 37.61 -14.65 11.63
CA HIS C 516 38.02 -13.47 10.90
C HIS C 516 39.07 -13.80 9.87
N TYR C 517 40.00 -14.69 10.20
CA TYR C 517 41.10 -15.01 9.31
C TYR C 517 40.62 -15.69 8.04
N ILE C 518 39.62 -16.56 8.15
CA ILE C 518 39.13 -17.26 6.97
C ILE C 518 38.54 -16.29 5.97
N ASP C 519 37.70 -15.36 6.45
CA ASP C 519 37.08 -14.40 5.55
C ASP C 519 38.11 -13.45 4.97
N ILE C 520 39.05 -12.99 5.79
CA ILE C 520 40.08 -12.08 5.27
C ILE C 520 40.90 -12.77 4.20
N GLU C 521 41.23 -14.06 4.42
CA GLU C 521 42.00 -14.80 3.43
C GLU C 521 41.24 -14.89 2.12
N ARG C 522 39.97 -15.26 2.17
CA ARG C 522 39.18 -15.36 0.94
C ARG C 522 39.14 -14.03 0.21
N LYS C 523 38.87 -12.94 0.95
CA LYS C 523 38.74 -11.63 0.31
C LYS C 523 40.06 -11.22 -0.34
N LEU C 524 41.18 -11.36 0.39
CA LEU C 524 42.44 -10.87 -0.15
C LEU C 524 42.91 -11.74 -1.31
N PHE C 525 42.65 -13.05 -1.26
CA PHE C 525 42.95 -13.88 -2.42
C PHE C 525 42.17 -13.43 -3.63
N ASP C 526 40.87 -13.16 -3.45
CA ASP C 526 40.09 -12.64 -4.56
C ASP C 526 40.70 -11.35 -5.10
N GLU C 527 41.15 -10.47 -4.21
CA GLU C 527 41.73 -9.20 -4.64
C GLU C 527 42.96 -9.42 -5.51
N THR C 528 43.95 -10.13 -4.98
CA THR C 528 45.19 -10.32 -5.72
C THR C 528 44.95 -11.09 -7.01
N CYS C 529 44.00 -12.03 -6.99
CA CYS C 529 43.68 -12.79 -8.20
C CYS C 529 43.11 -11.88 -9.27
N ALA C 530 42.17 -11.01 -8.87
CA ALA C 530 41.62 -10.05 -9.82
C ALA C 530 42.72 -9.16 -10.39
N GLU C 531 43.67 -8.76 -9.55
CA GLU C 531 44.73 -7.86 -10.04
C GLU C 531 45.62 -8.56 -11.07
N HIS C 532 46.13 -9.74 -10.73
CA HIS C 532 46.95 -10.48 -11.68
C HIS C 532 46.19 -10.76 -12.96
N ALA C 533 44.90 -11.07 -12.84
CA ALA C 533 44.10 -11.31 -14.03
C ALA C 533 43.96 -10.06 -14.88
N LYS C 534 43.80 -8.90 -14.23
CA LYS C 534 43.69 -7.66 -14.99
C LYS C 534 44.97 -7.41 -15.78
N SER C 535 46.12 -7.63 -15.15
CA SER C 535 47.38 -7.46 -15.87
C SER C 535 47.44 -8.40 -17.07
N PHE C 536 47.14 -9.68 -16.85
CA PHE C 536 47.19 -10.65 -17.94
C PHE C 536 46.25 -10.26 -19.07
N ALA C 537 45.05 -9.78 -18.73
CA ALA C 537 44.06 -9.44 -19.75
C ALA C 537 44.49 -8.21 -20.54
N LYS C 538 45.08 -7.23 -19.87
CA LYS C 538 45.61 -6.08 -20.59
C LYS C 538 46.72 -6.53 -21.53
N VAL C 539 47.51 -7.51 -21.12
CA VAL C 539 48.53 -8.04 -22.04
C VAL C 539 47.87 -8.66 -23.26
N CYS C 540 46.80 -9.42 -23.04
CA CYS C 540 46.25 -10.21 -24.14
C CYS C 540 45.42 -9.37 -25.11
N ILE C 541 44.69 -8.37 -24.60
CA ILE C 541 43.66 -7.71 -25.42
C ILE C 541 44.30 -6.89 -26.53
N GLN C 542 45.37 -6.16 -26.23
CA GLN C 542 45.82 -5.09 -27.10
C GLN C 542 46.53 -5.58 -28.35
N GLN C 543 46.37 -6.85 -28.72
CA GLN C 543 46.87 -7.29 -30.02
C GLN C 543 45.99 -6.80 -31.17
N PHE C 544 44.79 -6.31 -30.86
CA PHE C 544 43.88 -5.82 -31.88
C PHE C 544 43.70 -4.31 -31.78
N ILE D 318 15.03 -1.69 22.24
CA ILE D 318 14.66 -3.04 21.85
C ILE D 318 13.34 -3.44 22.51
N CYS D 319 13.08 -2.87 23.69
CA CYS D 319 11.88 -3.24 24.43
C CYS D 319 10.62 -2.78 23.73
N GLY D 320 10.71 -1.75 22.87
CA GLY D 320 9.56 -1.34 22.10
C GLY D 320 9.12 -2.40 21.11
N ILE D 321 10.07 -2.95 20.35
CA ILE D 321 9.74 -4.03 19.42
C ILE D 321 9.27 -5.25 20.20
N MET D 322 9.74 -5.41 21.43
CA MET D 322 9.28 -6.52 22.26
C MET D 322 7.82 -6.35 22.64
N ALA D 323 7.44 -5.14 23.05
CA ALA D 323 6.04 -4.89 23.40
C ALA D 323 5.13 -5.05 22.19
N LEU D 324 5.53 -4.47 21.05
CA LEU D 324 4.72 -4.63 19.84
C LEU D 324 4.61 -6.09 19.44
N ALA D 325 5.70 -6.85 19.55
CA ALA D 325 5.67 -8.26 19.19
C ALA D 325 4.78 -9.06 20.13
N SER D 326 4.80 -8.72 21.42
CA SER D 326 3.93 -9.42 22.36
C SER D 326 2.46 -9.15 22.07
N ALA D 327 2.12 -7.89 21.81
CA ALA D 327 0.73 -7.58 21.49
C ALA D 327 0.29 -8.25 20.19
N GLN D 328 1.14 -8.23 19.16
CA GLN D 328 0.77 -8.85 17.89
C GLN D 328 0.68 -10.37 18.03
N LEU D 329 1.53 -10.96 18.87
CA LEU D 329 1.45 -12.39 19.11
C LEU D 329 0.15 -12.75 19.81
N TYR D 330 -0.27 -11.93 20.78
CA TYR D 330 -1.59 -12.15 21.38
C TYR D 330 -2.68 -12.00 20.35
N SER D 331 -2.49 -11.13 19.35
CA SER D 331 -3.43 -11.02 18.25
C SER D 331 -3.42 -12.24 17.34
N ALA D 332 -2.50 -13.17 17.54
CA ALA D 332 -2.40 -14.38 16.73
C ALA D 332 -2.43 -15.66 17.56
N PHE D 333 -3.06 -15.63 18.73
CA PHE D 333 -3.22 -16.80 19.58
C PHE D 333 -4.70 -17.17 19.59
N ASP D 334 -5.01 -18.33 19.03
CA ASP D 334 -6.40 -18.76 18.87
C ASP D 334 -6.92 -19.26 20.21
N PHE D 335 -7.56 -18.37 20.95
CA PHE D 335 -8.10 -18.74 22.26
C PHE D 335 -9.35 -19.59 22.10
N ASN D 336 -9.51 -20.54 23.01
CA ASN D 336 -10.69 -21.38 23.06
C ASN D 336 -10.71 -22.13 24.39
N CYS D 337 -11.90 -22.33 24.92
CA CYS D 337 -12.05 -22.85 26.27
C CYS D 337 -12.52 -24.29 26.26
N PRO D 338 -11.84 -25.18 26.94
CA PRO D 338 -12.40 -26.51 27.14
C PRO D 338 -13.55 -26.44 28.11
N CYS D 339 -14.77 -26.54 27.59
CA CYS D 339 -15.96 -26.32 28.41
C CYS D 339 -16.13 -27.55 29.31
N LEU D 340 -15.31 -27.61 30.35
CA LEU D 340 -15.29 -28.72 31.28
C LEU D 340 -15.37 -28.19 32.70
N PRO D 341 -15.87 -28.97 33.64
CA PRO D 341 -16.17 -28.42 34.97
C PRO D 341 -14.95 -27.98 35.76
N ARG D 342 -13.77 -28.53 35.49
CA ARG D 342 -12.66 -28.29 36.40
C ARG D 342 -11.44 -27.70 35.69
N TYR D 343 -11.22 -28.10 34.43
CA TYR D 343 -10.01 -27.68 33.75
C TYR D 343 -10.00 -26.19 33.42
N ASN D 344 -11.13 -25.51 33.52
CA ASN D 344 -11.17 -24.08 33.23
C ASN D 344 -10.20 -23.31 34.11
N LEU D 345 -10.34 -23.43 35.43
CA LEU D 345 -9.49 -22.68 36.35
C LEU D 345 -8.01 -22.87 36.05
N ALA D 346 -7.66 -23.98 35.40
CA ALA D 346 -6.27 -24.27 35.05
C ALA D 346 -5.97 -23.97 33.60
N TYR D 347 -6.87 -23.30 32.89
CA TYR D 347 -6.58 -22.88 31.53
C TYR D 347 -6.58 -21.37 31.38
N GLY D 348 -7.59 -20.70 31.93
CA GLY D 348 -7.55 -19.25 31.94
C GLY D 348 -6.33 -18.73 32.66
N LEU D 349 -6.09 -19.21 33.89
CA LEU D 349 -4.90 -18.80 34.61
C LEU D 349 -3.63 -19.20 33.86
N GLY D 350 -3.67 -20.31 33.13
CA GLY D 350 -2.51 -20.71 32.36
C GLY D 350 -2.17 -19.69 31.30
N VAL D 351 -3.14 -19.38 30.44
CA VAL D 351 -2.94 -18.39 29.40
C VAL D 351 -2.61 -17.03 30.01
N LEU D 352 -3.06 -16.79 31.23
CA LEU D 352 -2.79 -15.50 31.87
C LEU D 352 -1.39 -15.41 32.44
N LEU D 353 -0.82 -16.51 32.92
CA LEU D 353 0.42 -16.46 33.69
C LEU D 353 1.64 -17.01 32.98
N VAL D 354 1.51 -18.08 32.20
CA VAL D 354 2.70 -18.72 31.63
C VAL D 354 3.38 -17.85 30.58
N PRO D 355 2.67 -17.30 29.60
CA PRO D 355 3.33 -16.45 28.61
C PRO D 355 4.02 -15.24 29.24
N PRO D 356 3.48 -14.65 30.30
CA PRO D 356 4.27 -13.66 31.04
C PRO D 356 5.61 -14.20 31.51
N LEU D 357 5.64 -15.41 32.06
CA LEU D 357 6.91 -15.97 32.52
C LEU D 357 7.86 -16.18 31.35
N ILE D 358 7.35 -16.67 30.23
CA ILE D 358 8.20 -16.90 29.06
C ILE D 358 8.79 -15.58 28.57
N LEU D 359 7.96 -14.53 28.49
CA LEU D 359 8.46 -13.25 28.04
C LEU D 359 9.45 -12.65 29.03
N PHE D 360 9.22 -12.86 30.33
CA PHE D 360 10.14 -12.33 31.33
C PHE D 360 11.49 -13.02 31.26
N LEU D 361 11.53 -14.31 30.91
CA LEU D 361 12.83 -14.95 30.72
C LEU D 361 13.47 -14.54 29.42
N LEU D 362 12.67 -14.37 28.36
CA LEU D 362 13.21 -13.89 27.10
C LEU D 362 13.79 -12.49 27.23
N GLY D 363 13.29 -11.71 28.19
CA GLY D 363 13.91 -10.44 28.49
C GLY D 363 15.34 -10.57 29.01
N PHE D 364 15.69 -11.72 29.58
CA PHE D 364 17.07 -11.99 29.99
C PHE D 364 17.88 -12.64 28.90
N VAL D 365 17.26 -13.47 28.06
CA VAL D 365 18.01 -14.11 26.99
C VAL D 365 18.56 -13.06 26.02
N LEU D 366 17.70 -12.19 25.52
CA LEU D 366 18.10 -11.27 24.46
C LEU D 366 19.07 -10.20 24.94
N ASN D 367 19.20 -10.00 26.25
CA ASN D 367 20.14 -9.01 26.74
C ASN D 367 21.56 -9.56 26.71
N ASN D 368 22.53 -8.65 26.66
CA ASN D 368 23.93 -9.03 26.53
C ASN D 368 24.69 -8.97 27.84
N ASN D 369 24.32 -8.07 28.75
CA ASN D 369 25.07 -7.92 30.00
C ASN D 369 24.92 -9.16 30.87
N VAL D 370 23.94 -10.02 30.57
CA VAL D 370 23.62 -11.12 31.46
C VAL D 370 24.80 -12.05 31.64
N SER D 371 25.56 -12.27 30.57
CA SER D 371 26.73 -13.16 30.67
C SER D 371 27.74 -12.62 31.66
N MET D 372 28.06 -11.33 31.55
CA MET D 372 29.01 -10.70 32.47
C MET D 372 28.52 -10.81 33.90
N LEU D 373 27.25 -10.50 34.13
CA LEU D 373 26.72 -10.53 35.49
C LEU D 373 26.77 -11.95 36.06
N ALA D 374 26.39 -12.94 35.26
CA ALA D 374 26.46 -14.32 35.72
C ALA D 374 27.91 -14.70 36.05
N GLU D 375 28.84 -14.32 35.18
CA GLU D 375 30.24 -14.68 35.40
C GLU D 375 30.76 -14.05 36.68
N GLU D 376 30.42 -12.79 36.92
CA GLU D 376 30.91 -12.12 38.13
C GLU D 376 30.24 -12.66 39.37
N TRP D 377 28.97 -13.06 39.27
CA TRP D 377 28.28 -13.60 40.44
C TRP D 377 28.73 -15.03 40.73
N ARG D 378 29.34 -15.69 39.75
CA ARG D 378 29.78 -17.06 39.96
C ARG D 378 30.86 -17.14 41.03
N ARG D 379 31.94 -16.39 40.87
CA ARG D 379 33.04 -16.44 41.82
C ARG D 379 32.61 -15.87 43.17
N PRO D 380 32.72 -16.63 44.26
CA PRO D 380 32.42 -16.12 45.61
C PRO D 380 33.53 -15.23 46.14
N ASP D 387 32.45 -4.61 40.88
CA ASP D 387 32.69 -4.17 42.25
C ASP D 387 31.61 -4.70 43.19
N ALA D 388 31.42 -3.99 44.31
CA ALA D 388 30.56 -4.51 45.37
C ALA D 388 29.08 -4.34 45.03
N ALA D 389 28.63 -3.10 44.86
CA ALA D 389 27.21 -2.81 44.69
C ALA D 389 26.83 -2.45 43.27
N VAL D 390 27.80 -2.14 42.40
CA VAL D 390 27.47 -1.81 41.03
C VAL D 390 26.82 -2.99 40.33
N LEU D 391 27.24 -4.22 40.67
CA LEU D 391 26.55 -5.39 40.16
C LEU D 391 25.08 -5.37 40.58
N ARG D 392 24.81 -5.02 41.84
CA ARG D 392 23.44 -4.97 42.31
C ARG D 392 22.62 -3.97 41.50
N TYR D 393 23.20 -2.81 41.19
CA TYR D 393 22.46 -1.85 40.39
C TYR D 393 22.22 -2.36 38.98
N MET D 394 23.24 -2.98 38.38
CA MET D 394 23.06 -3.51 37.03
C MET D 394 21.94 -4.54 37.00
N PHE D 395 21.87 -5.38 38.03
CA PHE D 395 20.85 -6.40 38.08
C PHE D 395 19.47 -5.79 38.29
N CYS D 396 19.35 -4.88 39.26
CA CYS D 396 18.07 -4.24 39.53
C CYS D 396 17.65 -3.30 38.41
N SER D 397 18.54 -2.98 37.48
CA SER D 397 18.13 -2.24 36.30
C SER D 397 17.72 -3.15 35.17
N MET D 398 18.44 -4.25 34.97
CA MET D 398 18.05 -5.18 33.92
C MET D 398 16.70 -5.81 34.21
N VAL D 399 16.41 -6.09 35.48
CA VAL D 399 15.11 -6.65 35.83
C VAL D 399 14.00 -5.69 35.44
N GLN D 400 14.15 -4.42 35.80
CA GLN D 400 13.14 -3.42 35.45
C GLN D 400 13.02 -3.29 33.94
N ARG D 401 14.15 -3.32 33.23
CA ARG D 401 14.10 -3.20 31.78
C ARG D 401 13.33 -4.35 31.16
N ALA D 402 13.47 -5.54 31.70
CA ALA D 402 12.80 -6.71 31.14
C ALA D 402 11.36 -6.86 31.62
N MET D 403 10.97 -6.22 32.71
CA MET D 403 9.65 -6.45 33.28
C MET D 403 8.50 -5.88 32.45
N ILE D 404 8.76 -5.07 31.42
CA ILE D 404 7.67 -4.35 30.77
C ILE D 404 6.97 -5.15 29.68
N ALA D 405 7.44 -6.33 29.33
CA ALA D 405 6.71 -7.15 28.36
C ALA D 405 5.58 -7.92 29.02
N PRO D 406 5.79 -8.61 30.14
CA PRO D 406 4.66 -9.29 30.78
C PRO D 406 3.58 -8.34 31.25
N ALA D 407 3.94 -7.13 31.64
CA ALA D 407 2.91 -6.15 32.01
C ALA D 407 1.99 -5.87 30.83
N VAL D 408 2.56 -5.64 29.65
CA VAL D 408 1.74 -5.39 28.46
C VAL D 408 0.90 -6.61 28.13
N TRP D 409 1.49 -7.80 28.22
CA TRP D 409 0.71 -9.00 27.91
C TRP D 409 -0.48 -9.15 28.84
N VAL D 410 -0.25 -9.06 30.14
CA VAL D 410 -1.34 -9.19 31.10
C VAL D 410 -2.38 -8.09 30.89
N SER D 411 -1.91 -6.88 30.59
CA SER D 411 -2.84 -5.78 30.36
C SER D 411 -3.78 -6.07 29.21
N VAL D 412 -3.24 -6.41 28.04
CA VAL D 412 -4.12 -6.61 26.90
C VAL D 412 -4.97 -7.85 27.08
N THR D 413 -4.44 -8.91 27.68
CA THR D 413 -5.25 -10.11 27.83
C THR D 413 -6.24 -10.02 28.98
N LEU D 414 -6.17 -8.98 29.80
CA LEU D 414 -7.28 -8.69 30.70
C LEU D 414 -8.27 -7.74 30.08
N LEU D 415 -7.81 -6.81 29.25
CA LEU D 415 -8.75 -5.89 28.61
C LEU D 415 -9.61 -6.60 27.58
N ASP D 416 -9.11 -7.64 26.94
CA ASP D 416 -9.96 -8.38 26.01
C ASP D 416 -11.04 -9.16 26.74
N GLY D 417 -10.69 -9.81 27.84
CA GLY D 417 -11.65 -10.40 28.74
C GLY D 417 -11.85 -11.88 28.61
N LYS D 418 -11.39 -12.50 27.52
CA LYS D 418 -11.63 -13.92 27.32
C LYS D 418 -11.01 -14.76 28.42
N CYS D 419 -9.90 -14.29 29.02
CA CYS D 419 -9.22 -15.09 30.02
C CYS D 419 -10.07 -15.26 31.27
N ILE D 420 -10.56 -14.15 31.83
CA ILE D 420 -11.37 -14.25 33.04
C ILE D 420 -12.70 -14.92 32.74
N THR D 421 -13.30 -14.61 31.58
CA THR D 421 -14.51 -15.31 31.18
C THR D 421 -14.29 -16.81 31.16
N CYS D 422 -13.10 -17.25 30.75
CA CYS D 422 -12.81 -18.67 30.73
C CYS D 422 -12.56 -19.22 32.12
N ALA D 423 -11.95 -18.43 32.99
CA ALA D 423 -11.52 -18.93 34.30
C ALA D 423 -12.66 -18.94 35.31
N PHE D 424 -13.16 -17.77 35.66
CA PHE D 424 -14.17 -17.68 36.72
C PHE D 424 -15.58 -17.71 36.14
N CYS D 425 -15.84 -18.69 35.29
CA CYS D 425 -17.20 -18.87 34.80
C CYS D 425 -17.99 -19.82 35.66
N THR D 426 -17.34 -20.78 36.29
CA THR D 426 -18.00 -21.77 37.12
C THR D 426 -18.22 -21.29 38.55
N SER D 427 -18.23 -19.98 38.77
CA SER D 427 -18.37 -19.48 40.13
C SER D 427 -19.33 -18.30 40.28
N LEU D 428 -19.77 -17.65 39.21
CA LEU D 428 -20.57 -16.45 39.36
C LEU D 428 -21.90 -16.78 40.05
N PRO D 429 -22.38 -15.89 40.91
CA PRO D 429 -23.61 -16.20 41.66
C PRO D 429 -24.84 -16.15 40.77
N VAL D 430 -25.39 -17.33 40.46
CA VAL D 430 -26.57 -17.39 39.61
C VAL D 430 -27.82 -17.09 40.42
N GLU D 431 -27.76 -17.28 41.73
CA GLU D 431 -28.95 -17.18 42.57
C GLU D 431 -29.54 -15.78 42.58
N ALA D 432 -28.69 -14.76 42.78
CA ALA D 432 -29.21 -13.42 43.02
C ALA D 432 -28.89 -12.44 41.90
N LEU D 433 -27.62 -12.31 41.54
CA LEU D 433 -27.20 -11.23 40.65
C LEU D 433 -27.88 -11.33 39.29
N GLY D 434 -27.53 -12.34 38.51
CA GLY D 434 -28.08 -12.47 37.17
C GLY D 434 -29.00 -13.67 37.07
N PRO D 442 -29.60 -30.22 40.74
CA PRO D 442 -28.36 -30.98 40.92
C PRO D 442 -27.16 -30.05 40.84
N GLN D 443 -26.46 -29.89 41.97
CA GLN D 443 -25.33 -28.95 42.03
C GLN D 443 -24.26 -29.31 41.01
N GLY D 444 -23.98 -30.59 40.83
CA GLY D 444 -22.98 -30.99 39.85
C GLY D 444 -23.37 -30.60 38.44
N GLU D 445 -24.63 -30.85 38.07
CA GLU D 445 -25.11 -30.42 36.77
C GLU D 445 -25.06 -28.90 36.64
N VAL D 446 -25.35 -28.18 37.72
CA VAL D 446 -25.25 -26.73 37.69
C VAL D 446 -23.83 -26.32 37.35
N LYS D 447 -22.85 -26.92 38.04
CA LYS D 447 -21.46 -26.64 37.72
C LYS D 447 -21.15 -26.96 36.27
N ARG D 448 -21.69 -28.07 35.76
CA ARG D 448 -21.43 -28.44 34.38
C ARG D 448 -21.93 -27.37 33.42
N VAL D 449 -23.17 -26.94 33.59
CA VAL D 449 -23.72 -25.95 32.67
C VAL D 449 -22.96 -24.64 32.79
N LEU D 450 -22.86 -24.09 34.00
CA LEU D 450 -22.15 -22.84 34.17
C LEU D 450 -20.72 -22.93 33.64
N ALA D 451 -20.12 -24.11 33.69
CA ALA D 451 -18.83 -24.29 33.05
C ALA D 451 -18.96 -24.19 31.54
N ARG D 452 -20.05 -24.70 30.99
CA ARG D 452 -20.23 -24.60 29.57
C ARG D 452 -20.54 -23.19 29.11
N ILE D 453 -20.86 -22.29 30.04
CA ILE D 453 -21.28 -20.92 29.71
C ILE D 453 -20.43 -20.24 28.65
N PRO D 454 -19.13 -20.09 28.81
CA PRO D 454 -18.39 -19.16 27.98
C PRO D 454 -18.11 -19.70 26.58
N CYS D 455 -18.03 -18.76 25.64
CA CYS D 455 -17.50 -18.95 24.30
C CYS D 455 -18.05 -20.18 23.60
N LYS D 456 -19.31 -20.52 23.81
CA LYS D 456 -19.86 -21.71 23.18
C LYS D 456 -21.29 -21.43 22.73
N GLU D 457 -21.69 -22.12 21.68
CA GLU D 457 -23.09 -22.20 21.24
C GLU D 457 -23.66 -23.55 21.59
N ILE D 458 -23.14 -24.15 22.67
CA ILE D 458 -23.58 -25.45 23.15
C ILE D 458 -24.14 -25.27 24.55
N TYR D 459 -24.36 -24.01 24.92
CA TYR D 459 -24.87 -23.64 26.23
C TYR D 459 -26.32 -24.09 26.34
N ASP D 460 -26.69 -24.61 27.51
CA ASP D 460 -28.06 -25.07 27.72
C ASP D 460 -29.07 -23.98 27.43
N GLY D 461 -28.75 -22.75 27.83
CA GLY D 461 -29.58 -21.62 27.46
C GLY D 461 -30.24 -20.89 28.60
N GLN D 462 -31.56 -20.94 28.64
CA GLN D 462 -32.33 -20.05 29.51
C GLN D 462 -32.05 -20.30 30.98
N GLU D 463 -31.63 -21.52 31.33
CA GLU D 463 -31.78 -21.93 32.72
C GLU D 463 -30.73 -21.28 33.62
N LEU D 464 -31.24 -20.59 34.63
CA LEU D 464 -30.49 -20.05 35.77
C LEU D 464 -29.67 -18.85 35.32
N ILE D 465 -29.46 -18.64 34.02
CA ILE D 465 -28.77 -17.48 33.46
C ILE D 465 -29.16 -17.41 31.99
N ALA D 466 -29.09 -16.23 31.40
CA ALA D 466 -29.09 -16.07 29.95
C ALA D 466 -27.70 -16.39 29.42
N ASN D 467 -27.45 -16.03 28.17
CA ASN D 467 -26.09 -16.19 27.64
C ASN D 467 -25.33 -14.87 27.68
N GLU D 468 -25.88 -13.83 27.03
CA GLU D 468 -25.14 -12.58 26.92
C GLU D 468 -24.96 -11.90 28.27
N VAL D 469 -25.80 -12.21 29.26
CA VAL D 469 -25.69 -11.56 30.56
C VAL D 469 -24.46 -12.08 31.31
N ALA D 470 -24.29 -13.40 31.36
CA ALA D 470 -23.13 -13.95 32.03
C ALA D 470 -21.84 -13.64 31.29
N VAL D 471 -21.91 -13.32 30.00
CA VAL D 471 -20.73 -12.88 29.29
C VAL D 471 -20.41 -11.43 29.64
N ARG D 472 -21.44 -10.57 29.62
CA ARG D 472 -21.20 -9.16 29.88
C ARG D 472 -20.73 -8.94 31.31
N TYR D 473 -21.31 -9.65 32.28
CA TYR D 473 -20.92 -9.48 33.67
C TYR D 473 -19.45 -9.82 33.86
N LEU D 474 -19.03 -10.99 33.35
CA LEU D 474 -17.66 -11.41 33.52
C LEU D 474 -16.70 -10.51 32.75
N ARG D 475 -17.09 -10.05 31.56
CA ARG D 475 -16.20 -9.18 30.82
C ARG D 475 -16.06 -7.82 31.50
N CYS D 476 -17.12 -7.33 32.13
CA CYS D 476 -17.00 -6.11 32.91
C CYS D 476 -16.03 -6.29 34.07
N ILE D 477 -16.18 -7.41 34.80
CA ILE D 477 -15.24 -7.68 35.90
C ILE D 477 -13.81 -7.74 35.37
N SER D 478 -13.62 -8.39 34.23
CA SER D 478 -12.27 -8.53 33.68
C SER D 478 -11.69 -7.17 33.30
N GLN D 479 -12.47 -6.34 32.63
CA GLN D 479 -11.94 -5.04 32.23
C GLN D 479 -11.68 -4.15 33.43
N ALA D 480 -12.48 -4.27 34.48
CA ALA D 480 -12.20 -3.51 35.69
C ALA D 480 -10.88 -3.95 36.31
N LEU D 481 -10.66 -5.25 36.42
CA LEU D 481 -9.37 -5.74 36.91
C LEU D 481 -8.24 -5.24 36.02
N GLY D 482 -8.46 -5.22 34.71
CA GLY D 482 -7.42 -4.79 33.79
C GLY D 482 -7.03 -3.34 34.00
N TRP D 483 -8.03 -2.46 34.10
CA TRP D 483 -7.73 -1.05 34.32
C TRP D 483 -7.04 -0.85 35.66
N CYS D 484 -7.53 -1.52 36.72
CA CYS D 484 -6.88 -1.40 38.02
C CYS D 484 -5.43 -1.85 37.94
N PHE D 485 -5.16 -2.94 37.22
CA PHE D 485 -3.80 -3.45 37.14
C PHE D 485 -2.91 -2.49 36.35
N VAL D 486 -3.42 -1.93 35.26
CA VAL D 486 -2.60 -1.00 34.48
C VAL D 486 -2.27 0.22 35.32
N LEU D 487 -3.25 0.71 36.08
CA LEU D 487 -2.98 1.83 36.97
C LEU D 487 -1.92 1.47 38.01
N LEU D 488 -1.99 0.26 38.56
CA LEU D 488 -1.03 -0.17 39.56
C LEU D 488 0.38 -0.23 38.98
N MET D 489 0.53 -0.86 37.81
CA MET D 489 1.84 -0.95 37.20
C MET D 489 2.37 0.42 36.83
N THR D 490 1.50 1.31 36.36
CA THR D 490 1.97 2.64 35.97
C THR D 490 2.39 3.46 37.17
N THR D 491 1.66 3.35 38.29
CA THR D 491 2.08 4.11 39.46
C THR D 491 3.37 3.55 40.05
N LEU D 492 3.57 2.23 39.97
CA LEU D 492 4.87 1.70 40.37
C LEU D 492 5.97 2.24 39.47
N ALA D 493 5.74 2.25 38.15
CA ALA D 493 6.74 2.77 37.24
C ALA D 493 7.05 4.24 37.49
N PHE D 494 6.04 5.01 37.87
CA PHE D 494 6.26 6.42 38.17
C PHE D 494 6.98 6.61 39.50
N LEU D 495 6.71 5.74 40.47
CA LEU D 495 7.35 5.84 41.77
C LEU D 495 8.78 5.33 41.75
N VAL D 496 9.14 4.50 40.77
CA VAL D 496 10.50 3.99 40.68
C VAL D 496 11.43 4.98 39.96
N ARG D 497 10.95 5.62 38.90
CA ARG D 497 11.80 6.50 38.10
C ARG D 497 11.96 7.89 38.71
N SER D 498 11.68 8.06 40.01
CA SER D 498 11.91 9.34 40.65
C SER D 498 12.60 9.19 41.99
N LEU D 499 12.60 7.99 42.55
CA LEU D 499 12.94 7.80 43.95
C LEU D 499 14.24 7.04 44.15
N ARG D 500 14.49 6.65 45.41
CA ARG D 500 15.66 6.08 46.07
C ARG D 500 16.29 4.79 45.52
N PRO D 501 15.56 3.88 44.82
CA PRO D 501 16.13 2.54 44.60
C PRO D 501 17.39 2.53 43.74
N CYS D 502 18.53 2.79 44.39
CA CYS D 502 19.85 2.69 43.79
C CYS D 502 20.01 3.66 42.62
N PHE D 503 19.95 4.95 42.95
CA PHE D 503 20.17 6.03 41.99
C PHE D 503 21.31 6.95 42.42
N THR D 504 22.06 6.59 43.46
CA THR D 504 23.19 7.39 43.89
C THR D 504 24.18 7.51 42.75
N GLN D 505 24.62 8.74 42.47
CA GLN D 505 25.32 9.03 41.22
C GLN D 505 26.60 8.21 41.07
N ALA D 506 27.25 7.85 42.18
CA ALA D 506 28.52 7.14 42.09
C ALA D 506 28.33 5.79 41.40
N VAL D 507 27.36 5.01 41.87
CA VAL D 507 27.13 3.70 41.28
C VAL D 507 26.67 3.84 39.84
N PHE D 508 25.86 4.86 39.55
CA PHE D 508 25.41 5.07 38.18
C PHE D 508 26.58 5.32 37.25
N LEU D 509 27.49 6.20 37.66
CA LEU D 509 28.67 6.47 36.85
C LEU D 509 29.52 5.23 36.67
N LYS D 510 29.74 4.48 37.76
CA LYS D 510 30.53 3.27 37.63
C LYS D 510 29.89 2.30 36.64
N SER D 511 28.57 2.19 36.68
CA SER D 511 27.87 1.29 35.76
C SER D 511 28.03 1.74 34.32
N ARG D 512 27.82 3.03 34.05
CA ARG D 512 27.97 3.52 32.69
C ARG D 512 29.40 3.30 32.19
N TYR D 513 30.38 3.54 33.05
CA TYR D 513 31.77 3.32 32.68
C TYR D 513 32.01 1.87 32.32
N TRP D 514 31.52 0.95 33.16
CA TRP D 514 31.70 -0.47 32.91
C TRP D 514 31.05 -0.87 31.59
N SER D 515 29.83 -0.37 31.34
CA SER D 515 29.11 -0.74 30.13
C SER D 515 29.76 -0.18 28.88
N HIS D 516 30.40 0.99 28.97
CA HIS D 516 31.13 1.49 27.83
C HIS D 516 32.42 0.70 27.62
N TYR D 517 33.10 0.35 28.71
CA TYR D 517 34.39 -0.32 28.62
C TYR D 517 34.25 -1.70 28.00
N ILE D 518 33.19 -2.43 28.34
CA ILE D 518 33.03 -3.77 27.81
C ILE D 518 32.88 -3.73 26.29
N ASP D 519 32.03 -2.84 25.79
CA ASP D 519 31.82 -2.75 24.34
C ASP D 519 33.08 -2.27 23.64
N ILE D 520 33.75 -1.28 24.21
CA ILE D 520 34.98 -0.78 23.58
C ILE D 520 36.02 -1.88 23.52
N GLU D 521 36.12 -2.68 24.59
CA GLU D 521 37.08 -3.77 24.59
C GLU D 521 36.77 -4.77 23.49
N ARG D 522 35.51 -5.19 23.38
CA ARG D 522 35.15 -6.15 22.34
C ARG D 522 35.47 -5.59 20.96
N LYS D 523 35.09 -4.33 20.71
CA LYS D 523 35.31 -3.75 19.39
C LYS D 523 36.80 -3.68 19.06
N LEU D 524 37.61 -3.19 19.99
CA LEU D 524 39.03 -3.00 19.69
C LEU D 524 39.74 -4.33 19.57
N PHE D 525 39.34 -5.33 20.35
CA PHE D 525 39.91 -6.67 20.16
C PHE D 525 39.59 -7.19 18.78
N ASP D 526 38.34 -7.03 18.34
CA ASP D 526 38.00 -7.44 16.98
C ASP D 526 38.87 -6.72 15.97
N GLU D 527 39.11 -5.43 16.17
CA GLU D 527 39.92 -4.66 15.23
C GLU D 527 41.33 -5.22 15.13
N THR D 528 42.03 -5.31 16.26
CA THR D 528 43.42 -5.77 16.22
C THR D 528 43.51 -7.20 15.74
N CYS D 529 42.52 -8.03 16.06
CA CYS D 529 42.51 -9.41 15.60
C CYS D 529 42.39 -9.47 14.08
N ALA D 530 41.47 -8.68 13.52
CA ALA D 530 41.35 -8.60 12.08
C ALA D 530 42.65 -8.15 11.44
N GLU D 531 43.34 -7.20 12.06
CA GLU D 531 44.58 -6.68 11.47
C GLU D 531 45.66 -7.76 11.44
N HIS D 532 45.92 -8.38 12.60
CA HIS D 532 46.92 -9.44 12.65
C HIS D 532 46.57 -10.56 11.69
N ALA D 533 45.29 -10.89 11.58
CA ALA D 533 44.87 -11.94 10.65
C ALA D 533 45.13 -11.53 9.21
N LYS D 534 44.90 -10.26 8.88
CA LYS D 534 45.16 -9.80 7.52
C LYS D 534 46.64 -9.95 7.18
N SER D 535 47.51 -9.58 8.12
CA SER D 535 48.94 -9.74 7.88
C SER D 535 49.28 -11.22 7.65
N PHE D 536 48.80 -12.09 8.54
CA PHE D 536 49.08 -13.52 8.40
C PHE D 536 48.58 -14.05 7.06
N ALA D 537 47.39 -13.62 6.64
CA ALA D 537 46.81 -14.14 5.40
C ALA D 537 47.58 -13.64 4.19
N LYS D 538 48.04 -12.39 4.22
CA LYS D 538 48.88 -11.91 3.14
C LYS D 538 50.18 -12.70 3.08
N VAL D 539 50.70 -13.11 4.24
CA VAL D 539 51.89 -13.95 4.23
C VAL D 539 51.59 -15.29 3.58
N CYS D 540 50.43 -15.87 3.90
CA CYS D 540 50.17 -17.23 3.45
C CYS D 540 49.78 -17.31 1.97
N ILE D 541 49.03 -16.32 1.47
CA ILE D 541 48.39 -16.48 0.17
C ILE D 541 49.41 -16.46 -0.96
N GLN D 542 50.40 -15.59 -0.88
CA GLN D 542 51.21 -15.26 -2.05
C GLN D 542 52.22 -16.34 -2.40
N GLN D 543 52.06 -17.56 -1.90
CA GLN D 543 52.88 -18.65 -2.39
C GLN D 543 52.46 -19.12 -3.77
N PHE D 544 51.29 -18.71 -4.24
CA PHE D 544 50.79 -19.09 -5.55
C PHE D 544 50.74 -17.90 -6.51
N ILE E 318 7.09 14.74 21.36
CA ILE E 318 6.72 13.41 21.83
C ILE E 318 5.23 13.36 22.15
N CYS E 319 4.67 14.51 22.55
CA CYS E 319 3.27 14.54 22.95
C CYS E 319 2.35 14.28 21.77
N GLY E 320 2.81 14.54 20.54
CA GLY E 320 2.00 14.21 19.38
C GLY E 320 1.79 12.71 19.22
N ILE E 321 2.87 11.94 19.32
CA ILE E 321 2.73 10.49 19.26
C ILE E 321 1.92 9.99 20.44
N MET E 322 1.97 10.71 21.57
CA MET E 322 1.16 10.33 22.72
C MET E 322 -0.32 10.52 22.44
N ALA E 323 -0.68 11.65 21.84
CA ALA E 323 -2.09 11.88 21.50
C ALA E 323 -2.59 10.88 20.47
N LEU E 324 -1.80 10.64 19.42
CA LEU E 324 -2.20 9.66 18.41
C LEU E 324 -2.33 8.27 19.03
N ALA E 325 -1.41 7.91 19.93
CA ALA E 325 -1.48 6.59 20.57
C ALA E 325 -2.69 6.48 21.46
N SER E 326 -3.04 7.55 22.17
CA SER E 326 -4.22 7.50 23.03
C SER E 326 -5.49 7.34 22.20
N ALA E 327 -5.61 8.09 21.11
CA ALA E 327 -6.79 7.95 20.26
C ALA E 327 -6.86 6.55 19.64
N GLN E 328 -5.74 6.03 19.15
CA GLN E 328 -5.76 4.70 18.54
C GLN E 328 -6.04 3.63 19.58
N LEU E 329 -5.56 3.81 20.81
CA LEU E 329 -5.85 2.85 21.87
C LEU E 329 -7.34 2.86 22.20
N TYR E 330 -7.96 4.05 22.24
CA TYR E 330 -9.41 4.09 22.41
C TYR E 330 -10.11 3.43 21.24
N SER E 331 -9.52 3.47 20.04
CA SER E 331 -10.05 2.74 18.91
C SER E 331 -9.89 1.23 19.04
N ALA E 332 -9.18 0.77 20.07
CA ALA E 332 -8.96 -0.65 20.29
C ALA E 332 -9.38 -1.11 21.68
N PHE E 333 -10.33 -0.42 22.30
CA PHE E 333 -10.87 -0.79 23.61
C PHE E 333 -12.30 -1.26 23.41
N ASP E 334 -12.55 -2.54 23.66
CA ASP E 334 -13.85 -3.15 23.40
C ASP E 334 -14.81 -2.74 24.51
N PHE E 335 -15.55 -1.67 24.27
CA PHE E 335 -16.51 -1.19 25.26
C PHE E 335 -17.72 -2.10 25.32
N ASN E 336 -18.26 -2.27 26.52
CA ASN E 336 -19.48 -3.03 26.74
C ASN E 336 -19.98 -2.76 28.14
N CYS E 337 -21.29 -2.73 28.30
CA CYS E 337 -21.91 -2.28 29.54
C CYS E 337 -22.50 -3.44 30.30
N PRO E 338 -22.16 -3.60 31.56
CA PRO E 338 -22.89 -4.56 32.39
C PRO E 338 -24.27 -4.05 32.68
N CYS E 339 -25.27 -4.60 32.00
CA CYS E 339 -26.63 -4.07 32.09
C CYS E 339 -27.19 -4.45 33.44
N LEU E 340 -26.75 -3.74 34.47
CA LEU E 340 -27.13 -3.99 35.85
C LEU E 340 -27.59 -2.69 36.47
N PRO E 341 -28.44 -2.76 37.50
CA PRO E 341 -29.09 -1.54 38.01
C PRO E 341 -28.13 -0.55 38.64
N ARG E 342 -26.99 -0.98 39.16
CA ARG E 342 -26.20 -0.08 39.98
C ARG E 342 -24.77 0.08 39.47
N TYR E 343 -24.21 -0.99 38.90
CA TYR E 343 -22.81 -0.97 38.52
C TYR E 343 -22.54 -0.03 37.34
N ASN E 344 -23.58 0.41 36.63
CA ASN E 344 -23.38 1.30 35.50
C ASN E 344 -22.65 2.57 35.93
N LEU E 345 -23.21 3.31 36.89
CA LEU E 345 -22.62 4.57 37.33
C LEU E 345 -21.15 4.41 37.68
N ALA E 346 -20.73 3.21 38.04
CA ALA E 346 -19.34 2.95 38.39
C ALA E 346 -18.56 2.28 37.27
N TYR E 347 -19.12 2.22 36.07
CA TYR E 347 -18.38 1.72 34.92
C TYR E 347 -18.18 2.78 33.86
N GLY E 348 -19.24 3.51 33.50
CA GLY E 348 -19.07 4.64 32.61
C GLY E 348 -18.08 5.64 33.15
N LEU E 349 -18.29 6.08 34.38
CA LEU E 349 -17.34 7.01 35.00
C LEU E 349 -15.96 6.39 35.12
N GLY E 350 -15.88 5.08 35.30
CA GLY E 350 -14.58 4.42 35.36
C GLY E 350 -13.83 4.58 34.05
N VAL E 351 -14.44 4.13 32.96
CA VAL E 351 -13.83 4.26 31.65
C VAL E 351 -13.56 5.72 31.31
N LEU E 352 -14.35 6.63 31.89
CA LEU E 352 -14.16 8.05 31.60
C LEU E 352 -13.00 8.65 32.37
N LEU E 353 -12.73 8.20 33.59
CA LEU E 353 -11.79 8.88 34.47
C LEU E 353 -10.48 8.16 34.69
N VAL E 354 -10.46 6.83 34.78
CA VAL E 354 -9.23 6.14 35.15
C VAL E 354 -8.17 6.23 34.06
N PRO E 355 -8.47 5.93 32.79
CA PRO E 355 -7.45 6.03 31.75
C PRO E 355 -6.88 7.44 31.63
N PRO E 356 -7.67 8.50 31.84
CA PRO E 356 -7.04 9.82 31.97
C PRO E 356 -5.98 9.87 33.05
N LEU E 357 -6.24 9.31 34.23
CA LEU E 357 -5.25 9.33 35.29
C LEU E 357 -4.00 8.55 34.89
N ILE E 358 -4.19 7.40 34.25
CA ILE E 358 -3.05 6.60 33.82
C ILE E 358 -2.20 7.36 32.82
N LEU E 359 -2.85 8.01 31.85
CA LEU E 359 -2.10 8.76 30.85
C LEU E 359 -1.42 9.98 31.47
N PHE E 360 -2.06 10.61 32.46
CA PHE E 360 -1.45 11.76 33.11
C PHE E 360 -0.22 11.36 33.90
N LEU E 361 -0.21 10.17 34.49
CA LEU E 361 1.01 9.72 35.17
C LEU E 361 2.06 9.28 34.17
N LEU E 362 1.65 8.65 33.08
CA LEU E 362 2.61 8.28 32.04
C LEU E 362 3.26 9.51 31.41
N GLY E 363 2.56 10.65 31.44
CA GLY E 363 3.19 11.89 31.03
C GLY E 363 4.37 12.29 31.91
N PHE E 364 4.39 11.82 33.16
CA PHE E 364 5.54 12.06 34.03
C PHE E 364 6.59 10.96 33.93
N VAL E 365 6.17 9.72 33.67
CA VAL E 365 7.16 8.65 33.55
C VAL E 365 8.08 8.91 32.37
N LEU E 366 7.51 9.15 31.19
CA LEU E 366 8.32 9.23 29.97
C LEU E 366 9.20 10.46 29.94
N ASN E 367 8.93 11.47 30.76
CA ASN E 367 9.76 12.66 30.77
C ASN E 367 11.06 12.40 31.52
N ASN E 368 12.08 13.18 31.19
CA ASN E 368 13.41 12.99 31.77
C ASN E 368 13.73 13.96 32.90
N ASN E 369 13.19 15.18 32.85
CA ASN E 369 13.51 16.17 33.87
C ASN E 369 12.98 15.77 35.23
N VAL E 370 12.06 14.80 35.26
CA VAL E 370 11.36 14.48 36.50
C VAL E 370 12.33 14.03 37.59
N SER E 371 13.36 13.28 37.20
CA SER E 371 14.34 12.82 38.18
C SER E 371 15.04 13.99 38.84
N MET E 372 15.51 14.94 38.04
CA MET E 372 16.19 16.12 38.58
C MET E 372 15.27 16.89 39.51
N LEU E 373 14.02 17.11 39.10
CA LEU E 373 13.10 17.88 39.91
C LEU E 373 12.82 17.17 41.23
N ALA E 374 12.61 15.86 41.19
CA ALA E 374 12.40 15.10 42.41
C ALA E 374 13.61 15.21 43.33
N GLU E 375 14.81 15.06 42.75
CA GLU E 375 16.02 15.11 43.56
C GLU E 375 16.18 16.46 44.23
N GLU E 376 15.92 17.54 43.49
CA GLU E 376 16.07 18.87 44.06
C GLU E 376 15.00 19.16 45.09
N TRP E 377 13.78 18.63 44.89
CA TRP E 377 12.72 18.88 45.85
C TRP E 377 12.91 18.03 47.10
N ARG E 378 13.71 16.98 47.01
CA ARG E 378 13.93 16.12 48.17
C ARG E 378 14.60 16.88 49.31
N ARG E 379 15.74 17.50 49.04
CA ARG E 379 16.48 18.19 50.09
C ARG E 379 15.72 19.43 50.54
N PRO E 380 15.40 19.56 51.83
CA PRO E 380 14.76 20.76 52.37
C PRO E 380 15.73 21.92 52.51
N ASP E 387 17.43 26.54 41.68
CA ASP E 387 17.28 27.78 42.44
C ASP E 387 15.92 27.83 43.12
N ALA E 388 15.45 29.06 43.39
CA ALA E 388 14.25 29.23 44.21
C ALA E 388 12.98 28.96 43.42
N ALA E 389 12.74 29.74 42.37
CA ALA E 389 11.48 29.67 41.64
C ALA E 389 11.60 28.99 40.29
N VAL E 390 12.82 28.80 39.77
CA VAL E 390 12.97 28.14 38.47
C VAL E 390 12.45 26.71 38.55
N LEU E 391 12.61 26.05 39.70
CA LEU E 391 12.00 24.75 39.89
C LEU E 391 10.49 24.84 39.73
N ARG E 392 9.88 25.87 40.30
CA ARG E 392 8.44 26.03 40.18
C ARG E 392 8.03 26.17 38.73
N TYR E 393 8.79 26.93 37.95
CA TYR E 393 8.43 27.07 36.54
C TYR E 393 8.60 25.75 35.80
N MET E 394 9.68 25.03 36.08
CA MET E 394 9.88 23.74 35.41
C MET E 394 8.72 22.80 35.70
N PHE E 395 8.25 22.80 36.95
CA PHE E 395 7.16 21.92 37.33
C PHE E 395 5.85 22.35 36.66
N CYS E 396 5.54 23.64 36.74
CA CYS E 396 4.31 24.14 36.13
C CYS E 396 4.35 24.09 34.62
N SER E 397 5.52 23.86 34.02
CA SER E 397 5.58 23.63 32.59
C SER E 397 5.45 22.16 32.24
N MET E 398 6.08 21.29 33.03
CA MET E 398 5.95 19.86 32.76
C MET E 398 4.51 19.40 32.95
N VAL E 399 3.82 19.95 33.95
CA VAL E 399 2.43 19.58 34.17
C VAL E 399 1.59 19.93 32.94
N GLN E 400 1.75 21.15 32.42
CA GLN E 400 1.01 21.55 31.24
C GLN E 400 1.38 20.68 30.05
N ARG E 401 2.66 20.34 29.91
CA ARG E 401 3.08 19.52 28.78
C ARG E 401 2.44 18.14 28.84
N ALA E 402 2.27 17.60 30.04
CA ALA E 402 1.69 16.27 30.18
C ALA E 402 0.17 16.27 30.18
N MET E 403 -0.47 17.41 30.42
CA MET E 403 -1.93 17.44 30.57
C MET E 403 -2.69 17.19 29.28
N ILE E 404 -2.04 17.17 28.11
CA ILE E 404 -2.79 17.17 26.86
C ILE E 404 -3.20 15.78 26.39
N ALA E 405 -2.76 14.72 27.04
CA ALA E 405 -3.23 13.39 26.66
C ALA E 405 -4.59 13.08 27.27
N PRO E 406 -4.81 13.29 28.57
CA PRO E 406 -6.14 13.04 29.12
C PRO E 406 -7.21 13.92 28.51
N ALA E 407 -6.88 15.14 28.12
CA ALA E 407 -7.86 15.99 27.45
C ALA E 407 -8.33 15.34 26.16
N VAL E 408 -7.40 14.83 25.35
CA VAL E 408 -7.79 14.17 24.10
C VAL E 408 -8.60 12.92 24.39
N TRP E 409 -8.19 12.15 25.39
CA TRP E 409 -8.95 10.94 25.70
C TRP E 409 -10.39 11.26 26.09
N VAL E 410 -10.56 12.19 27.03
CA VAL E 410 -11.91 12.56 27.46
C VAL E 410 -12.70 13.13 26.30
N SER E 411 -12.05 13.92 25.45
CA SER E 411 -12.74 14.50 24.31
C SER E 411 -13.30 13.43 23.39
N VAL E 412 -12.46 12.49 22.94
CA VAL E 412 -12.96 11.51 22.00
C VAL E 412 -13.95 10.57 22.66
N THR E 413 -13.74 10.21 23.93
CA THR E 413 -14.67 9.29 24.56
C THR E 413 -15.95 9.96 25.00
N LEU E 414 -16.04 11.28 24.95
CA LEU E 414 -17.34 11.94 25.06
C LEU E 414 -17.98 12.14 23.71
N LEU E 415 -17.20 12.38 22.67
CA LEU E 415 -17.78 12.55 21.34
C LEU E 415 -18.36 11.25 20.81
N ASP E 416 -17.79 10.11 21.18
CA ASP E 416 -18.38 8.85 20.73
C ASP E 416 -19.70 8.59 21.41
N GLY E 417 -19.78 8.83 22.72
CA GLY E 417 -21.03 8.83 23.44
C GLY E 417 -21.33 7.59 24.24
N LYS E 418 -20.62 6.49 23.99
CA LYS E 418 -20.92 5.25 24.70
C LYS E 418 -20.78 5.39 26.20
N CYS E 419 -19.86 6.25 26.65
CA CYS E 419 -19.61 6.37 28.08
C CYS E 419 -20.82 6.93 28.81
N ILE E 420 -21.35 8.07 28.35
CA ILE E 420 -22.50 8.66 29.03
C ILE E 420 -23.74 7.79 28.84
N THR E 421 -23.90 7.21 27.64
CA THR E 421 -24.99 6.27 27.44
C THR E 421 -24.93 5.14 28.46
N CYS E 422 -23.73 4.70 28.80
CA CYS E 422 -23.59 3.63 29.78
C CYS E 422 -23.85 4.13 31.20
N ALA E 423 -23.46 5.36 31.49
CA ALA E 423 -23.51 5.87 32.86
C ALA E 423 -24.90 6.35 33.24
N PHE E 424 -25.37 7.41 32.59
CA PHE E 424 -26.64 8.01 32.97
C PHE E 424 -27.80 7.46 32.16
N CYS E 425 -27.89 6.14 32.11
CA CYS E 425 -29.03 5.51 31.46
C CYS E 425 -30.14 5.23 32.44
N THR E 426 -29.82 4.99 33.70
CA THR E 426 -30.80 4.67 34.72
C THR E 426 -31.41 5.91 35.35
N SER E 427 -31.35 7.05 34.68
CA SER E 427 -31.86 8.28 35.26
C SER E 427 -32.69 9.16 34.33
N LEU E 428 -32.70 8.91 33.03
CA LEU E 428 -33.38 9.82 32.11
C LEU E 428 -34.89 9.84 32.41
N PRO E 429 -35.52 11.00 32.31
CA PRO E 429 -36.94 11.08 32.67
C PRO E 429 -37.83 10.40 31.64
N VAL E 430 -38.37 9.24 32.00
CA VAL E 430 -39.23 8.51 31.08
C VAL E 430 -40.63 9.08 31.08
N GLU E 431 -41.01 9.79 32.16
CA GLU E 431 -42.37 10.23 32.31
C GLU E 431 -42.79 11.25 31.27
N ALA E 432 -41.95 12.25 31.00
CA ALA E 432 -42.38 13.36 30.16
C ALA E 432 -41.63 13.44 28.84
N LEU E 433 -40.30 13.46 28.88
CA LEU E 433 -39.52 13.78 27.70
C LEU E 433 -39.75 12.76 26.58
N GLY E 434 -39.28 11.53 26.78
CA GLY E 434 -39.39 10.52 25.75
C GLY E 434 -40.36 9.42 26.17
N PRO E 442 -43.75 -0.95 39.16
CA PRO E 442 -42.72 -1.25 40.15
C PRO E 442 -41.47 -0.44 39.87
N GLN E 443 -41.14 0.48 40.77
CA GLN E 443 -40.00 1.38 40.55
C GLN E 443 -38.70 0.60 40.38
N GLY E 444 -38.51 -0.46 41.16
CA GLY E 444 -37.31 -1.25 41.03
C GLY E 444 -37.20 -1.91 39.67
N GLU E 445 -38.29 -2.49 39.18
CA GLU E 445 -38.29 -3.04 37.84
C GLU E 445 -38.05 -1.97 36.80
N VAL E 446 -38.60 -0.77 37.01
CA VAL E 446 -38.34 0.34 36.10
C VAL E 446 -36.85 0.61 36.03
N LYS E 447 -36.20 0.71 37.18
CA LYS E 447 -34.76 0.90 37.21
C LYS E 447 -34.05 -0.23 36.47
N ARG E 448 -34.51 -1.46 36.66
CA ARG E 448 -33.87 -2.59 36.00
C ARG E 448 -33.94 -2.45 34.49
N VAL E 449 -35.11 -2.17 33.95
CA VAL E 449 -35.25 -2.06 32.51
C VAL E 449 -34.43 -0.89 31.98
N LEU E 450 -34.66 0.31 32.53
CA LEU E 450 -33.91 1.46 32.05
C LEU E 450 -32.41 1.23 32.16
N ALA E 451 -31.98 0.44 33.14
CA ALA E 451 -30.58 0.06 33.19
C ALA E 451 -30.22 -0.83 32.02
N ARG E 452 -31.13 -1.71 31.64
CA ARG E 452 -30.85 -2.56 30.50
C ARG E 452 -30.86 -1.81 29.18
N ILE E 453 -31.35 -0.58 29.16
CA ILE E 453 -31.51 0.21 27.93
C ILE E 453 -30.31 0.15 27.00
N PRO E 454 -29.10 0.54 27.42
CA PRO E 454 -28.06 0.81 26.45
C PRO E 454 -27.41 -0.45 25.90
N CYS E 455 -26.95 -0.32 24.66
CA CYS E 455 -26.04 -1.25 24.00
C CYS E 455 -26.47 -2.70 24.11
N LYS E 456 -27.76 -2.99 24.10
CA LYS E 456 -28.21 -4.36 24.25
C LYS E 456 -29.40 -4.61 23.32
N GLU E 457 -29.51 -5.86 22.90
CA GLU E 457 -30.70 -6.38 22.21
C GLU E 457 -31.49 -7.26 23.16
N ILE E 458 -31.39 -6.96 24.46
CA ILE E 458 -32.09 -7.71 25.49
C ILE E 458 -33.04 -6.75 26.20
N TYR E 459 -33.24 -5.59 25.59
CA TYR E 459 -34.09 -4.54 26.13
C TYR E 459 -35.55 -4.99 26.06
N ASP E 460 -36.30 -4.69 27.10
CA ASP E 460 -37.71 -5.09 27.14
C ASP E 460 -38.46 -4.57 25.93
N GLY E 461 -38.17 -3.33 25.52
CA GLY E 461 -38.72 -2.82 24.29
C GLY E 461 -39.62 -1.61 24.43
N GLN E 462 -40.89 -1.80 24.08
CA GLN E 462 -41.79 -0.66 23.90
C GLN E 462 -42.01 0.11 25.19
N GLU E 463 -41.86 -0.54 26.33
CA GLU E 463 -42.47 0.01 27.53
C GLU E 463 -41.69 1.21 28.07
N LEU E 464 -42.42 2.31 28.20
CA LEU E 464 -42.01 3.54 28.89
C LEU E 464 -40.97 4.27 28.04
N ILE E 465 -40.35 3.64 27.05
CA ILE E 465 -39.40 4.25 26.13
C ILE E 465 -39.30 3.33 24.93
N ALA E 466 -38.93 3.86 23.77
CA ALA E 466 -38.47 3.06 22.64
C ALA E 466 -37.02 2.65 22.90
N ASN E 467 -36.35 2.17 21.86
CA ASN E 467 -34.93 1.89 22.00
C ASN E 467 -34.08 3.01 21.41
N GLU E 468 -34.29 3.32 20.13
CA GLU E 468 -33.43 4.30 19.48
C GLU E 468 -33.61 5.70 20.05
N VAL E 469 -34.75 5.98 20.69
CA VAL E 469 -34.98 7.31 21.23
C VAL E 469 -34.11 7.56 22.46
N ALA E 470 -34.09 6.59 23.38
CA ALA E 470 -33.26 6.75 24.57
C ALA E 470 -31.78 6.68 24.23
N VAL E 471 -31.42 6.11 23.09
CA VAL E 471 -30.03 6.13 22.67
C VAL E 471 -29.69 7.50 22.08
N ARG E 472 -30.57 8.01 21.22
CA ARG E 472 -30.28 9.29 20.57
C ARG E 472 -30.26 10.43 21.59
N TYR E 473 -31.18 10.42 22.54
CA TYR E 473 -31.23 11.48 23.54
C TYR E 473 -29.94 11.53 24.34
N LEU E 474 -29.50 10.37 24.84
CA LEU E 474 -28.30 10.32 25.65
C LEU E 474 -27.06 10.65 24.82
N ARG E 475 -27.01 10.20 23.58
CA ARG E 475 -25.85 10.50 22.76
C ARG E 475 -25.78 11.98 22.42
N CYS E 476 -26.94 12.62 22.23
CA CYS E 476 -26.95 14.08 22.03
C CYS E 476 -26.41 14.78 23.27
N ILE E 477 -26.89 14.38 24.45
CA ILE E 477 -26.37 14.99 25.68
C ILE E 477 -24.86 14.79 25.78
N SER E 478 -24.39 13.59 25.44
CA SER E 478 -22.97 13.31 25.54
C SER E 478 -22.16 14.17 24.59
N GLN E 479 -22.60 14.29 23.35
CA GLN E 479 -21.85 15.09 22.39
C GLN E 479 -21.88 16.56 22.76
N ALA E 480 -22.98 17.04 23.33
CA ALA E 480 -23.01 18.42 23.79
C ALA E 480 -22.00 18.65 24.90
N LEU E 481 -21.96 17.75 25.88
CA LEU E 481 -20.95 17.86 26.93
C LEU E 481 -19.55 17.81 26.33
N GLY E 482 -19.35 16.97 25.32
CA GLY E 482 -18.04 16.85 24.72
C GLY E 482 -17.58 18.14 24.05
N TRP E 483 -18.47 18.74 23.25
CA TRP E 483 -18.11 19.99 22.61
C TRP E 483 -17.86 21.09 23.64
N CYS E 484 -18.72 21.18 24.66
CA CYS E 484 -18.49 22.18 25.70
C CYS E 484 -17.15 21.97 26.37
N PHE E 485 -16.78 20.72 26.65
CA PHE E 485 -15.52 20.46 27.32
C PHE E 485 -14.33 20.79 26.43
N VAL E 486 -14.42 20.46 25.14
CA VAL E 486 -13.31 20.78 24.24
C VAL E 486 -13.13 22.29 24.15
N LEU E 487 -14.24 23.02 24.08
CA LEU E 487 -14.16 24.48 24.07
C LEU E 487 -13.52 24.99 25.36
N LEU E 488 -13.88 24.41 26.50
CA LEU E 488 -13.32 24.85 27.78
C LEU E 488 -11.82 24.61 27.83
N MET E 489 -11.38 23.41 27.45
CA MET E 489 -9.96 23.11 27.48
C MET E 489 -9.20 23.99 26.49
N THR E 490 -9.79 24.27 25.33
CA THR E 490 -9.08 25.09 24.35
C THR E 490 -8.99 26.54 24.81
N THR E 491 -10.03 27.07 25.44
CA THR E 491 -9.92 28.44 25.90
C THR E 491 -8.94 28.54 27.08
N LEU E 492 -8.87 27.52 27.92
CA LEU E 492 -7.82 27.52 28.94
C LEU E 492 -6.43 27.50 28.29
N ALA E 493 -6.24 26.66 27.28
CA ALA E 493 -4.95 26.59 26.61
C ALA E 493 -4.59 27.91 25.94
N PHE E 494 -5.59 28.61 25.41
CA PHE E 494 -5.33 29.91 24.79
C PHE E 494 -5.05 30.99 25.82
N LEU E 495 -5.69 30.90 26.99
CA LEU E 495 -5.49 31.89 28.03
C LEU E 495 -4.18 31.67 28.78
N VAL E 496 -3.62 30.46 28.72
CA VAL E 496 -2.35 30.19 29.39
C VAL E 496 -1.16 30.61 28.54
N ARG E 497 -1.21 30.36 27.24
CA ARG E 497 -0.07 30.63 26.37
C ARG E 497 0.04 32.10 25.96
N SER E 498 -0.61 33.00 26.68
CA SER E 498 -0.47 34.43 26.38
C SER E 498 -0.25 35.25 27.64
N LEU E 499 -0.55 34.69 28.80
CA LEU E 499 -0.68 35.48 30.02
C LEU E 499 0.41 35.18 31.03
N ARG E 500 0.21 35.72 32.24
CA ARG E 500 1.04 35.86 33.44
C ARG E 500 1.68 34.60 34.06
N PRO E 501 1.12 33.38 33.92
CA PRO E 501 1.59 32.29 34.80
C PRO E 501 3.05 31.89 34.58
N CYS E 502 3.95 32.64 35.22
CA CYS E 502 5.38 32.35 35.26
C CYS E 502 5.99 32.37 33.86
N PHE E 503 5.96 33.56 33.25
CA PHE E 503 6.58 33.80 31.95
C PHE E 503 7.61 34.92 32.01
N THR E 504 7.95 35.40 33.21
CA THR E 504 8.98 36.42 33.34
C THR E 504 10.29 35.91 32.75
N GLN E 505 10.90 36.74 31.90
CA GLN E 505 11.99 36.25 31.05
C GLN E 505 13.16 35.70 31.85
N ALA E 506 13.39 36.21 33.06
CA ALA E 506 14.54 35.77 33.84
C ALA E 506 14.44 34.28 34.15
N VAL E 507 13.30 33.86 34.69
CA VAL E 507 13.14 32.45 35.04
C VAL E 507 13.16 31.59 33.79
N PHE E 508 12.59 32.08 32.69
CA PHE E 508 12.61 31.32 31.44
C PHE E 508 14.03 31.07 30.99
N LEU E 509 14.86 32.11 31.00
CA LEU E 509 16.25 31.95 30.60
C LEU E 509 16.99 31.00 31.53
N LYS E 510 16.78 31.15 32.84
CA LYS E 510 17.44 30.24 33.77
C LYS E 510 17.04 28.80 33.49
N SER E 511 15.77 28.57 33.19
CA SER E 511 15.31 27.22 32.90
C SER E 511 15.95 26.66 31.65
N ARG E 512 15.97 27.44 30.57
CA ARG E 512 16.59 26.97 29.34
C ARG E 512 18.07 26.67 29.56
N TYR E 513 18.75 27.53 30.31
CA TYR E 513 20.16 27.30 30.61
C TYR E 513 20.36 25.99 31.35
N TRP E 514 19.53 25.76 32.38
CA TRP E 514 19.63 24.54 33.17
C TRP E 514 19.40 23.31 32.29
N SER E 515 18.37 23.38 31.43
CA SER E 515 18.03 22.25 30.59
C SER E 515 19.09 21.96 29.55
N HIS E 516 19.78 22.98 29.06
CA HIS E 516 20.89 22.73 28.16
C HIS E 516 22.08 22.17 28.90
N TYR E 517 22.35 22.68 30.10
CA TYR E 517 23.53 22.28 30.85
C TYR E 517 23.45 20.81 31.26
N ILE E 518 22.26 20.34 31.63
CA ILE E 518 22.14 18.95 32.07
C ILE E 518 22.48 18.00 30.93
N ASP E 519 21.92 18.26 29.74
CA ASP E 519 22.19 17.39 28.61
C ASP E 519 23.64 17.47 28.18
N ILE E 520 24.20 18.67 28.15
CA ILE E 520 25.61 18.80 27.76
C ILE E 520 26.50 18.06 28.73
N GLU E 521 26.18 18.14 30.03
CA GLU E 521 26.98 17.43 31.03
C GLU E 521 26.92 15.93 30.79
N ARG E 522 25.72 15.39 30.60
CA ARG E 522 25.60 13.95 30.37
C ARG E 522 26.40 13.54 29.13
N LYS E 523 26.25 14.28 28.03
CA LYS E 523 26.93 13.91 26.79
C LYS E 523 28.45 13.95 26.97
N LEU E 524 28.97 15.03 27.56
CA LEU E 524 30.42 15.15 27.65
C LEU E 524 30.99 14.15 28.63
N PHE E 525 30.27 13.84 29.71
CA PHE E 525 30.73 12.77 30.60
C PHE E 525 30.80 11.46 29.86
N ASP E 526 29.78 11.14 29.07
CA ASP E 526 29.84 9.92 28.26
C ASP E 526 31.06 9.93 27.35
N GLU E 527 31.35 11.08 26.74
CA GLU E 527 32.49 11.17 25.83
C GLU E 527 33.80 10.85 26.54
N THR E 528 34.09 11.60 27.60
CA THR E 528 35.36 11.41 28.30
C THR E 528 35.46 10.01 28.90
N CYS E 529 34.33 9.47 29.35
CA CYS E 529 34.33 8.11 29.91
C CYS E 529 34.69 7.10 28.84
N ALA E 530 34.07 7.23 27.66
CA ALA E 530 34.42 6.35 26.55
C ALA E 530 35.89 6.45 26.20
N GLU E 531 36.44 7.66 26.24
CA GLU E 531 37.85 7.83 25.88
C GLU E 531 38.77 7.14 26.88
N HIS E 532 38.59 7.43 28.17
CA HIS E 532 39.41 6.78 29.18
C HIS E 532 39.27 5.27 29.11
N ALA E 533 38.05 4.79 28.85
CA ALA E 533 37.85 3.35 28.74
C ALA E 533 38.58 2.78 27.54
N LYS E 534 38.60 3.50 26.42
CA LYS E 534 39.31 3.03 25.25
C LYS E 534 40.80 2.89 25.56
N SER E 535 41.36 3.88 26.24
CA SER E 535 42.77 3.78 26.62
C SER E 535 43.02 2.55 27.49
N PHE E 536 42.19 2.39 28.53
CA PHE E 536 42.36 1.25 29.43
C PHE E 536 42.25 -0.07 28.68
N ALA E 537 41.30 -0.16 27.75
CA ALA E 537 41.09 -1.41 27.03
C ALA E 537 42.25 -1.71 26.09
N LYS E 538 42.80 -0.69 25.44
CA LYS E 538 43.98 -0.89 24.62
C LYS E 538 45.14 -1.37 25.49
N VAL E 539 45.23 -0.87 26.71
CA VAL E 539 46.27 -1.37 27.62
C VAL E 539 46.05 -2.85 27.91
N CYS E 540 44.80 -3.23 28.15
CA CYS E 540 44.55 -4.58 28.63
C CYS E 540 44.63 -5.63 27.52
N ILE E 541 44.18 -5.29 26.31
CA ILE E 541 43.97 -6.32 25.29
C ILE E 541 45.29 -6.89 24.80
N GLN E 542 46.29 -6.05 24.59
CA GLN E 542 47.45 -6.44 23.81
C GLN E 542 48.41 -7.36 24.55
N GLN E 543 47.97 -7.99 25.64
CA GLN E 543 48.79 -9.03 26.24
C GLN E 543 48.78 -10.32 25.43
N PHE E 544 47.86 -10.45 24.48
CA PHE E 544 47.76 -11.64 23.65
C PHE E 544 48.13 -11.34 22.21
N ILE F 318 1.55 25.69 7.83
CA ILE F 318 0.91 24.93 8.91
C ILE F 318 -0.60 24.90 8.71
N CYS F 319 -1.13 25.96 8.09
CA CYS F 319 -2.57 26.06 7.92
C CYS F 319 -3.11 25.00 6.98
N GLY F 320 -2.26 24.47 6.09
CA GLY F 320 -2.70 23.39 5.23
C GLY F 320 -3.01 22.12 6.01
N ILE F 321 -2.09 21.73 6.90
CA ILE F 321 -2.35 20.56 7.75
C ILE F 321 -3.54 20.83 8.66
N MET F 322 -3.77 22.10 9.00
CA MET F 322 -4.93 22.44 9.81
C MET F 322 -6.23 22.22 9.05
N ALA F 323 -6.26 22.65 7.79
CA ALA F 323 -7.46 22.44 6.97
C ALA F 323 -7.72 20.96 6.74
N LEU F 324 -6.67 20.21 6.38
CA LEU F 324 -6.83 18.77 6.18
C LEU F 324 -7.29 18.09 7.47
N ALA F 325 -6.74 18.49 8.61
CA ALA F 325 -7.13 17.89 9.88
C ALA F 325 -8.57 18.21 10.23
N SER F 326 -9.01 19.44 9.93
CA SER F 326 -10.40 19.80 10.22
C SER F 326 -11.36 18.99 9.35
N ALA F 327 -11.05 18.85 8.06
CA ALA F 327 -11.92 18.05 7.19
C ALA F 327 -11.94 16.60 7.63
N GLN F 328 -10.78 16.02 7.95
CA GLN F 328 -10.74 14.62 8.36
C GLN F 328 -11.44 14.42 9.70
N LEU F 329 -11.35 15.41 10.60
CA LEU F 329 -12.06 15.32 11.87
C LEU F 329 -13.57 15.34 11.64
N TYR F 330 -14.04 16.19 10.73
CA TYR F 330 -15.45 16.14 10.38
C TYR F 330 -15.82 14.81 9.77
N SER F 331 -14.89 14.17 9.07
CA SER F 331 -15.11 12.81 8.58
C SER F 331 -15.16 11.77 9.68
N ALA F 332 -14.85 12.15 10.92
CA ALA F 332 -14.86 11.24 12.06
C ALA F 332 -15.73 11.73 13.21
N PHE F 333 -16.76 12.53 12.91
CA PHE F 333 -17.71 13.00 13.91
C PHE F 333 -19.05 12.34 13.64
N ASP F 334 -19.49 11.49 14.56
CA ASP F 334 -20.70 10.69 14.36
C ASP F 334 -21.91 11.58 14.60
N PHE F 335 -22.43 12.16 13.53
CA PHE F 335 -23.59 13.03 13.63
C PHE F 335 -24.85 12.22 13.88
N ASN F 336 -25.76 12.79 14.68
CA ASN F 336 -27.05 12.19 14.95
C ASN F 336 -27.94 13.22 15.62
N CYS F 337 -29.22 13.18 15.31
CA CYS F 337 -30.14 14.22 15.71
C CYS F 337 -31.05 13.75 16.81
N PRO F 338 -31.14 14.46 17.91
CA PRO F 338 -32.18 14.17 18.89
C PRO F 338 -33.53 14.57 18.34
N CYS F 339 -34.32 13.59 17.92
CA CYS F 339 -35.58 13.89 17.23
C CYS F 339 -36.57 14.38 18.26
N LEU F 340 -36.40 15.63 18.67
CA LEU F 340 -37.22 16.26 19.69
C LEU F 340 -37.72 17.59 19.17
N PRO F 341 -38.84 18.09 19.67
CA PRO F 341 -39.49 19.25 19.05
C PRO F 341 -38.68 20.54 19.16
N ARG F 342 -37.81 20.67 20.15
CA ARG F 342 -37.22 21.99 20.40
C ARG F 342 -35.70 21.96 20.37
N TYR F 343 -35.10 20.85 20.82
CA TYR F 343 -33.66 20.81 20.95
C TYR F 343 -32.94 20.81 19.60
N ASN F 344 -33.66 20.57 18.51
CA ASN F 344 -33.02 20.56 17.20
C ASN F 344 -32.34 21.89 16.91
N LEU F 345 -33.09 22.99 16.95
CA LEU F 345 -32.54 24.30 16.63
C LEU F 345 -31.28 24.59 17.42
N ALA F 346 -31.11 23.96 18.58
CA ALA F 346 -29.94 24.16 19.42
C ALA F 346 -28.93 23.04 19.28
N TYR F 347 -29.09 22.16 18.29
CA TYR F 347 -28.08 21.14 18.03
C TYR F 347 -27.45 21.30 16.66
N GLY F 348 -28.26 21.50 15.62
CA GLY F 348 -27.71 21.81 14.33
C GLY F 348 -26.84 23.04 14.37
N LEU F 349 -27.38 24.14 14.90
CA LEU F 349 -26.58 25.35 15.03
C LEU F 349 -25.37 25.13 15.93
N GLY F 350 -25.48 24.25 16.92
CA GLY F 350 -24.35 23.96 17.76
C GLY F 350 -23.21 23.34 16.98
N VAL F 351 -23.50 22.24 16.29
CA VAL F 351 -22.50 21.58 15.47
C VAL F 351 -21.99 22.51 14.38
N LEU F 352 -22.82 23.47 13.97
CA LEU F 352 -22.40 24.39 12.92
C LEU F 352 -21.49 25.49 13.42
N LEU F 353 -21.65 25.94 14.66
CA LEU F 353 -20.98 27.15 15.13
C LEU F 353 -19.88 26.90 16.15
N VAL F 354 -20.03 25.95 17.06
CA VAL F 354 -19.05 25.82 18.15
C VAL F 354 -17.70 25.32 17.63
N PRO F 355 -17.62 24.25 16.84
CA PRO F 355 -16.32 23.80 16.34
C PRO F 355 -15.60 24.87 15.53
N PRO F 356 -16.30 25.71 14.77
CA PRO F 356 -15.62 26.88 14.20
C PRO F 356 -14.95 27.75 15.26
N LEU F 357 -15.62 28.03 16.37
CA LEU F 357 -15.01 28.85 17.41
C LEU F 357 -13.79 28.16 18.00
N ILE F 358 -13.88 26.85 18.22
CA ILE F 358 -12.75 26.11 18.79
C ILE F 358 -11.56 26.16 17.83
N LEU F 359 -11.81 25.96 16.54
CA LEU F 359 -10.71 25.99 15.58
C LEU F 359 -10.14 27.40 15.46
N PHE F 360 -10.98 28.42 15.55
CA PHE F 360 -10.49 29.79 15.45
C PHE F 360 -9.62 30.16 16.65
N LEU F 361 -9.92 29.61 17.83
CA LEU F 361 -9.02 29.85 18.96
C LEU F 361 -7.76 29.02 18.85
N LEU F 362 -7.87 27.79 18.37
CA LEU F 362 -6.68 26.97 18.15
C LEU F 362 -5.75 27.60 17.13
N GLY F 363 -6.30 28.40 16.22
CA GLY F 363 -5.45 29.16 15.32
C GLY F 363 -4.57 30.18 16.03
N PHE F 364 -4.98 30.61 17.22
CA PHE F 364 -4.15 31.50 18.04
C PHE F 364 -3.24 30.73 18.98
N VAL F 365 -3.68 29.56 19.47
CA VAL F 365 -2.82 28.79 20.36
C VAL F 365 -1.55 28.36 19.65
N LEU F 366 -1.69 27.72 18.49
CA LEU F 366 -0.55 27.11 17.82
C LEU F 366 0.42 28.14 17.27
N ASN F 367 0.01 29.40 17.13
CA ASN F 367 0.93 30.41 16.62
C ASN F 367 1.89 30.86 17.72
N ASN F 368 3.04 31.38 17.30
CA ASN F 368 4.09 31.76 18.23
C ASN F 368 4.14 33.26 18.50
N ASN F 369 3.76 34.09 17.53
CA ASN F 369 3.86 35.54 17.70
C ASN F 369 2.89 36.03 18.77
N VAL F 370 1.91 35.19 19.14
CA VAL F 370 0.83 35.64 20.00
C VAL F 370 1.36 36.12 21.34
N SER F 371 2.38 35.43 21.86
CA SER F 371 2.95 35.82 23.15
C SER F 371 3.52 37.23 23.08
N MET F 372 4.32 37.50 22.06
CA MET F 372 4.91 38.82 21.88
C MET F 372 3.82 39.89 21.78
N LEU F 373 2.80 39.63 20.97
CA LEU F 373 1.75 40.62 20.77
C LEU F 373 1.01 40.88 22.07
N ALA F 374 0.69 39.83 22.81
CA ALA F 374 0.03 40.00 24.10
C ALA F 374 0.91 40.82 25.04
N GLU F 375 2.20 40.50 25.10
CA GLU F 375 3.10 41.20 26.00
C GLU F 375 3.18 42.67 25.66
N GLU F 376 3.27 42.98 24.37
CA GLU F 376 3.37 44.39 23.97
C GLU F 376 2.07 45.13 24.18
N TRP F 377 0.93 44.43 24.01
CA TRP F 377 -0.36 45.10 24.21
C TRP F 377 -0.65 45.27 25.69
N ARG F 378 0.03 44.51 26.55
CA ARG F 378 -0.22 44.63 27.98
C ARG F 378 0.14 46.01 28.51
N ARG F 379 1.37 46.45 28.27
CA ARG F 379 1.81 47.74 28.78
C ARG F 379 1.07 48.88 28.08
N PRO F 380 0.39 49.75 28.82
CA PRO F 380 -0.27 50.93 28.23
C PRO F 380 0.73 52.03 27.88
N ASP F 387 6.19 48.90 17.79
CA ASP F 387 5.93 50.30 17.49
C ASP F 387 4.43 50.61 17.53
N ALA F 388 4.04 51.65 16.79
CA ALA F 388 2.67 52.14 16.91
C ALA F 388 1.69 51.27 16.13
N ALA F 389 1.87 51.17 14.82
CA ALA F 389 0.90 50.49 13.96
C ALA F 389 1.37 49.14 13.47
N VAL F 390 2.65 48.82 13.60
CA VAL F 390 3.13 47.52 13.16
C VAL F 390 2.47 46.41 13.96
N LEU F 391 2.20 46.66 15.24
CA LEU F 391 1.43 45.70 16.03
C LEU F 391 0.06 45.47 15.40
N ARG F 392 -0.59 46.55 14.96
CA ARG F 392 -1.90 46.41 14.34
C ARG F 392 -1.82 45.55 13.09
N TYR F 393 -0.78 45.73 12.29
CA TYR F 393 -0.66 44.89 11.10
C TYR F 393 -0.41 43.45 11.47
N MET F 394 0.46 43.20 12.45
CA MET F 394 0.72 41.83 12.86
C MET F 394 -0.57 41.15 13.32
N PHE F 395 -1.39 41.88 14.06
CA PHE F 395 -2.63 41.31 14.56
C PHE F 395 -3.62 41.05 13.42
N CYS F 396 -3.81 42.04 12.55
CA CYS F 396 -4.73 41.88 11.43
C CYS F 396 -4.22 40.88 10.40
N SER F 397 -2.95 40.48 10.49
CA SER F 397 -2.47 39.41 9.63
C SER F 397 -2.64 38.05 10.29
N MET F 398 -2.38 37.96 11.60
CA MET F 398 -2.57 36.69 12.28
C MET F 398 -4.03 36.28 12.27
N VAL F 399 -4.94 37.24 12.42
CA VAL F 399 -6.36 36.91 12.38
C VAL F 399 -6.73 36.29 11.04
N GLN F 400 -6.30 36.92 9.95
CA GLN F 400 -6.58 36.38 8.62
C GLN F 400 -5.95 35.01 8.45
N ARG F 401 -4.73 34.83 8.96
CA ARG F 401 -4.06 33.54 8.82
C ARG F 401 -4.84 32.45 9.54
N ALA F 402 -5.43 32.77 10.69
CA ALA F 402 -6.15 31.77 11.46
C ALA F 402 -7.59 31.58 11.00
N MET F 403 -8.15 32.51 10.25
CA MET F 403 -9.57 32.44 9.90
C MET F 403 -9.91 31.34 8.91
N ILE F 404 -8.94 30.67 8.29
CA ILE F 404 -9.26 29.78 7.17
C ILE F 404 -9.64 28.37 7.60
N ALA F 405 -9.54 28.03 8.87
CA ALA F 405 -9.99 26.72 9.31
C ALA F 405 -11.50 26.70 9.53
N PRO F 406 -12.09 27.65 10.25
CA PRO F 406 -13.55 27.64 10.40
C PRO F 406 -14.28 27.79 9.09
N ALA F 407 -13.72 28.52 8.12
CA ALA F 407 -14.34 28.61 6.81
C ALA F 407 -14.46 27.24 6.18
N VAL F 408 -13.38 26.46 6.21
CA VAL F 408 -13.42 25.11 5.64
C VAL F 408 -14.41 24.24 6.38
N TRP F 409 -14.42 24.34 7.71
CA TRP F 409 -15.35 23.51 8.48
C TRP F 409 -16.79 23.82 8.11
N VAL F 410 -17.16 25.11 8.12
CA VAL F 410 -18.53 25.49 7.80
C VAL F 410 -18.86 25.09 6.36
N SER F 411 -17.89 25.24 5.45
CA SER F 411 -18.13 24.86 4.07
C SER F 411 -18.49 23.39 3.95
N VAL F 412 -17.65 22.50 4.47
CA VAL F 412 -17.92 21.09 4.28
C VAL F 412 -19.16 20.67 5.05
N THR F 413 -19.39 21.22 6.24
CA THR F 413 -20.56 20.80 6.99
C THR F 413 -21.85 21.44 6.49
N LEU F 414 -21.77 22.40 5.58
CA LEU F 414 -22.97 22.81 4.85
C LEU F 414 -23.14 22.02 3.57
N LEU F 415 -22.05 21.64 2.91
CA LEU F 415 -22.17 20.86 1.69
C LEU F 415 -22.68 19.46 1.97
N ASP F 416 -22.37 18.89 3.14
CA ASP F 416 -22.92 17.57 3.44
C ASP F 416 -24.41 17.65 3.69
N GLY F 417 -24.87 18.64 4.44
CA GLY F 417 -26.28 18.94 4.57
C GLY F 417 -26.93 18.46 5.83
N LYS F 418 -26.29 17.56 6.59
CA LYS F 418 -26.93 17.01 7.78
C LYS F 418 -27.24 18.10 8.79
N CYS F 419 -26.44 19.16 8.84
CA CYS F 419 -26.63 20.19 9.85
C CYS F 419 -27.95 20.93 9.64
N ILE F 420 -28.18 21.43 8.43
CA ILE F 420 -29.42 22.17 8.19
C ILE F 420 -30.62 21.23 8.23
N THR F 421 -30.46 20.01 7.72
CA THR F 421 -31.53 19.02 7.84
C THR F 421 -31.90 18.82 9.30
N CYS F 422 -30.92 18.84 10.19
CA CYS F 422 -31.20 18.68 11.60
C CYS F 422 -31.83 19.92 12.20
N ALA F 423 -31.43 21.10 11.75
CA ALA F 423 -31.85 22.34 12.37
C ALA F 423 -33.24 22.78 11.91
N PHE F 424 -33.37 23.11 10.63
CA PHE F 424 -34.63 23.66 10.13
C PHE F 424 -35.53 22.56 9.57
N CYS F 425 -35.72 21.51 10.34
CA CYS F 425 -36.67 20.48 9.94
C CYS F 425 -38.05 20.75 10.47
N THR F 426 -38.17 21.40 11.62
CA THR F 426 -39.45 21.68 12.24
C THR F 426 -40.09 22.95 11.71
N SER F 427 -39.71 23.41 10.53
CA SER F 427 -40.25 24.66 10.00
C SER F 427 -40.65 24.62 8.53
N LEU F 428 -40.28 23.60 7.76
CA LEU F 428 -40.54 23.63 6.33
C LEU F 428 -42.05 23.64 6.07
N PRO F 429 -42.51 24.38 5.07
CA PRO F 429 -43.95 24.49 4.83
C PRO F 429 -44.53 23.21 4.28
N VAL F 430 -45.28 22.49 5.11
CA VAL F 430 -45.88 21.23 4.67
C VAL F 430 -47.14 21.49 3.87
N GLU F 431 -47.76 22.66 4.07
CA GLU F 431 -49.06 22.94 3.49
C GLU F 431 -49.02 22.98 1.97
N ALA F 432 -48.04 23.69 1.40
CA ALA F 432 -48.07 23.95 -0.04
C ALA F 432 -46.94 23.26 -0.79
N LEU F 433 -45.70 23.48 -0.38
CA LEU F 433 -44.56 23.06 -1.19
C LEU F 433 -44.53 21.56 -1.38
N GLY F 434 -44.27 20.81 -0.32
CA GLY F 434 -44.16 19.36 -0.43
C GLY F 434 -45.32 18.67 0.28
N PRO F 442 -53.64 18.58 15.06
CA PRO F 442 -53.00 19.10 16.26
C PRO F 442 -51.64 19.70 15.93
N GLN F 443 -51.52 21.02 16.07
CA GLN F 443 -50.29 21.72 15.70
C GLN F 443 -49.09 21.17 16.46
N GLY F 444 -49.26 20.89 17.75
CA GLY F 444 -48.16 20.34 18.52
C GLY F 444 -47.70 19.00 18.01
N GLU F 445 -48.65 18.11 17.71
CA GLU F 445 -48.28 16.83 17.11
C GLU F 445 -47.62 17.02 15.76
N VAL F 446 -48.08 18.01 14.98
CA VAL F 446 -47.43 18.30 13.71
C VAL F 446 -45.98 18.64 13.93
N LYS F 447 -45.71 19.54 14.88
CA LYS F 447 -44.34 19.88 15.21
C LYS F 447 -43.56 18.65 15.63
N ARG F 448 -44.19 17.77 16.41
CA ARG F 448 -43.49 16.57 16.86
C ARG F 448 -43.06 15.71 15.68
N VAL F 449 -43.98 15.45 14.76
CA VAL F 449 -43.64 14.58 13.63
C VAL F 449 -42.59 15.24 12.76
N LEU F 450 -42.85 16.48 12.32
CA LEU F 450 -41.88 17.15 11.47
C LEU F 450 -40.52 17.24 12.15
N ALA F 451 -40.50 17.30 13.47
CA ALA F 451 -39.23 17.23 14.18
C ALA F 451 -38.62 15.85 14.04
N ARG F 452 -39.44 14.83 14.05
CA ARG F 452 -38.91 13.49 13.87
C ARG F 452 -38.44 13.22 12.45
N ILE F 453 -38.77 14.09 11.51
CA ILE F 453 -38.46 13.89 10.08
C ILE F 453 -37.03 13.41 9.82
N PRO F 454 -35.99 14.12 10.24
CA PRO F 454 -34.67 13.85 9.70
C PRO F 454 -34.02 12.61 10.30
N CYS F 455 -33.18 11.99 9.49
CA CYS F 455 -32.21 10.97 9.88
C CYS F 455 -32.80 9.88 10.77
N LYS F 456 -34.05 9.50 10.55
CA LYS F 456 -34.66 8.48 11.40
C LYS F 456 -35.51 7.55 10.54
N GLU F 457 -35.62 6.31 11.00
CA GLU F 457 -36.58 5.34 10.49
C GLU F 457 -37.71 5.17 11.49
N ILE F 458 -37.99 6.22 12.24
CA ILE F 458 -39.05 6.23 13.24
C ILE F 458 -40.07 7.29 12.84
N TYR F 459 -39.95 7.77 11.61
CA TYR F 459 -40.81 8.80 11.06
C TYR F 459 -42.21 8.22 10.86
N ASP F 460 -43.22 9.01 11.18
CA ASP F 460 -44.61 8.56 11.03
C ASP F 460 -44.89 8.09 9.60
N GLY F 461 -44.35 8.81 8.62
CA GLY F 461 -44.44 8.35 7.25
C GLY F 461 -45.21 9.24 6.31
N GLN F 462 -46.32 8.73 5.80
CA GLN F 462 -46.99 9.36 4.67
C GLN F 462 -47.53 10.74 5.02
N GLU F 463 -47.80 10.99 6.30
CA GLU F 463 -48.70 12.09 6.61
C GLU F 463 -48.01 13.44 6.47
N LEU F 464 -48.62 14.27 5.62
CA LEU F 464 -48.33 15.70 5.45
C LEU F 464 -47.01 15.85 4.70
N ILE F 465 -46.17 14.82 4.59
CA ILE F 465 -44.93 14.82 3.83
C ILE F 465 -44.56 13.36 3.60
N ALA F 466 -43.79 13.09 2.56
CA ALA F 466 -43.08 11.82 2.41
C ALA F 466 -41.84 11.86 3.30
N ASN F 467 -40.93 10.91 3.06
CA ASN F 467 -39.66 10.96 3.78
C ASN F 467 -38.56 11.55 2.90
N GLU F 468 -38.33 10.96 1.74
CA GLU F 468 -37.21 11.40 0.90
C GLU F 468 -37.42 12.80 0.37
N VAL F 469 -38.66 13.27 0.29
CA VAL F 469 -38.91 14.61 -0.25
C VAL F 469 -38.45 15.68 0.73
N ALA F 470 -38.83 15.55 2.00
CA ALA F 470 -38.39 16.52 2.99
C ALA F 470 -36.89 16.45 3.25
N VAL F 471 -36.26 15.32 2.92
CA VAL F 471 -34.81 15.25 3.02
C VAL F 471 -34.17 15.96 1.83
N ARG F 472 -34.67 15.69 0.63
CA ARG F 472 -34.07 16.30 -0.55
C ARG F 472 -34.25 17.81 -0.55
N TYR F 473 -35.42 18.29 -0.16
CA TYR F 473 -35.67 19.73 -0.14
C TYR F 473 -34.69 20.44 0.79
N LEU F 474 -34.55 19.93 2.01
CA LEU F 474 -33.67 20.56 2.98
C LEU F 474 -32.21 20.44 2.56
N ARG F 475 -31.82 19.30 1.99
CA ARG F 475 -30.44 19.17 1.55
C ARG F 475 -30.12 20.09 0.38
N CYS F 476 -31.09 20.31 -0.51
CA CYS F 476 -30.89 21.30 -1.57
C CYS F 476 -30.69 22.69 -0.98
N ILE F 477 -31.56 23.07 -0.05
CA ILE F 477 -31.39 24.38 0.60
C ILE F 477 -30.01 24.48 1.25
N SER F 478 -29.59 23.41 1.92
CA SER F 478 -28.30 23.45 2.61
C SER F 478 -27.15 23.60 1.63
N GLN F 479 -27.17 22.84 0.54
CA GLN F 479 -26.07 22.95 -0.42
C GLN F 479 -26.07 24.29 -1.12
N ALA F 480 -27.24 24.89 -1.34
CA ALA F 480 -27.27 26.22 -1.91
C ALA F 480 -26.64 27.24 -0.96
N LEU F 481 -27.00 27.18 0.32
CA LEU F 481 -26.36 28.04 1.30
C LEU F 481 -24.86 27.81 1.33
N GLY F 482 -24.44 26.55 1.20
CA GLY F 482 -23.02 26.24 1.25
C GLY F 482 -22.25 26.85 0.10
N TRP F 483 -22.78 26.70 -1.12
CA TRP F 483 -22.11 27.29 -2.27
C TRP F 483 -22.09 28.82 -2.17
N CYS F 484 -23.20 29.42 -1.76
CA CYS F 484 -23.21 30.87 -1.59
C CYS F 484 -22.17 31.31 -0.57
N PHE F 485 -22.04 30.57 0.53
CA PHE F 485 -21.09 30.96 1.55
C PHE F 485 -19.65 30.80 1.06
N VAL F 486 -19.37 29.72 0.33
CA VAL F 486 -18.00 29.55 -0.17
C VAL F 486 -17.66 30.65 -1.14
N LEU F 487 -18.61 31.03 -1.99
CA LEU F 487 -18.38 32.14 -2.90
C LEU F 487 -18.12 33.43 -2.13
N LEU F 488 -18.88 33.67 -1.06
CA LEU F 488 -18.70 34.88 -0.26
C LEU F 488 -17.32 34.92 0.38
N MET F 489 -16.91 33.82 1.01
CA MET F 489 -15.61 33.79 1.65
C MET F 489 -14.50 33.93 0.63
N THR F 490 -14.67 33.34 -0.55
CA THR F 490 -13.61 33.43 -1.55
C THR F 490 -13.51 34.83 -2.13
N THR F 491 -14.64 35.51 -2.35
CA THR F 491 -14.54 36.87 -2.85
C THR F 491 -13.97 37.81 -1.80
N LEU F 492 -14.27 37.57 -0.52
CA LEU F 492 -13.59 38.36 0.51
C LEU F 492 -12.09 38.11 0.49
N ALA F 493 -11.68 36.85 0.36
CA ALA F 493 -10.26 36.53 0.33
C ALA F 493 -9.58 37.16 -0.88
N PHE F 494 -10.28 37.23 -2.01
CA PHE F 494 -9.70 37.86 -3.19
C PHE F 494 -9.65 39.37 -3.07
N LEU F 495 -10.64 39.96 -2.38
CA LEU F 495 -10.66 41.41 -2.21
C LEU F 495 -9.68 41.88 -1.14
N VAL F 496 -9.26 40.99 -0.25
CA VAL F 496 -8.30 41.37 0.79
C VAL F 496 -6.86 41.30 0.28
N ARG F 497 -6.53 40.28 -0.50
CA ARG F 497 -5.15 40.08 -0.94
C ARG F 497 -4.77 40.94 -2.14
N SER F 498 -5.52 42.02 -2.40
CA SER F 498 -5.15 42.93 -3.48
C SER F 498 -5.25 44.39 -3.05
N LEU F 499 -5.95 44.65 -1.96
CA LEU F 499 -6.37 46.00 -1.65
C LEU F 499 -5.69 46.57 -0.40
N ARG F 500 -6.20 47.72 0.04
CA ARG F 500 -5.77 48.68 1.05
C ARG F 500 -5.49 48.20 2.49
N PRO F 501 -6.11 47.11 3.01
CA PRO F 501 -6.05 46.91 4.47
C PRO F 501 -4.65 46.65 5.01
N CYS F 502 -3.91 47.73 5.24
CA CYS F 502 -2.60 47.72 5.89
C CYS F 502 -1.59 46.92 5.07
N PHE F 503 -1.31 47.44 3.87
CA PHE F 503 -0.29 46.88 3.00
C PHE F 503 0.78 47.90 2.63
N THR F 504 0.78 49.07 3.26
CA THR F 504 1.81 50.07 3.02
C THR F 504 3.18 49.47 3.32
N GLN F 505 4.11 49.64 2.38
CA GLN F 505 5.35 48.86 2.42
C GLN F 505 6.15 49.10 3.70
N ALA F 506 6.05 50.28 4.30
CA ALA F 506 6.84 50.59 5.48
C ALA F 506 6.50 49.64 6.62
N VAL F 507 5.21 49.51 6.93
CA VAL F 507 4.80 48.65 8.02
C VAL F 507 5.13 47.19 7.70
N PHE F 508 4.98 46.80 6.44
CA PHE F 508 5.31 45.43 6.05
C PHE F 508 6.77 45.13 6.31
N LEU F 509 7.66 46.04 5.91
CA LEU F 509 9.08 45.84 6.14
C LEU F 509 9.38 45.80 7.62
N LYS F 510 8.80 46.71 8.40
CA LYS F 510 9.04 46.70 9.84
C LYS F 510 8.60 45.38 10.44
N SER F 511 7.47 44.84 9.98
CA SER F 511 6.98 43.57 10.51
C SER F 511 7.93 42.43 10.18
N ARG F 512 8.36 42.35 8.92
CA ARG F 512 9.28 41.29 8.53
C ARG F 512 10.58 41.38 9.33
N TYR F 513 11.07 42.60 9.52
CA TYR F 513 12.29 42.80 10.31
C TYR F 513 12.11 42.29 11.72
N TRP F 514 10.99 42.66 12.35
CA TRP F 514 10.71 42.25 13.71
C TRP F 514 10.64 40.73 13.80
N SER F 515 9.95 40.10 12.85
CA SER F 515 9.77 38.66 12.88
C SER F 515 11.06 37.91 12.64
N HIS F 516 11.98 38.48 11.85
CA HIS F 516 13.28 37.85 11.70
C HIS F 516 14.12 38.05 12.96
N TYR F 517 14.04 39.24 13.56
CA TYR F 517 14.88 39.54 14.70
C TYR F 517 14.54 38.68 15.90
N ILE F 518 13.25 38.41 16.11
CA ILE F 518 12.85 37.61 17.27
C ILE F 518 13.43 36.21 17.17
N ASP F 519 13.30 35.58 16.00
CA ASP F 519 13.82 34.22 15.84
C ASP F 519 15.33 34.19 15.93
N ILE F 520 15.99 35.17 15.30
CA ILE F 520 17.46 35.20 15.36
C ILE F 520 17.92 35.36 16.80
N GLU F 521 17.22 36.21 17.57
CA GLU F 521 17.59 36.41 18.97
C GLU F 521 17.45 35.10 19.75
N ARG F 522 16.33 34.41 19.60
CA ARG F 522 16.14 33.15 20.31
C ARG F 522 17.24 32.16 19.94
N LYS F 523 17.52 32.01 18.64
CA LYS F 523 18.50 31.04 18.21
C LYS F 523 19.89 31.36 18.76
N LEU F 524 20.31 32.62 18.65
CA LEU F 524 21.66 32.96 19.07
C LEU F 524 21.79 32.89 20.59
N PHE F 525 20.75 33.25 21.33
CA PHE F 525 20.79 33.05 22.78
C PHE F 525 20.96 31.59 23.12
N ASP F 526 20.20 30.71 22.45
CA ASP F 526 20.38 29.29 22.68
C ASP F 526 21.82 28.87 22.39
N GLU F 527 22.41 29.39 21.32
CA GLU F 527 23.77 29.03 20.95
C GLU F 527 24.75 29.41 22.06
N THR F 528 24.78 30.69 22.43
CA THR F 528 25.75 31.14 23.43
C THR F 528 25.51 30.47 24.77
N CYS F 529 24.25 30.20 25.10
CA CYS F 529 23.93 29.52 26.35
C CYS F 529 24.50 28.11 26.36
N ALA F 530 24.30 27.38 25.26
CA ALA F 530 24.88 26.06 25.14
C ALA F 530 26.39 26.10 25.27
N GLU F 531 27.02 27.11 24.69
CA GLU F 531 28.49 27.19 24.74
C GLU F 531 28.97 27.41 26.18
N HIS F 532 28.43 28.44 26.85
CA HIS F 532 28.82 28.69 28.23
C HIS F 532 28.56 27.47 29.10
N ALA F 533 27.44 26.79 28.86
CA ALA F 533 27.13 25.60 29.64
C ALA F 533 28.14 24.49 29.38
N LYS F 534 28.58 24.34 28.13
CA LYS F 534 29.57 23.32 27.82
C LYS F 534 30.86 23.60 28.58
N SER F 535 31.29 24.85 28.60
CA SER F 535 32.49 25.20 29.36
C SER F 535 32.32 24.85 30.83
N PHE F 536 31.20 25.28 31.42
CA PHE F 536 30.97 25.00 32.84
C PHE F 536 30.96 23.50 33.11
N ALA F 537 30.34 22.72 32.22
CA ALA F 537 30.24 21.28 32.45
C ALA F 537 31.60 20.61 32.33
N LYS F 538 32.42 21.05 31.37
CA LYS F 538 33.77 20.53 31.30
C LYS F 538 34.55 20.86 32.55
N VAL F 539 34.31 22.02 33.14
CA VAL F 539 34.95 22.34 34.41
C VAL F 539 34.51 21.39 35.49
N CYS F 540 33.21 21.09 35.54
CA CYS F 540 32.69 20.32 36.67
C CYS F 540 33.00 18.83 36.57
N ILE F 541 32.99 18.27 35.37
CA ILE F 541 33.00 16.81 35.23
C ILE F 541 34.34 16.23 35.65
N GLN F 542 35.44 16.86 35.26
CA GLN F 542 36.74 16.21 35.31
C GLN F 542 37.32 16.11 36.71
N GLN F 543 36.50 16.26 37.75
CA GLN F 543 36.98 15.96 39.09
C GLN F 543 37.09 14.46 39.34
N PHE F 544 36.50 13.64 38.47
CA PHE F 544 36.55 12.19 38.61
C PHE F 544 37.38 11.55 37.52
N ILE G 318 1.65 24.75 -10.40
CA ILE G 318 0.64 24.77 -9.35
C ILE G 318 -0.74 24.44 -9.93
N CYS G 319 -0.94 24.78 -11.21
CA CYS G 319 -2.24 24.57 -11.83
C CYS G 319 -2.56 23.09 -11.98
N GLY G 320 -1.53 22.23 -12.02
CA GLY G 320 -1.79 20.80 -12.06
C GLY G 320 -2.45 20.30 -10.79
N ILE G 321 -1.90 20.68 -9.63
CA ILE G 321 -2.54 20.29 -8.37
C ILE G 321 -3.91 20.92 -8.26
N MET G 322 -4.11 22.08 -8.90
CA MET G 322 -5.42 22.71 -8.88
C MET G 322 -6.43 21.89 -9.68
N ALA G 323 -6.03 21.42 -10.86
CA ALA G 323 -6.93 20.59 -11.66
C ALA G 323 -7.25 19.27 -10.96
N LEU G 324 -6.22 18.61 -10.41
CA LEU G 324 -6.46 17.37 -9.69
C LEU G 324 -7.36 17.61 -8.48
N ALA G 325 -7.16 18.72 -7.77
CA ALA G 325 -7.99 19.00 -6.60
C ALA G 325 -9.42 19.29 -7.01
N SER G 326 -9.62 19.98 -8.12
CA SER G 326 -10.98 20.25 -8.58
C SER G 326 -11.70 18.97 -8.96
N ALA G 327 -11.02 18.08 -9.69
CA ALA G 327 -11.65 16.81 -10.05
C ALA G 327 -11.95 15.97 -8.82
N GLN G 328 -11.02 15.89 -7.87
CA GLN G 328 -11.26 15.09 -6.68
C GLN G 328 -12.35 15.70 -5.82
N LEU G 329 -12.45 17.03 -5.78
CA LEU G 329 -13.52 17.67 -5.05
C LEU G 329 -14.87 17.36 -5.67
N TYR G 330 -14.95 17.37 -7.00
CA TYR G 330 -16.18 16.94 -7.65
C TYR G 330 -16.47 15.48 -7.34
N SER G 331 -15.44 14.66 -7.14
CA SER G 331 -15.64 13.29 -6.70
C SER G 331 -16.13 13.20 -5.26
N ALA G 332 -16.19 14.31 -4.54
CA ALA G 332 -16.64 14.33 -3.16
C ALA G 332 -17.78 15.32 -2.91
N PHE G 333 -18.57 15.61 -3.94
CA PHE G 333 -19.74 16.49 -3.82
C PHE G 333 -20.99 15.64 -4.00
N ASP G 334 -21.77 15.52 -2.94
CA ASP G 334 -22.94 14.64 -2.94
C ASP G 334 -24.07 15.32 -3.71
N PHE G 335 -24.16 15.00 -4.99
CA PHE G 335 -25.20 15.59 -5.83
C PHE G 335 -26.55 14.97 -5.51
N ASN G 336 -27.60 15.79 -5.58
CA ASN G 336 -28.97 15.35 -5.40
C ASN G 336 -29.91 16.45 -5.85
N CYS G 337 -31.02 16.05 -6.44
CA CYS G 337 -31.91 16.99 -7.10
C CYS G 337 -33.17 17.21 -6.30
N PRO G 338 -33.52 18.44 -6.00
CA PRO G 338 -34.84 18.70 -5.44
C PRO G 338 -35.90 18.49 -6.48
N CYS G 339 -36.62 17.38 -6.40
CA CYS G 339 -37.56 17.00 -7.45
C CYS G 339 -38.77 17.91 -7.34
N LEU G 340 -38.61 19.14 -7.80
CA LEU G 340 -39.63 20.17 -7.73
C LEU G 340 -39.80 20.79 -9.11
N PRO G 341 -40.98 21.34 -9.40
CA PRO G 341 -41.27 21.75 -10.79
C PRO G 341 -40.41 22.91 -11.28
N ARG G 342 -39.88 23.75 -10.40
CA ARG G 342 -39.27 24.98 -10.89
C ARG G 342 -37.83 25.14 -10.44
N TYR G 343 -37.52 24.66 -9.23
CA TYR G 343 -36.20 24.89 -8.67
C TYR G 343 -35.10 24.13 -9.40
N ASN G 344 -35.46 23.15 -10.24
CA ASN G 344 -34.45 22.40 -10.97
C ASN G 344 -33.58 23.31 -11.81
N LEU G 345 -34.19 24.08 -12.72
CA LEU G 345 -33.44 24.95 -13.62
C LEU G 345 -32.46 25.84 -12.86
N ALA G 346 -32.73 26.11 -11.58
CA ALA G 346 -31.86 26.94 -10.77
C ALA G 346 -30.98 26.13 -9.84
N TYR G 347 -30.91 24.81 -10.03
CA TYR G 347 -29.98 24.00 -9.25
C TYR G 347 -28.94 23.33 -10.13
N GLY G 348 -29.37 22.72 -11.24
CA GLY G 348 -28.41 22.20 -12.19
C GLY G 348 -27.47 23.28 -12.69
N LEU G 349 -28.03 24.38 -13.17
CA LEU G 349 -27.20 25.50 -13.61
C LEU G 349 -26.36 26.05 -12.48
N GLY G 350 -26.86 25.99 -11.25
CA GLY G 350 -26.09 26.45 -10.12
C GLY G 350 -24.83 25.62 -9.94
N VAL G 351 -25.00 24.31 -9.79
CA VAL G 351 -23.87 23.41 -9.65
C VAL G 351 -22.95 23.49 -10.87
N LEU G 352 -23.51 23.86 -12.02
CA LEU G 352 -22.69 23.95 -13.23
C LEU G 352 -21.88 25.23 -13.30
N LEU G 353 -22.37 26.34 -12.77
CA LEU G 353 -21.76 27.63 -12.99
C LEU G 353 -21.06 28.23 -11.79
N VAL G 354 -21.58 28.07 -10.58
CA VAL G 354 -21.01 28.78 -9.43
C VAL G 354 -19.63 28.25 -9.07
N PRO G 355 -19.41 26.94 -8.93
CA PRO G 355 -18.08 26.44 -8.59
C PRO G 355 -17.03 26.84 -9.63
N PRO G 356 -17.37 26.90 -10.92
CA PRO G 356 -16.43 27.53 -11.85
C PRO G 356 -16.04 28.93 -11.46
N LEU G 357 -16.99 29.77 -11.06
CA LEU G 357 -16.65 31.13 -10.66
C LEU G 357 -15.75 31.13 -9.43
N ILE G 358 -16.05 30.27 -8.46
CA ILE G 358 -15.23 30.20 -7.26
C ILE G 358 -13.80 29.79 -7.60
N LEU G 359 -13.66 28.79 -8.46
CA LEU G 359 -12.31 28.34 -8.83
C LEU G 359 -11.59 29.40 -9.65
N PHE G 360 -12.32 30.14 -10.49
CA PHE G 360 -11.68 31.19 -11.28
C PHE G 360 -11.19 32.33 -10.40
N LEU G 361 -11.90 32.63 -9.32
CA LEU G 361 -11.38 33.65 -8.39
C LEU G 361 -10.23 33.10 -7.55
N LEU G 362 -10.32 31.84 -7.15
CA LEU G 362 -9.21 31.24 -6.42
C LEU G 362 -7.95 31.18 -7.26
N GLY G 363 -8.09 31.13 -8.58
CA GLY G 363 -6.94 31.26 -9.45
C GLY G 363 -6.22 32.59 -9.32
N PHE G 364 -6.94 33.64 -8.89
CA PHE G 364 -6.32 34.93 -8.63
C PHE G 364 -5.83 35.06 -7.18
N VAL G 365 -6.52 34.43 -6.23
CA VAL G 365 -6.06 34.51 -4.85
C VAL G 365 -4.69 33.89 -4.69
N LEU G 366 -4.53 32.65 -5.15
CA LEU G 366 -3.30 31.90 -4.89
C LEU G 366 -2.10 32.46 -5.64
N ASN G 367 -2.32 33.28 -6.66
CA ASN G 367 -1.20 33.85 -7.40
C ASN G 367 -0.59 35.01 -6.62
N ASN G 368 0.69 35.28 -6.90
CA ASN G 368 1.43 36.30 -6.17
C ASN G 368 1.55 37.62 -6.91
N ASN G 369 1.58 37.58 -8.25
CA ASN G 369 1.76 38.82 -9.01
C ASN G 369 0.56 39.74 -8.87
N VAL G 370 -0.56 39.21 -8.37
CA VAL G 370 -1.80 39.97 -8.38
C VAL G 370 -1.67 41.25 -7.57
N SER G 371 -0.94 41.19 -6.46
CA SER G 371 -0.77 42.38 -5.62
C SER G 371 -0.06 43.47 -6.39
N MET G 372 1.04 43.12 -7.06
CA MET G 372 1.79 44.10 -7.84
C MET G 372 0.91 44.71 -8.93
N LEU G 373 0.16 43.88 -9.65
CA LEU G 373 -0.66 44.36 -10.74
C LEU G 373 -1.75 45.30 -10.21
N ALA G 374 -2.39 44.92 -9.11
CA ALA G 374 -3.39 45.79 -8.51
C ALA G 374 -2.78 47.13 -8.10
N GLU G 375 -1.61 47.08 -7.47
CA GLU G 375 -0.96 48.30 -6.99
C GLU G 375 -0.63 49.21 -8.16
N GLU G 376 -0.11 48.65 -9.24
CA GLU G 376 0.26 49.47 -10.39
C GLU G 376 -0.97 50.01 -11.11
N TRP G 377 -2.06 49.23 -11.13
CA TRP G 377 -3.27 49.70 -11.81
C TRP G 377 -4.00 50.74 -10.95
N ARG G 378 -3.69 50.79 -9.66
CA ARG G 378 -4.36 51.75 -8.79
C ARG G 378 -4.04 53.18 -9.20
N ARG G 379 -2.77 53.52 -9.28
CA ARG G 379 -2.38 54.89 -9.60
C ARG G 379 -2.74 55.22 -11.04
N PRO G 380 -3.53 56.27 -11.29
CA PRO G 380 -3.85 56.71 -12.65
C PRO G 380 -2.68 57.45 -13.30
N ASP G 387 5.30 49.35 -16.78
CA ASP G 387 5.29 50.20 -17.97
C ASP G 387 3.90 50.26 -18.59
N ALA G 388 3.87 50.54 -19.90
CA ALA G 388 2.59 50.82 -20.56
C ALA G 388 1.81 49.54 -20.85
N ALA G 389 2.38 48.65 -21.66
CA ALA G 389 1.66 47.48 -22.12
C ALA G 389 2.12 46.19 -21.46
N VAL G 390 3.26 46.19 -20.77
CA VAL G 390 3.72 44.97 -20.11
C VAL G 390 2.73 44.56 -19.02
N LEU G 391 2.10 45.52 -18.36
CA LEU G 391 1.03 45.19 -17.44
C LEU G 391 -0.09 44.45 -18.15
N ARG G 392 -0.46 44.91 -19.34
CA ARG G 392 -1.51 44.24 -20.09
C ARG G 392 -1.14 42.80 -20.39
N TYR G 393 0.12 42.56 -20.76
CA TYR G 393 0.51 41.18 -21.04
C TYR G 393 0.48 40.35 -19.77
N MET G 394 0.97 40.90 -18.66
CA MET G 394 0.95 40.14 -17.41
C MET G 394 -0.48 39.75 -17.04
N PHE G 395 -1.42 40.67 -17.23
CA PHE G 395 -2.80 40.40 -16.90
C PHE G 395 -3.40 39.35 -17.83
N CYS G 396 -3.21 39.53 -19.13
CA CYS G 396 -3.75 38.58 -20.10
C CYS G 396 -3.04 37.24 -20.05
N SER G 397 -1.92 37.14 -19.34
CA SER G 397 -1.31 35.84 -19.11
C SER G 397 -1.80 35.20 -17.83
N MET G 398 -1.98 35.99 -16.78
CA MET G 398 -2.50 35.44 -15.54
C MET G 398 -3.92 34.93 -15.72
N VAL G 399 -4.72 35.64 -16.51
CA VAL G 399 -6.09 35.20 -16.75
C VAL G 399 -6.09 33.82 -17.42
N GLN G 400 -5.27 33.66 -18.45
CA GLN G 400 -5.19 32.37 -19.13
C GLN G 400 -4.67 31.30 -18.20
N ARG G 401 -3.70 31.64 -17.35
CA ARG G 401 -3.16 30.65 -16.43
C ARG G 401 -4.22 30.18 -15.44
N ALA G 402 -5.10 31.08 -15.03
CA ALA G 402 -6.13 30.71 -14.06
C ALA G 402 -7.36 30.09 -14.69
N MET G 403 -7.57 30.26 -16.00
CA MET G 403 -8.81 29.80 -16.63
C MET G 403 -8.93 28.29 -16.72
N ILE G 404 -7.88 27.51 -16.44
CA ILE G 404 -7.94 26.08 -16.76
C ILE G 404 -8.57 25.23 -15.67
N ALA G 405 -8.91 25.80 -14.52
CA ALA G 405 -9.61 25.01 -13.51
C ALA G 405 -11.10 24.94 -13.79
N PRO G 406 -11.79 26.05 -14.07
CA PRO G 406 -13.21 25.95 -14.40
C PRO G 406 -13.48 25.14 -15.65
N ALA G 407 -12.57 25.16 -16.62
CA ALA G 407 -12.74 24.32 -17.80
C ALA G 407 -12.80 22.85 -17.41
N VAL G 408 -11.87 22.41 -16.56
CA VAL G 408 -11.86 21.01 -16.12
C VAL G 408 -13.12 20.70 -15.33
N TRP G 409 -13.53 21.62 -14.45
CA TRP G 409 -14.74 21.36 -13.67
C TRP G 409 -15.95 21.18 -14.57
N VAL G 410 -16.17 22.13 -15.49
CA VAL G 410 -17.32 22.03 -16.38
C VAL G 410 -17.23 20.77 -17.23
N SER G 411 -16.02 20.43 -17.68
CA SER G 411 -15.85 19.24 -18.50
C SER G 411 -16.30 17.98 -17.76
N VAL G 412 -15.76 17.76 -16.55
CA VAL G 412 -16.11 16.52 -15.87
C VAL G 412 -17.56 16.53 -15.43
N THR G 413 -18.10 17.68 -15.02
CA THR G 413 -19.48 17.69 -14.57
C THR G 413 -20.47 17.69 -15.73
N LEU G 414 -20.02 17.85 -16.96
CA LEU G 414 -20.88 17.55 -18.09
C LEU G 414 -20.72 16.12 -18.55
N LEU G 415 -19.52 15.55 -18.44
CA LEU G 415 -19.33 14.16 -18.84
C LEU G 415 -20.04 13.21 -17.90
N ASP G 416 -20.17 13.55 -16.62
CA ASP G 416 -20.92 12.67 -15.73
C ASP G 416 -22.41 12.70 -16.04
N GLY G 417 -22.97 13.87 -16.30
CA GLY G 417 -24.31 14.00 -16.82
C GLY G 417 -25.37 14.36 -15.82
N LYS G 418 -25.09 14.22 -14.52
CA LYS G 418 -26.12 14.49 -13.52
C LYS G 418 -26.62 15.92 -13.59
N CYS G 419 -25.76 16.86 -13.99
CA CYS G 419 -26.16 18.27 -14.00
C CYS G 419 -27.26 18.52 -15.01
N ILE G 420 -27.06 18.11 -16.27
CA ILE G 420 -28.08 18.37 -17.28
C ILE G 420 -29.32 17.52 -17.01
N THR G 421 -29.13 16.28 -16.55
CA THR G 421 -30.28 15.47 -16.15
C THR G 421 -31.11 16.20 -15.11
N CYS G 422 -30.46 16.91 -14.19
CA CYS G 422 -31.18 17.64 -13.17
C CYS G 422 -31.84 18.89 -13.73
N ALA G 423 -31.19 19.54 -14.69
CA ALA G 423 -31.66 20.84 -15.16
C ALA G 423 -32.78 20.71 -16.19
N PHE G 424 -32.47 20.13 -17.35
CA PHE G 424 -33.45 20.07 -18.43
C PHE G 424 -34.23 18.77 -18.41
N CYS G 425 -34.77 18.43 -17.25
CA CYS G 425 -35.64 17.27 -17.15
C CYS G 425 -37.09 17.63 -17.37
N THR G 426 -37.49 18.85 -17.01
CA THR G 426 -38.86 19.29 -17.14
C THR G 426 -39.18 19.85 -18.52
N SER G 427 -38.40 19.48 -19.53
CA SER G 427 -38.61 20.03 -20.86
C SER G 427 -38.53 19.03 -22.00
N LEU G 428 -38.05 17.81 -21.78
CA LEU G 428 -37.85 16.89 -22.89
C LEU G 428 -39.20 16.54 -23.54
N PRO G 429 -39.24 16.41 -24.86
CA PRO G 429 -40.52 16.17 -25.53
C PRO G 429 -41.02 14.76 -25.29
N VAL G 430 -42.06 14.64 -24.46
CA VAL G 430 -42.62 13.33 -24.15
C VAL G 430 -43.54 12.87 -25.26
N GLU G 431 -44.06 13.80 -26.06
CA GLU G 431 -45.08 13.47 -27.03
C GLU G 431 -44.57 12.56 -28.13
N ALA G 432 -43.39 12.85 -28.68
CA ALA G 432 -42.95 12.14 -29.87
C ALA G 432 -41.71 11.27 -29.63
N LEU G 433 -40.65 11.86 -29.09
CA LEU G 433 -39.36 11.18 -29.06
C LEU G 433 -39.43 9.90 -28.23
N GLY G 434 -39.59 10.04 -26.92
CA GLY G 434 -39.60 8.88 -26.05
C GLY G 434 -40.98 8.66 -25.45
N PRO G 442 -53.46 16.91 -17.46
CA PRO G 442 -53.18 18.16 -16.75
C PRO G 442 -51.73 18.57 -16.96
N GLN G 443 -51.53 19.69 -17.67
CA GLN G 443 -50.17 20.13 -17.99
C GLN G 443 -49.33 20.35 -16.74
N GLY G 444 -49.93 20.93 -15.70
CA GLY G 444 -49.19 21.15 -14.48
C GLY G 444 -48.73 19.86 -13.84
N GLU G 445 -49.62 18.87 -13.77
CA GLU G 445 -49.22 17.56 -13.27
C GLU G 445 -48.16 16.94 -14.14
N VAL G 446 -48.24 17.13 -15.46
CA VAL G 446 -47.21 16.63 -16.36
C VAL G 446 -45.87 17.23 -15.98
N LYS G 447 -45.82 18.55 -15.80
CA LYS G 447 -44.59 19.19 -15.37
C LYS G 447 -44.11 18.61 -14.05
N ARG G 448 -45.04 18.36 -13.13
CA ARG G 448 -44.64 17.82 -11.83
C ARG G 448 -43.96 16.47 -11.98
N VAL G 449 -44.57 15.57 -12.74
CA VAL G 449 -43.99 14.24 -12.89
C VAL G 449 -42.65 14.32 -13.60
N LEU G 450 -42.63 14.94 -14.79
CA LEU G 450 -41.38 15.04 -15.52
C LEU G 450 -40.30 15.70 -14.69
N ALA G 451 -40.68 16.61 -13.78
CA ALA G 451 -39.71 17.16 -12.85
C ALA G 451 -39.23 16.09 -11.90
N ARG G 452 -40.12 15.21 -11.47
CA ARG G 452 -39.70 14.15 -10.58
C ARG G 452 -38.84 13.11 -11.28
N ILE G 453 -38.77 13.12 -12.59
CA ILE G 453 -38.05 12.10 -13.38
C ILE G 453 -36.67 11.75 -12.83
N PRO G 454 -35.75 12.70 -12.68
CA PRO G 454 -34.36 12.31 -12.48
C PRO G 454 -34.05 11.84 -11.07
N CYS G 455 -33.07 10.95 -10.99
CA CYS G 455 -32.39 10.55 -9.76
C CYS G 455 -33.33 10.20 -8.63
N LYS G 456 -34.48 9.61 -8.91
CA LYS G 456 -35.42 9.30 -7.85
C LYS G 456 -36.06 7.94 -8.12
N GLU G 457 -36.43 7.28 -7.03
CA GLU G 457 -37.28 6.09 -7.07
C GLU G 457 -38.67 6.44 -6.59
N ILE G 458 -39.07 7.70 -6.82
CA ILE G 458 -40.38 8.20 -6.43
C ILE G 458 -41.11 8.62 -7.70
N TYR G 459 -40.56 8.22 -8.84
CA TYR G 459 -41.10 8.55 -10.15
C TYR G 459 -42.42 7.80 -10.35
N ASP G 460 -43.39 8.48 -10.94
CA ASP G 460 -44.70 7.86 -11.17
C ASP G 460 -44.57 6.57 -11.96
N GLY G 461 -43.68 6.56 -12.96
CA GLY G 461 -43.38 5.33 -13.66
C GLY G 461 -43.72 5.32 -15.12
N GLN G 462 -44.67 4.46 -15.49
CA GLN G 462 -44.89 4.14 -16.90
C GLN G 462 -45.36 5.34 -17.69
N GLU G 463 -45.99 6.30 -17.04
CA GLU G 463 -46.82 7.23 -17.79
C GLU G 463 -45.99 8.26 -18.55
N LEU G 464 -46.22 8.28 -19.86
CA LEU G 464 -45.74 9.29 -20.80
C LEU G 464 -44.24 9.10 -21.03
N ILE G 465 -43.53 8.35 -20.20
CA ILE G 465 -42.12 8.03 -20.36
C ILE G 465 -41.85 6.82 -19.48
N ALA G 466 -40.82 6.04 -19.80
CA ALA G 466 -40.24 5.08 -18.89
C ALA G 466 -39.33 5.82 -17.91
N ASN G 467 -38.50 5.07 -17.19
CA ASN G 467 -37.52 5.73 -16.34
C ASN G 467 -36.14 5.76 -17.01
N GLU G 468 -35.62 4.59 -17.37
CA GLU G 468 -34.26 4.54 -17.91
C GLU G 468 -34.15 5.25 -19.25
N VAL G 469 -35.25 5.40 -19.98
CA VAL G 469 -35.19 6.04 -21.29
C VAL G 469 -34.94 7.54 -21.14
N ALA G 470 -35.71 8.20 -20.27
CA ALA G 470 -35.50 9.62 -20.05
C ALA G 470 -34.18 9.92 -19.37
N VAL G 471 -33.59 8.94 -18.69
CA VAL G 471 -32.27 9.13 -18.14
C VAL G 471 -31.21 9.00 -19.24
N ARG G 472 -31.34 7.97 -20.07
CA ARG G 472 -30.34 7.75 -21.11
C ARG G 472 -30.35 8.88 -22.14
N TYR G 473 -31.53 9.35 -22.52
CA TYR G 473 -31.63 10.42 -23.50
C TYR G 473 -30.92 11.68 -23.00
N LEU G 474 -31.23 12.08 -21.76
CA LEU G 474 -30.63 13.29 -21.22
C LEU G 474 -29.13 13.12 -21.00
N ARG G 475 -28.70 11.94 -20.57
CA ARG G 475 -27.28 11.74 -20.36
C ARG G 475 -26.52 11.73 -21.68
N CYS G 476 -27.13 11.21 -22.75
CA CYS G 476 -26.51 11.32 -24.07
C CYS G 476 -26.36 12.78 -24.48
N ILE G 477 -27.43 13.55 -24.32
CA ILE G 477 -27.34 14.99 -24.65
C ILE G 477 -26.23 15.65 -23.84
N SER G 478 -26.15 15.31 -22.55
CA SER G 478 -25.15 15.94 -21.70
C SER G 478 -23.74 15.58 -22.15
N GLN G 479 -23.50 14.31 -22.45
CA GLN G 479 -22.15 13.92 -22.85
C GLN G 479 -21.79 14.50 -24.20
N ALA G 480 -22.76 14.66 -25.09
CA ALA G 480 -22.48 15.32 -26.36
C ALA G 480 -22.08 16.77 -26.14
N LEU G 481 -22.82 17.49 -25.31
CA LEU G 481 -22.43 18.86 -24.98
C LEU G 481 -21.04 18.88 -24.35
N GLY G 482 -20.74 17.90 -23.51
CA GLY G 482 -19.46 17.89 -22.85
C GLY G 482 -18.30 17.72 -23.83
N TRP G 483 -18.44 16.75 -24.75
CA TRP G 483 -17.38 16.56 -25.73
C TRP G 483 -17.24 17.79 -26.63
N CYS G 484 -18.36 18.37 -27.07
CA CYS G 484 -18.27 19.58 -27.88
C CYS G 484 -17.56 20.69 -27.12
N PHE G 485 -17.85 20.85 -25.84
CA PHE G 485 -17.23 21.91 -25.07
C PHE G 485 -15.74 21.66 -24.88
N VAL G 486 -15.36 20.42 -24.61
CA VAL G 486 -13.93 20.13 -24.44
C VAL G 486 -13.19 20.41 -25.73
N LEU G 487 -13.78 20.03 -26.87
CA LEU G 487 -13.16 20.33 -28.15
C LEU G 487 -13.03 21.84 -28.35
N LEU G 488 -14.06 22.60 -27.97
CA LEU G 488 -14.01 24.05 -28.13
C LEU G 488 -12.91 24.66 -27.29
N MET G 489 -12.83 24.28 -26.01
CA MET G 489 -11.80 24.83 -25.15
C MET G 489 -10.42 24.42 -25.63
N THR G 490 -10.27 23.20 -26.13
CA THR G 490 -8.95 22.77 -26.58
C THR G 490 -8.53 23.49 -27.85
N THR G 491 -9.46 23.73 -28.77
CA THR G 491 -9.07 24.45 -29.98
C THR G 491 -8.77 25.91 -29.66
N LEU G 492 -9.47 26.50 -28.69
CA LEU G 492 -9.07 27.84 -28.26
C LEU G 492 -7.67 27.83 -27.66
N ALA G 493 -7.37 26.84 -26.82
CA ALA G 493 -6.05 26.75 -26.22
C ALA G 493 -4.97 26.56 -27.26
N PHE G 494 -5.27 25.80 -28.32
CA PHE G 494 -4.29 25.60 -29.38
C PHE G 494 -4.13 26.85 -30.26
N LEU G 495 -5.21 27.60 -30.44
CA LEU G 495 -5.14 28.81 -31.25
C LEU G 495 -4.50 29.97 -30.50
N VAL G 496 -4.47 29.92 -29.17
CA VAL G 496 -3.85 30.99 -28.40
C VAL G 496 -2.34 30.79 -28.27
N ARG G 497 -1.89 29.56 -28.06
CA ARG G 497 -0.47 29.30 -27.83
C ARG G 497 0.35 29.25 -29.12
N SER G 498 -0.16 29.81 -30.22
CA SER G 498 0.62 29.87 -31.45
C SER G 498 0.53 31.23 -32.11
N LEU G 499 -0.44 32.05 -31.72
CA LEU G 499 -0.80 33.22 -32.49
C LEU G 499 -0.48 34.52 -31.76
N ARG G 500 -0.99 35.62 -32.34
CA ARG G 500 -0.80 37.05 -32.11
C ARG G 500 -1.03 37.63 -30.70
N PRO G 501 -1.89 37.05 -29.82
CA PRO G 501 -2.30 37.82 -28.64
C PRO G 501 -1.17 38.14 -27.67
N CYS G 502 -0.44 39.22 -27.97
CA CYS G 502 0.59 39.79 -27.11
C CYS G 502 1.72 38.79 -26.87
N PHE G 503 2.41 38.46 -27.97
CA PHE G 503 3.59 37.61 -27.92
C PHE G 503 4.82 38.29 -28.51
N THR G 504 4.74 39.59 -28.81
CA THR G 504 5.89 40.31 -29.30
C THR G 504 7.03 40.23 -28.29
N GLN G 505 8.22 39.87 -28.78
CA GLN G 505 9.30 39.47 -27.89
C GLN G 505 9.68 40.55 -26.90
N ALA G 506 9.52 41.83 -27.26
CA ALA G 506 9.93 42.91 -26.38
C ALA G 506 9.15 42.88 -25.06
N VAL G 507 7.83 42.80 -25.16
CA VAL G 507 7.01 42.78 -23.95
C VAL G 507 7.27 41.51 -23.16
N PHE G 508 7.49 40.39 -23.84
CA PHE G 508 7.78 39.14 -23.15
C PHE G 508 9.05 39.27 -22.32
N LEU G 509 10.10 39.82 -22.92
CA LEU G 509 11.35 40.00 -22.20
C LEU G 509 11.17 40.95 -21.02
N LYS G 510 10.47 42.07 -21.25
CA LYS G 510 10.25 42.99 -20.14
C LYS G 510 9.51 42.30 -19.00
N SER G 511 8.53 41.47 -19.33
CA SER G 511 7.78 40.77 -18.30
C SER G 511 8.66 39.81 -17.52
N ARG G 512 9.45 39.01 -18.22
CA ARG G 512 10.33 38.07 -17.54
C ARG G 512 11.32 38.81 -16.64
N TYR G 513 11.85 39.93 -17.13
CA TYR G 513 12.78 40.73 -16.33
C TYR G 513 12.11 41.22 -15.06
N TRP G 514 10.89 41.76 -15.21
CA TRP G 514 10.17 42.27 -14.05
C TRP G 514 9.91 41.16 -13.04
N SER G 515 9.49 39.99 -13.53
CA SER G 515 9.16 38.89 -12.64
C SER G 515 10.39 38.33 -11.93
N HIS G 516 11.56 38.38 -12.58
CA HIS G 516 12.77 37.96 -11.89
C HIS G 516 13.19 39.02 -10.87
N TYR G 517 13.06 40.29 -11.22
CA TYR G 517 13.52 41.37 -10.36
C TYR G 517 12.73 41.42 -9.08
N ILE G 518 11.42 41.19 -9.14
CA ILE G 518 10.60 41.27 -7.93
C ILE G 518 11.04 40.20 -6.93
N ASP G 519 11.22 38.96 -7.39
CA ASP G 519 11.62 37.89 -6.49
C ASP G 519 13.02 38.12 -5.95
N ILE G 520 13.94 38.55 -6.81
CA ILE G 520 15.30 38.80 -6.34
C ILE G 520 15.31 39.89 -5.29
N GLU G 521 14.50 40.94 -5.50
CA GLU G 521 14.43 42.02 -4.52
C GLU G 521 13.93 41.50 -3.18
N ARG G 522 12.84 40.74 -3.19
CA ARG G 522 12.31 40.21 -1.94
C ARG G 522 13.35 39.36 -1.23
N LYS G 523 14.01 38.45 -1.97
CA LYS G 523 14.98 37.56 -1.35
C LYS G 523 16.14 38.34 -0.74
N LEU G 524 16.71 39.28 -1.51
CA LEU G 524 17.89 39.98 -1.01
C LEU G 524 17.53 40.90 0.14
N PHE G 525 16.35 41.52 0.13
CA PHE G 525 15.92 42.29 1.29
C PHE G 525 15.82 41.41 2.51
N ASP G 526 15.22 40.23 2.37
CA ASP G 526 15.18 39.30 3.49
C ASP G 526 16.59 38.99 4.00
N GLU G 527 17.53 38.78 3.08
CA GLU G 527 18.89 38.45 3.47
C GLU G 527 19.52 39.56 4.31
N THR G 528 19.56 40.77 3.75
CA THR G 528 20.20 41.87 4.46
C THR G 528 19.49 42.18 5.77
N CYS G 529 18.16 42.03 5.80
CA CYS G 529 17.41 42.26 7.02
C CYS G 529 17.80 41.27 8.09
N ALA G 530 17.88 39.98 7.72
CA ALA G 530 18.33 38.97 8.66
C ALA G 530 19.72 39.28 9.19
N GLU G 531 20.60 39.77 8.31
CA GLU G 531 21.97 40.05 8.75
C GLU G 531 22.01 41.19 9.76
N HIS G 532 21.39 42.32 9.43
CA HIS G 532 21.36 43.44 10.36
C HIS G 532 20.71 43.04 11.67
N ALA G 533 19.66 42.22 11.60
CA ALA G 533 19.01 41.76 12.82
C ALA G 533 19.92 40.88 13.65
N LYS G 534 20.71 40.03 12.99
CA LYS G 534 21.64 39.19 13.73
C LYS G 534 22.66 40.04 14.47
N SER G 535 23.18 41.07 13.81
CA SER G 535 24.12 41.96 14.49
C SER G 535 23.46 42.61 15.71
N PHE G 536 22.26 43.17 15.51
CA PHE G 536 21.57 43.82 16.61
C PHE G 536 21.32 42.86 17.77
N ALA G 537 20.94 41.62 17.46
CA ALA G 537 20.63 40.66 18.50
C ALA G 537 21.88 40.23 19.26
N LYS G 538 23.00 40.07 18.55
CA LYS G 538 24.25 39.79 19.24
C LYS G 538 24.62 40.94 20.16
N VAL G 539 24.33 42.17 19.74
CA VAL G 539 24.57 43.31 20.63
C VAL G 539 23.72 43.20 21.88
N CYS G 540 22.45 42.84 21.71
CA CYS G 540 21.52 42.91 22.83
C CYS G 540 21.70 41.75 23.82
N ILE G 541 22.00 40.55 23.32
CA ILE G 541 21.91 39.35 24.16
C ILE G 541 22.98 39.35 25.24
N GLN G 542 24.20 39.73 24.89
CA GLN G 542 25.35 39.43 25.73
C GLN G 542 25.45 40.31 26.96
N GLN G 543 24.37 40.99 27.36
CA GLN G 543 24.38 41.66 28.65
C GLN G 543 24.25 40.69 29.81
N PHE G 544 23.88 39.44 29.54
CA PHE G 544 23.73 38.44 30.58
C PHE G 544 24.79 37.35 30.46
N ILE H 318 7.33 12.48 -22.68
CA ILE H 318 6.05 13.03 -22.25
C ILE H 318 4.90 12.24 -22.86
N CYS H 319 5.14 11.66 -24.04
CA CYS H 319 4.09 10.94 -24.74
C CYS H 319 3.68 9.68 -24.00
N GLY H 320 4.57 9.14 -23.18
CA GLY H 320 4.20 7.98 -22.37
C GLY H 320 3.13 8.31 -21.34
N ILE H 321 3.32 9.41 -20.61
CA ILE H 321 2.29 9.83 -19.65
C ILE H 321 1.03 10.22 -20.40
N MET H 322 1.15 10.67 -21.64
CA MET H 322 -0.03 10.99 -22.45
C MET H 322 -0.82 9.73 -22.78
N ALA H 323 -0.11 8.67 -23.19
CA ALA H 323 -0.81 7.42 -23.50
C ALA H 323 -1.46 6.82 -22.26
N LEU H 324 -0.72 6.79 -21.14
CA LEU H 324 -1.30 6.27 -19.91
C LEU H 324 -2.51 7.11 -19.47
N ALA H 325 -2.43 8.44 -19.62
CA ALA H 325 -3.54 9.29 -19.23
C ALA H 325 -4.74 9.07 -20.13
N SER H 326 -4.51 8.86 -21.42
CA SER H 326 -5.63 8.61 -22.34
C SER H 326 -6.32 7.29 -22.00
N ALA H 327 -5.54 6.24 -21.75
CA ALA H 327 -6.15 4.96 -21.38
C ALA H 327 -6.91 5.07 -20.06
N GLN H 328 -6.33 5.73 -19.06
CA GLN H 328 -7.00 5.84 -17.77
C GLN H 328 -8.25 6.71 -17.88
N LEU H 329 -8.21 7.73 -18.74
CA LEU H 329 -9.39 8.56 -18.96
C LEU H 329 -10.50 7.75 -19.61
N TYR H 330 -10.16 6.90 -20.58
CA TYR H 330 -11.17 6.00 -21.12
C TYR H 330 -11.69 5.06 -20.07
N SER H 331 -10.87 4.70 -19.09
CA SER H 331 -11.32 3.90 -17.97
C SER H 331 -12.25 4.67 -17.04
N ALA H 332 -12.41 5.97 -17.25
CA ALA H 332 -13.27 6.82 -16.43
C ALA H 332 -14.32 7.58 -17.24
N PHE H 333 -14.72 7.05 -18.39
CA PHE H 333 -15.76 7.64 -19.22
C PHE H 333 -16.98 6.73 -19.17
N ASP H 334 -18.06 7.21 -18.60
CA ASP H 334 -19.25 6.38 -18.37
C ASP H 334 -20.01 6.28 -19.68
N PHE H 335 -19.73 5.21 -20.43
CA PHE H 335 -20.40 4.99 -21.70
C PHE H 335 -21.83 4.55 -21.49
N ASN H 336 -22.71 5.00 -22.40
CA ASN H 336 -24.11 4.60 -22.39
C ASN H 336 -24.74 5.02 -23.70
N CYS H 337 -25.66 4.21 -24.20
CA CYS H 337 -26.19 4.40 -25.54
C CYS H 337 -27.61 4.92 -25.48
N PRO H 338 -27.91 5.99 -26.18
CA PRO H 338 -29.30 6.39 -26.34
C PRO H 338 -30.00 5.43 -27.27
N CYS H 339 -30.81 4.54 -26.71
CA CYS H 339 -31.41 3.47 -27.51
C CYS H 339 -32.50 4.08 -28.37
N LEU H 340 -32.08 4.75 -29.43
CA LEU H 340 -32.96 5.44 -30.35
C LEU H 340 -32.63 5.02 -31.77
N PRO H 341 -33.59 5.11 -32.69
CA PRO H 341 -33.39 4.51 -34.02
C PRO H 341 -32.31 5.18 -34.85
N ARG H 342 -32.00 6.45 -34.60
CA ARG H 342 -31.14 7.15 -35.55
C ARG H 342 -29.91 7.75 -34.89
N TYR H 343 -30.04 8.19 -33.64
CA TYR H 343 -28.95 8.89 -32.99
C TYR H 343 -27.76 7.98 -32.70
N ASN H 344 -27.93 6.66 -32.76
CA ASN H 344 -26.83 5.74 -32.50
C ASN H 344 -25.65 6.03 -33.41
N LEU H 345 -25.87 5.96 -34.73
CA LEU H 345 -24.79 6.14 -35.70
C LEU H 345 -24.01 7.42 -35.43
N ALA H 346 -24.64 8.40 -34.78
CA ALA H 346 -23.98 9.66 -34.47
C ALA H 346 -23.52 9.75 -33.03
N TYR H 347 -23.54 8.64 -32.30
CA TYR H 347 -22.98 8.62 -30.96
C TYR H 347 -21.79 7.68 -30.83
N GLY H 348 -21.92 6.46 -31.35
CA GLY H 348 -20.76 5.59 -31.40
C GLY H 348 -19.61 6.22 -32.16
N LEU H 349 -19.88 6.68 -33.38
CA LEU H 349 -18.84 7.34 -34.15
C LEU H 349 -18.35 8.60 -33.45
N GLY H 350 -19.21 9.27 -32.69
CA GLY H 350 -18.78 10.43 -31.95
C GLY H 350 -17.74 10.09 -30.92
N VAL H 351 -18.08 9.16 -30.03
CA VAL H 351 -17.14 8.70 -29.01
C VAL H 351 -15.89 8.11 -29.65
N LEU H 352 -16.02 7.59 -30.87
CA LEU H 352 -14.86 6.99 -31.53
C LEU H 352 -13.94 8.01 -32.14
N LEU H 353 -14.46 9.14 -32.62
CA LEU H 353 -13.68 10.07 -33.43
C LEU H 353 -13.33 11.37 -32.75
N VAL H 354 -14.21 11.95 -31.95
CA VAL H 354 -13.96 13.29 -31.42
C VAL H 354 -12.82 13.29 -30.40
N PRO H 355 -12.80 12.41 -29.40
CA PRO H 355 -11.69 12.41 -28.44
C PRO H 355 -10.34 12.19 -29.11
N PRO H 356 -10.25 11.38 -30.17
CA PRO H 356 -9.01 11.39 -30.95
C PRO H 356 -8.62 12.76 -31.45
N LEU H 357 -9.55 13.52 -31.99
CA LEU H 357 -9.22 14.86 -32.47
C LEU H 357 -8.76 15.76 -31.33
N ILE H 358 -9.42 15.67 -30.18
CA ILE H 358 -9.03 16.50 -29.04
C ILE H 358 -7.62 16.14 -28.59
N LEU H 359 -7.32 14.85 -28.51
CA LEU H 359 -5.98 14.45 -28.08
C LEU H 359 -4.93 14.83 -29.12
N PHE H 360 -5.28 14.76 -30.40
CA PHE H 360 -4.33 15.14 -31.44
C PHE H 360 -4.02 16.63 -31.41
N LEU H 361 -5.00 17.46 -31.04
CA LEU H 361 -4.69 18.88 -30.89
C LEU H 361 -3.92 19.14 -29.60
N LEU H 362 -4.26 18.43 -28.52
CA LEU H 362 -3.51 18.58 -27.28
C LEU H 362 -2.05 18.16 -27.47
N GLY H 363 -1.79 17.27 -28.42
CA GLY H 363 -0.41 16.96 -28.76
C GLY H 363 0.36 18.14 -29.31
N PHE H 364 -0.34 19.12 -29.88
CA PHE H 364 0.29 20.36 -30.32
C PHE H 364 0.32 21.43 -29.25
N VAL H 365 -0.69 21.46 -28.38
CA VAL H 365 -0.69 22.47 -27.32
C VAL H 365 0.51 22.27 -26.40
N LEU H 366 0.67 21.05 -25.87
CA LEU H 366 1.67 20.81 -24.84
C LEU H 366 3.09 20.91 -25.37
N ASN H 367 3.29 20.86 -26.67
CA ASN H 367 4.64 20.96 -27.22
C ASN H 367 5.09 22.42 -27.22
N ASN H 368 6.41 22.61 -27.22
CA ASN H 368 6.99 23.95 -27.13
C ASN H 368 7.47 24.49 -28.47
N ASN H 369 7.91 23.63 -29.37
CA ASN H 369 8.45 24.10 -30.64
C ASN H 369 7.36 24.75 -31.50
N VAL H 370 6.09 24.51 -31.14
CA VAL H 370 5.00 24.93 -32.02
C VAL H 370 5.00 26.43 -32.22
N SER H 371 5.33 27.19 -31.17
CA SER H 371 5.36 28.64 -31.28
C SER H 371 6.39 29.08 -32.31
N MET H 372 7.59 28.54 -32.23
CA MET H 372 8.64 28.88 -33.19
C MET H 372 8.21 28.54 -34.62
N LEU H 373 7.65 27.35 -34.81
CA LEU H 373 7.26 26.93 -36.14
C LEU H 373 6.17 27.84 -36.70
N ALA H 374 5.18 28.17 -35.87
CA ALA H 374 4.13 29.08 -36.31
C ALA H 374 4.73 30.44 -36.68
N GLU H 375 5.63 30.95 -35.84
CA GLU H 375 6.21 32.27 -36.10
C GLU H 375 6.98 32.27 -37.41
N GLU H 376 7.75 31.21 -37.66
CA GLU H 376 8.55 31.16 -38.89
C GLU H 376 7.66 30.96 -40.10
N TRP H 377 6.56 30.21 -39.96
CA TRP H 377 5.68 29.99 -41.10
C TRP H 377 4.83 31.22 -41.38
N ARG H 378 4.72 32.12 -40.40
CA ARG H 378 3.91 33.32 -40.60
C ARG H 378 4.49 34.20 -41.71
N ARG H 379 5.76 34.57 -41.60
CA ARG H 379 6.37 35.46 -42.59
C ARG H 379 6.50 34.75 -43.92
N PRO H 380 5.95 35.28 -45.01
CA PRO H 380 6.12 34.72 -46.34
C PRO H 380 7.49 35.02 -46.93
N ASP H 387 15.29 27.65 -41.80
CA ASP H 387 15.74 27.54 -43.19
C ASP H 387 14.63 27.02 -44.09
N ALA H 388 15.03 26.40 -45.20
CA ALA H 388 14.05 26.03 -46.22
C ALA H 388 13.28 24.77 -45.85
N ALA H 389 13.98 23.65 -45.68
CA ALA H 389 13.32 22.37 -45.48
C ALA H 389 13.42 21.87 -44.04
N VAL H 390 14.29 22.45 -43.22
CA VAL H 390 14.38 22.00 -41.83
C VAL H 390 13.07 22.24 -41.10
N LEU H 391 12.37 23.32 -41.44
CA LEU H 391 11.03 23.53 -40.89
C LEU H 391 10.12 22.37 -41.27
N ARG H 392 10.20 21.91 -42.51
CA ARG H 392 9.36 20.79 -42.94
C ARG H 392 9.66 19.55 -42.11
N TYR H 393 10.94 19.29 -41.84
CA TYR H 393 11.26 18.11 -41.04
C TYR H 393 10.75 18.28 -39.61
N MET H 394 10.92 19.46 -39.04
CA MET H 394 10.43 19.68 -37.67
C MET H 394 8.93 19.43 -37.60
N PHE H 395 8.20 19.89 -38.61
CA PHE H 395 6.76 19.73 -38.62
C PHE H 395 6.38 18.26 -38.79
N CYS H 396 6.98 17.59 -39.77
CA CYS H 396 6.67 16.19 -40.00
C CYS H 396 7.19 15.29 -38.89
N SER H 397 8.02 15.80 -37.99
CA SER H 397 8.39 15.03 -36.81
C SER H 397 7.46 15.29 -35.65
N MET H 398 7.04 16.55 -35.46
CA MET H 398 6.11 16.85 -34.38
C MET H 398 4.77 16.16 -34.62
N VAL H 399 4.33 16.10 -35.88
CA VAL H 399 3.07 15.43 -36.18
C VAL H 399 3.14 13.96 -35.78
N GLN H 400 4.22 13.28 -36.16
CA GLN H 400 4.38 11.88 -35.79
C GLN H 400 4.46 11.72 -34.28
N ARG H 401 5.15 12.64 -33.61
CA ARG H 401 5.27 12.55 -32.15
C ARG H 401 3.92 12.67 -31.49
N ALA H 402 3.04 13.51 -32.03
CA ALA H 402 1.73 13.72 -31.42
C ALA H 402 0.70 12.68 -31.85
N MET H 403 0.93 11.96 -32.93
CA MET H 403 -0.09 11.06 -33.47
C MET H 403 -0.33 9.83 -32.60
N ILE H 404 0.50 9.54 -31.60
CA ILE H 404 0.40 8.24 -30.92
C ILE H 404 -0.63 8.21 -29.80
N ALA H 405 -1.25 9.33 -29.45
CA ALA H 405 -2.30 9.27 -28.45
C ALA H 405 -3.63 8.85 -29.06
N PRO H 406 -4.08 9.43 -30.17
CA PRO H 406 -5.33 8.96 -30.77
C PRO H 406 -5.28 7.52 -31.21
N ALA H 407 -4.12 7.04 -31.64
CA ALA H 407 -4.00 5.63 -31.98
C ALA H 407 -4.32 4.75 -30.79
N VAL H 408 -3.75 5.07 -29.63
CA VAL H 408 -4.03 4.29 -28.42
C VAL H 408 -5.49 4.39 -28.03
N TRP H 409 -6.06 5.59 -28.13
CA TRP H 409 -7.47 5.74 -27.77
C TRP H 409 -8.36 4.88 -28.67
N VAL H 410 -8.18 4.99 -29.98
CA VAL H 410 -9.00 4.21 -30.90
C VAL H 410 -8.78 2.72 -30.67
N SER H 411 -7.53 2.33 -30.40
CA SER H 411 -7.23 0.92 -30.17
C SER H 411 -8.02 0.38 -28.98
N VAL H 412 -7.91 1.04 -27.83
CA VAL H 412 -8.58 0.48 -26.65
C VAL H 412 -10.08 0.58 -26.79
N THR H 413 -10.60 1.65 -27.39
CA THR H 413 -12.05 1.77 -27.51
C THR H 413 -12.62 0.92 -28.62
N LEU H 414 -11.79 0.31 -29.46
CA LEU H 414 -12.29 -0.75 -30.33
C LEU H 414 -12.14 -2.11 -29.69
N LEU H 415 -11.10 -2.32 -28.88
CA LEU H 415 -10.94 -3.62 -28.23
C LEU H 415 -12.00 -3.83 -27.16
N ASP H 416 -12.49 -2.77 -26.53
CA ASP H 416 -13.56 -2.97 -25.55
C ASP H 416 -14.86 -3.34 -26.24
N GLY H 417 -15.20 -2.68 -27.35
CA GLY H 417 -16.28 -3.08 -28.20
C GLY H 417 -17.56 -2.31 -28.04
N LYS H 418 -17.72 -1.55 -26.96
CA LYS H 418 -18.97 -0.85 -26.73
C LYS H 418 -19.29 0.14 -27.84
N CYS H 419 -18.25 0.71 -28.47
CA CYS H 419 -18.48 1.73 -29.49
C CYS H 419 -19.18 1.14 -30.70
N ILE H 420 -18.63 0.06 -31.26
CA ILE H 420 -19.25 -0.52 -32.45
C ILE H 420 -20.60 -1.15 -32.10
N THR H 421 -20.69 -1.78 -30.93
CA THR H 421 -21.98 -2.30 -30.47
C THR H 421 -23.02 -1.18 -30.45
N CYS H 422 -22.61 0.02 -30.07
CA CYS H 422 -23.54 1.14 -30.03
C CYS H 422 -23.86 1.65 -31.42
N ALA H 423 -22.89 1.63 -32.33
CA ALA H 423 -23.05 2.26 -33.62
C ALA H 423 -23.80 1.35 -34.60
N PHE H 424 -23.20 0.22 -34.96
CA PHE H 424 -23.80 -0.63 -35.98
C PHE H 424 -24.68 -1.71 -35.37
N CYS H 425 -25.58 -1.30 -34.50
CA CYS H 425 -26.55 -2.24 -33.95
C CYS H 425 -27.81 -2.29 -34.78
N THR H 426 -28.18 -1.18 -35.42
CA THR H 426 -29.39 -1.10 -36.21
C THR H 426 -29.20 -1.59 -37.63
N SER H 427 -28.19 -2.41 -37.88
CA SER H 427 -27.92 -2.86 -39.24
C SER H 427 -27.60 -4.34 -39.37
N LEU H 428 -27.33 -5.07 -38.30
CA LEU H 428 -26.89 -6.45 -38.44
C LEU H 428 -27.99 -7.30 -39.09
N PRO H 429 -27.63 -8.24 -39.94
CA PRO H 429 -28.66 -9.01 -40.65
C PRO H 429 -29.36 -10.00 -39.73
N VAL H 430 -30.61 -9.70 -39.38
CA VAL H 430 -31.37 -10.57 -38.50
C VAL H 430 -31.94 -11.74 -39.27
N GLU H 431 -32.09 -11.60 -40.58
CA GLU H 431 -32.77 -12.60 -41.38
C GLU H 431 -32.05 -13.93 -41.40
N ALA H 432 -30.73 -13.91 -41.63
CA ALA H 432 -30.01 -15.15 -41.87
C ALA H 432 -29.01 -15.50 -40.78
N LEU H 433 -28.11 -14.58 -40.46
CA LEU H 433 -26.98 -14.90 -39.61
C LEU H 433 -27.43 -15.36 -38.22
N GLY H 434 -27.98 -14.45 -37.44
CA GLY H 434 -28.38 -14.78 -36.08
C GLY H 434 -29.89 -14.75 -35.94
N PRO H 442 -43.33 -4.97 -39.33
CA PRO H 442 -43.16 -3.54 -39.54
C PRO H 442 -41.68 -3.16 -39.52
N GLN H 443 -41.15 -2.74 -40.67
CA GLN H 443 -39.73 -2.43 -40.78
C GLN H 443 -39.30 -1.36 -39.78
N GLY H 444 -40.12 -0.34 -39.60
CA GLY H 444 -39.78 0.70 -38.64
C GLY H 444 -39.68 0.18 -37.23
N GLU H 445 -40.64 -0.64 -36.82
CA GLU H 445 -40.56 -1.27 -35.50
C GLU H 445 -39.35 -2.18 -35.40
N VAL H 446 -39.00 -2.87 -36.48
CA VAL H 446 -37.79 -3.69 -36.48
C VAL H 446 -36.58 -2.82 -36.19
N LYS H 447 -36.46 -1.70 -36.90
CA LYS H 447 -35.37 -0.78 -36.62
C LYS H 447 -35.38 -0.32 -35.18
N ARG H 448 -36.57 -0.05 -34.64
CA ARG H 448 -36.65 0.41 -33.26
C ARG H 448 -36.10 -0.62 -32.30
N VAL H 449 -36.54 -1.87 -32.44
CA VAL H 449 -36.07 -2.91 -31.52
C VAL H 449 -34.58 -3.13 -31.68
N LEU H 450 -34.13 -3.40 -32.91
CA LEU H 450 -32.71 -3.63 -33.12
C LEU H 450 -31.88 -2.45 -32.62
N ALA H 451 -32.44 -1.24 -32.68
CA ALA H 451 -31.75 -0.11 -32.08
C ALA H 451 -31.71 -0.26 -30.57
N ARG H 452 -32.76 -0.78 -29.98
CA ARG H 452 -32.76 -0.97 -28.54
C ARG H 452 -31.83 -2.09 -28.10
N ILE H 453 -31.35 -2.91 -29.03
CA ILE H 453 -30.53 -4.09 -28.71
C ILE H 453 -29.44 -3.83 -27.68
N PRO H 454 -28.52 -2.89 -27.89
CA PRO H 454 -27.30 -2.89 -27.09
C PRO H 454 -27.51 -2.32 -25.70
N CYS H 455 -26.69 -2.83 -24.78
CA CYS H 455 -26.47 -2.26 -23.45
C CYS H 455 -27.75 -1.92 -22.71
N LYS H 456 -28.81 -2.70 -22.88
CA LYS H 456 -30.06 -2.38 -22.22
C LYS H 456 -30.72 -3.67 -21.72
N GLU H 457 -31.48 -3.53 -20.66
CA GLU H 457 -32.39 -4.57 -20.17
C GLU H 457 -33.82 -4.17 -20.49
N ILE H 458 -33.99 -3.42 -21.57
CA ILE H 458 -35.30 -2.96 -22.01
C ILE H 458 -35.55 -3.54 -23.40
N TYR H 459 -34.72 -4.49 -23.79
CA TYR H 459 -34.79 -5.14 -25.08
C TYR H 459 -36.05 -6.00 -25.14
N ASP H 460 -36.71 -5.98 -26.29
CA ASP H 460 -37.94 -6.76 -26.45
C ASP H 460 -37.70 -8.24 -26.15
N GLY H 461 -36.55 -8.76 -26.57
CA GLY H 461 -36.18 -10.10 -26.19
C GLY H 461 -36.04 -11.09 -27.33
N GLN H 462 -36.91 -12.10 -27.32
CA GLN H 462 -36.71 -13.27 -28.18
C GLN H 462 -36.79 -12.91 -29.66
N GLU H 463 -37.49 -11.84 -30.00
CA GLU H 463 -37.94 -11.72 -31.37
C GLU H 463 -36.82 -11.30 -32.32
N LEU H 464 -36.63 -12.15 -33.33
CA LEU H 464 -35.77 -11.92 -34.50
C LEU H 464 -34.30 -12.02 -34.08
N ILE H 465 -33.97 -11.97 -32.79
CA ILE H 465 -32.61 -12.14 -32.28
C ILE H 465 -32.76 -12.47 -30.81
N ALA H 466 -31.77 -13.14 -30.22
CA ALA H 466 -31.60 -13.22 -28.78
C ALA H 466 -30.98 -11.92 -28.30
N ASN H 467 -30.49 -11.93 -27.05
CA ASN H 467 -29.76 -10.76 -26.57
C ASN H 467 -28.25 -10.98 -26.64
N GLU H 468 -27.76 -12.04 -26.00
CA GLU H 468 -26.32 -12.25 -25.94
C GLU H 468 -25.72 -12.55 -27.30
N VAL H 469 -26.52 -13.03 -28.26
CA VAL H 469 -25.99 -13.36 -29.56
C VAL H 469 -25.64 -12.10 -30.35
N ALA H 470 -26.57 -11.14 -30.37
CA ALA H 470 -26.30 -9.89 -31.08
C ALA H 470 -25.23 -9.06 -30.38
N VAL H 471 -24.99 -9.31 -29.10
CA VAL H 471 -23.88 -8.65 -28.43
C VAL H 471 -22.56 -9.30 -28.80
N ARG H 472 -22.53 -10.64 -28.78
CA ARG H 472 -21.29 -11.34 -29.07
C ARG H 472 -20.86 -11.13 -30.52
N TYR H 473 -21.81 -11.16 -31.44
CA TYR H 473 -21.48 -10.98 -32.86
C TYR H 473 -20.84 -9.61 -33.09
N LEU H 474 -21.47 -8.56 -32.57
CA LEU H 474 -20.96 -7.22 -32.78
C LEU H 474 -19.63 -7.02 -32.05
N ARG H 475 -19.48 -7.59 -30.86
CA ARG H 475 -18.22 -7.43 -30.16
C ARG H 475 -17.08 -8.17 -30.86
N CYS H 476 -17.39 -9.32 -31.47
CA CYS H 476 -16.38 -9.99 -32.27
C CYS H 476 -15.96 -9.14 -33.46
N ILE H 477 -16.95 -8.57 -34.17
CA ILE H 477 -16.61 -7.69 -35.28
C ILE H 477 -15.75 -6.53 -34.80
N SER H 478 -16.10 -5.96 -33.65
CA SER H 478 -15.36 -4.81 -33.14
C SER H 478 -13.92 -5.19 -32.81
N GLN H 479 -13.73 -6.31 -32.13
CA GLN H 479 -12.37 -6.70 -31.76
C GLN H 479 -11.55 -7.07 -32.98
N ALA H 480 -12.18 -7.63 -34.01
CA ALA H 480 -11.45 -7.90 -35.24
C ALA H 480 -10.99 -6.60 -35.89
N LEU H 481 -11.88 -5.62 -35.99
CA LEU H 481 -11.47 -4.32 -36.51
C LEU H 481 -10.35 -3.72 -35.66
N GLY H 482 -10.43 -3.90 -34.35
CA GLY H 482 -9.42 -3.33 -33.47
C GLY H 482 -8.05 -3.93 -33.71
N TRP H 483 -7.98 -5.27 -33.79
CA TRP H 483 -6.70 -5.91 -34.05
C TRP H 483 -6.16 -5.51 -35.41
N CYS H 484 -7.02 -5.50 -36.44
CA CYS H 484 -6.56 -5.08 -37.76
C CYS H 484 -6.01 -3.66 -37.72
N PHE H 485 -6.68 -2.76 -37.00
CA PHE H 485 -6.22 -1.38 -36.94
C PHE H 485 -4.90 -1.27 -36.21
N VAL H 486 -4.74 -2.00 -35.10
CA VAL H 486 -3.48 -1.93 -34.37
C VAL H 486 -2.34 -2.45 -35.23
N LEU H 487 -2.59 -3.52 -35.97
CA LEU H 487 -1.58 -4.03 -36.88
C LEU H 487 -1.23 -2.99 -37.94
N LEU H 488 -2.24 -2.30 -38.47
CA LEU H 488 -2.01 -1.29 -39.51
C LEU H 488 -1.16 -0.15 -38.96
N MET H 489 -1.52 0.38 -37.79
CA MET H 489 -0.77 1.48 -37.22
C MET H 489 0.65 1.04 -36.89
N THR H 490 0.82 -0.19 -36.41
CA THR H 490 2.17 -0.64 -36.05
C THR H 490 3.03 -0.84 -37.28
N THR H 491 2.46 -1.36 -38.37
CA THR H 491 3.28 -1.53 -39.57
C THR H 491 3.62 -0.18 -40.19
N LEU H 492 2.71 0.81 -40.09
CA LEU H 492 3.09 2.15 -40.52
C LEU H 492 4.23 2.70 -39.66
N ALA H 493 4.14 2.51 -38.34
CA ALA H 493 5.19 3.00 -37.47
C ALA H 493 6.52 2.32 -37.76
N PHE H 494 6.49 1.04 -38.11
CA PHE H 494 7.73 0.33 -38.45
C PHE H 494 8.28 0.75 -39.80
N LEU H 495 7.39 1.07 -40.75
CA LEU H 495 7.83 1.49 -42.06
C LEU H 495 8.32 2.93 -42.08
N VAL H 496 7.93 3.73 -41.09
CA VAL H 496 8.39 5.12 -41.04
C VAL H 496 9.75 5.24 -40.38
N ARG H 497 9.99 4.49 -39.30
CA ARG H 497 11.23 4.62 -38.55
C ARG H 497 12.40 3.88 -39.19
N SER H 498 12.31 3.54 -40.47
CA SER H 498 13.44 2.90 -41.13
C SER H 498 13.71 3.51 -42.51
N LEU H 499 12.75 4.25 -43.04
CA LEU H 499 12.78 4.60 -44.44
C LEU H 499 12.98 6.11 -44.67
N ARG H 500 12.80 6.51 -45.93
CA ARG H 500 13.05 7.77 -46.62
C ARG H 500 12.45 9.08 -46.07
N PRO H 501 11.31 9.08 -45.34
CA PRO H 501 10.63 10.37 -45.12
C PRO H 501 11.42 11.38 -44.30
N CYS H 502 12.32 12.10 -44.99
CA CYS H 502 13.08 13.21 -44.41
C CYS H 502 13.97 12.74 -43.27
N PHE H 503 14.94 11.88 -43.62
CA PHE H 503 15.95 11.41 -42.69
C PHE H 503 17.36 11.71 -43.17
N THR H 504 17.51 12.50 -44.23
CA THR H 504 18.82 12.90 -44.70
C THR H 504 19.57 13.62 -43.59
N GLN H 505 20.82 13.18 -43.35
CA GLN H 505 21.52 13.58 -42.13
C GLN H 505 21.68 15.09 -42.00
N ALA H 506 21.77 15.80 -43.13
CA ALA H 506 22.00 17.24 -43.07
C ALA H 506 20.85 17.94 -42.35
N VAL H 507 19.62 17.66 -42.77
CA VAL H 507 18.47 18.31 -42.16
C VAL H 507 18.34 17.88 -40.70
N PHE H 508 18.64 16.62 -40.41
CA PHE H 508 18.57 16.15 -39.03
C PHE H 508 19.53 16.92 -38.14
N LEU H 509 20.77 17.09 -38.60
CA LEU H 509 21.74 17.85 -37.82
C LEU H 509 21.30 19.29 -37.65
N LYS H 510 20.83 19.92 -38.73
CA LYS H 510 20.36 21.29 -38.62
C LYS H 510 19.24 21.41 -37.59
N SER H 511 18.33 20.44 -37.58
CA SER H 511 17.22 20.47 -36.64
C SER H 511 17.71 20.34 -35.21
N ARG H 512 18.60 19.38 -34.95
CA ARG H 512 19.12 19.21 -33.60
C ARG H 512 19.86 20.47 -33.14
N TYR H 513 20.62 21.07 -34.04
CA TYR H 513 21.33 22.31 -33.71
C TYR H 513 20.36 23.40 -33.33
N TRP H 514 19.31 23.57 -34.13
CA TRP H 514 18.31 24.60 -33.87
C TRP H 514 17.64 24.37 -32.53
N SER H 515 17.28 23.11 -32.25
CA SER H 515 16.58 22.79 -31.01
C SER H 515 17.46 22.97 -29.80
N HIS H 516 18.76 22.74 -29.93
CA HIS H 516 19.65 23.02 -28.80
C HIS H 516 19.84 24.53 -28.63
N TYR H 517 19.95 25.26 -29.74
CA TYR H 517 20.23 26.68 -29.66
C TYR H 517 19.09 27.44 -29.03
N ILE H 518 17.85 27.05 -29.32
CA ILE H 518 16.71 27.78 -28.76
C ILE H 518 16.70 27.66 -27.24
N ASP H 519 16.89 26.44 -26.73
CA ASP H 519 16.87 26.25 -25.29
C ASP H 519 18.05 26.94 -24.62
N ILE H 520 19.23 26.84 -25.23
CA ILE H 520 20.40 27.50 -24.64
C ILE H 520 20.19 29.00 -24.60
N GLU H 521 19.60 29.56 -25.66
CA GLU H 521 19.34 31.00 -25.69
C GLU H 521 18.39 31.39 -24.56
N ARG H 522 17.29 30.67 -24.40
CA ARG H 522 16.34 30.99 -23.33
C ARG H 522 17.03 30.92 -21.97
N LYS H 523 17.78 29.84 -21.72
CA LYS H 523 18.41 29.68 -20.42
C LYS H 523 19.41 30.80 -20.15
N LEU H 524 20.27 31.11 -21.11
CA LEU H 524 21.30 32.11 -20.86
C LEU H 524 20.70 33.50 -20.72
N PHE H 525 19.65 33.80 -21.49
CA PHE H 525 18.96 35.08 -21.30
C PHE H 525 18.40 35.17 -19.90
N ASP H 526 17.76 34.10 -19.42
CA ASP H 526 17.27 34.11 -18.05
C ASP H 526 18.41 34.36 -17.07
N GLU H 527 19.56 33.74 -17.30
CA GLU H 527 20.70 33.91 -16.40
C GLU H 527 21.14 35.37 -16.32
N THR H 528 21.47 35.95 -17.48
CA THR H 528 21.98 37.32 -17.48
C THR H 528 20.92 38.30 -16.99
N CYS H 529 19.65 38.03 -17.26
CA CYS H 529 18.58 38.89 -16.78
C CYS H 529 18.51 38.85 -15.26
N ALA H 530 18.57 37.65 -14.68
CA ALA H 530 18.60 37.53 -13.23
C ALA H 530 19.78 38.28 -12.64
N GLU H 531 20.94 38.21 -13.29
CA GLU H 531 22.13 38.88 -12.74
C GLU H 531 21.96 40.40 -12.75
N HIS H 532 21.60 40.96 -13.91
CA HIS H 532 21.39 42.40 -13.97
C HIS H 532 20.33 42.85 -12.98
N ALA H 533 19.27 42.05 -12.82
CA ALA H 533 18.23 42.39 -11.87
C ALA H 533 18.75 42.35 -10.44
N LYS H 534 19.61 41.39 -10.12
CA LYS H 534 20.17 41.33 -8.78
C LYS H 534 20.99 42.58 -8.49
N SER H 535 21.79 43.01 -9.45
CA SER H 535 22.56 44.25 -9.27
C SER H 535 21.62 45.43 -9.02
N PHE H 536 20.61 45.58 -9.88
CA PHE H 536 19.68 46.69 -9.72
C PHE H 536 18.99 46.65 -8.36
N ALA H 537 18.60 45.46 -7.91
CA ALA H 537 17.87 45.36 -6.65
C ALA H 537 18.78 45.67 -5.47
N LYS H 538 20.04 45.24 -5.52
CA LYS H 538 20.97 45.62 -4.49
C LYS H 538 21.16 47.13 -4.45
N VAL H 539 21.14 47.77 -5.62
CA VAL H 539 21.21 49.22 -5.64
C VAL H 539 20.00 49.83 -4.95
N CYS H 540 18.82 49.28 -5.23
CA CYS H 540 17.60 49.93 -4.75
C CYS H 540 17.34 49.70 -3.26
N ILE H 541 17.66 48.51 -2.76
CA ILE H 541 17.19 48.11 -1.43
C ILE H 541 17.87 48.93 -0.34
N GLN H 542 19.17 49.15 -0.46
CA GLN H 542 19.96 49.61 0.67
C GLN H 542 19.76 51.07 1.02
N GLN H 543 18.68 51.69 0.54
CA GLN H 543 18.36 53.03 1.01
C GLN H 543 17.77 53.02 2.42
N PHE H 544 17.38 51.85 2.91
CA PHE H 544 16.81 51.72 4.24
C PHE H 544 17.74 50.95 5.18
#